data_9K7E
#
_entry.id   9K7E
#
_cell.length_a   104.830
_cell.length_b   157.190
_cell.length_c   181.650
_cell.angle_alpha   90.00
_cell.angle_beta   90.00
_cell.angle_gamma   90.00
#
_symmetry.space_group_name_H-M   'P 21 21 21'
#
loop_
_entity.id
_entity.type
_entity.pdbx_description
1 polymer 'Detyrosinated tubulin alpha-1B chain'
2 polymer 'Tubulin beta-2B chain'
3 polymer Stathmin-4
4 polymer 'Tubulin--tyrosine ligase'
5 non-polymer "GUANOSINE-5'-TRIPHOSPHATE"
6 non-polymer 'CALCIUM ION'
7 non-polymer 'MAGNESIUM ION'
8 non-polymer (4~{R})-5-(4-hydroxyphenyl)-3-(4-methylphenyl)-4-phenyl-2,4-dihydropyrrolo[3,4-c]pyrazol-6-one
9 non-polymer "GUANOSINE-5'-DIPHOSPHATE"
10 non-polymer '2-(N-MORPHOLINO)-ETHANESULFONIC ACID'
11 non-polymer 'PHOSPHOMETHYLPHOSPHONIC ACID ADENYLATE ESTER'
12 water water
#
loop_
_entity_poly.entity_id
_entity_poly.type
_entity_poly.pdbx_seq_one_letter_code
_entity_poly.pdbx_strand_id
1 'polypeptide(L)'
;MRECISIHVGQAGVQIGNACWELYCLEHGIQPDGQMPSDKTIGGGDDSFNTFFSETGAGKHVPRAVFVDLEPTVIDEVRT
GTYRQLFHPEQLITGKEDAANNYARGHYTIGKEIIDLVLDRIRKLADQCTGLQGFLVFHSFGGGTGSGFTSLLMERLSVD
YGKKSKLEFSIYPAPQVSTAVVEPYNSILTTHTTLEHSDCAFMVDNEAIYDICRRNLDIERPTYTNLNRLISQIVSSITA
SLRFDGALNVDLTEFQTNLVPYPRIHFPLATYAPVISAEKAYHEQLSVAEITNACFEPANQMVKCDPRHGKYMACCLLYR
GDVVPKDVNAAIATIKTKRSIQFVDWCPTGFKVGINYQPPTVVPGGDLAKVQRAVCMLSNTTAIAEAWARLDHKFDLMYA
KRAFVHWYVGEGMEEGEFSEAREDMAALEKDYEEVGVDSV
;
A,C
2 'polypeptide(L)'
;MREIVHIQAGQCGNQIGAKFWEVISDEHGIDPTGSYHGDSDLQLERINVYYNEATGNKYVPRAILVDLEPGTMDSVRSGP
FGQIFRPDNFVFGQSGAGNNWAKGHYTEGAELVDSVLDVVRKESESCDCLQGFQLTHSLGGGTGSGMGTLLISKIREEYP
DRIMNTFSVMPSPKVSDTVVEPYNATLSVHQLVENTDETYCIDNEALYDICFRTLKLTTPTYGDLNHLVSATMSGVTTCL
RFPGQLNADLRKLAVNMVPFPRLHFFMPGFAPLTSRGSQQYRALTVPELTQQMFDSKNMMAACDPRHGRYLTVAAIFRGR
MSMKEVDEQMLNVQNKNSSYFVEWIPNNVKTAVCDIPPRGLKMSATFIGNSTAIQELFKRISEQFTAMFRRKAFLHWYTG
EGMDEMEFTEAESNMNDLVSEYQQYQDATAD
;
B,D
3 'polypeptide(L)'
;MADMEVIELNKCTSGQSFEVILKPPSFDGVPEFNASLPRRRDPSLEEIQKKLEAAEERRKYQEAELLKHLAEKREHEREV
IQKAIEENNNFIKMAKEKLAQKMESNKENREAHLAAMLERLQEKDKHAEEVRKNKELKEEASR
;
E
4 'polypeptide(L)'
;MYTFVVRDENSSVYAEVSRLLLATGQWKRLRKDNPRFNLMLGERNRLPFGRLGHEPGLVQLVNYYRGADKLCRKASLVKL
IKTSPELSESCTWFPESYVIYPTNLKTPVAPAQNGIRHLINNTRTDEREVFLAAYNRRREGREGNVWIAKSSAGAKGEGI
LISSEASELLDFIDEQGQVHVIQKYLEKPLLLEPGHRKFDIRSWVLVDHLYNIYLYREGVLRTSSEPYNSANFQDKTCHL
TNHCIQKEYSKNYGRYEEGNEMFFEEFNQYLMDALNTTLENSILLQIKHIIRSCLMCIEPAISTKHLHYQSFQLFGFDFM
VDEELKVWLIEVNGAPACAQKLYAELCQGIVDVAISSVFPLADTGQKTSQPTSIFIKLHH
;
F
#
loop_
_chem_comp.id
_chem_comp.type
_chem_comp.name
_chem_comp.formula
A1EE1 non-polymer (4~{R})-5-(4-hydroxyphenyl)-3-(4-methylphenyl)-4-phenyl-2,4-dihydropyrrolo[3,4-c]pyrazol-6-one 'C24 H19 N3 O2'
ACP non-polymer 'PHOSPHOMETHYLPHOSPHONIC ACID ADENYLATE ESTER' 'C11 H18 N5 O12 P3'
CA non-polymer 'CALCIUM ION' 'Ca 2'
GDP RNA linking GUANOSINE-5'-DIPHOSPHATE 'C10 H15 N5 O11 P2'
GTP non-polymer GUANOSINE-5'-TRIPHOSPHATE 'C10 H16 N5 O14 P3'
MES non-polymer '2-(N-MORPHOLINO)-ETHANESULFONIC ACID' 'C6 H13 N O4 S'
MG non-polymer 'MAGNESIUM ION' 'Mg 2'
#
# COMPACT_ATOMS: atom_id res chain seq x y z
N MET A 1 -24.02 45.62 53.10
CA MET A 1 -24.11 44.49 52.17
C MET A 1 -22.77 44.14 51.49
N ARG A 2 -22.59 42.86 51.16
CA ARG A 2 -21.33 42.32 50.68
C ARG A 2 -21.56 41.54 49.37
N GLU A 3 -20.88 41.95 48.30
CA GLU A 3 -21.17 41.43 46.96
C GLU A 3 -20.45 40.10 46.70
N CYS A 4 -21.07 39.28 45.84
CA CYS A 4 -20.50 38.03 45.35
C CYS A 4 -20.39 38.09 43.83
N ILE A 5 -19.31 37.54 43.28
CA ILE A 5 -19.08 37.52 41.84
C ILE A 5 -19.10 36.07 41.38
N SER A 6 -19.95 35.78 40.41
CA SER A 6 -20.07 34.44 39.83
C SER A 6 -19.22 34.37 38.57
N ILE A 7 -18.38 33.32 38.48
CA ILE A 7 -17.53 33.07 37.33
C ILE A 7 -17.89 31.71 36.76
N HIS A 8 -18.27 31.68 35.49
CA HIS A 8 -18.65 30.46 34.79
C HIS A 8 -17.62 30.18 33.70
N VAL A 9 -17.11 28.94 33.66
CA VAL A 9 -15.93 28.59 32.87
C VAL A 9 -16.20 27.33 32.07
N GLY A 10 -15.99 27.41 30.75
CA GLY A 10 -16.26 26.30 29.86
C GLY A 10 -17.74 26.08 29.59
N GLN A 11 -18.01 25.06 28.76
CA GLN A 11 -19.38 24.73 28.40
C GLN A 11 -20.25 24.47 29.63
N ALA A 12 -19.97 23.40 30.38
CA ALA A 12 -20.78 23.08 31.56
C ALA A 12 -20.99 24.30 32.46
N GLY A 13 -19.92 25.05 32.72
CA GLY A 13 -20.05 26.21 33.62
C GLY A 13 -20.98 27.28 33.07
N VAL A 14 -20.77 27.67 31.81
CA VAL A 14 -21.60 28.70 31.16
C VAL A 14 -23.07 28.28 31.10
N GLN A 15 -23.33 27.06 30.65
CA GLN A 15 -24.72 26.61 30.49
C GLN A 15 -25.42 26.50 31.84
N ILE A 16 -24.71 26.02 32.87
CA ILE A 16 -25.30 25.99 34.21
C ILE A 16 -25.51 27.40 34.72
N GLY A 17 -24.56 28.32 34.45
CA GLY A 17 -24.73 29.70 34.87
C GLY A 17 -25.96 30.35 34.25
N ASN A 18 -26.23 30.04 32.98
CA ASN A 18 -27.43 30.55 32.34
C ASN A 18 -28.70 30.03 33.00
N ALA A 19 -28.74 28.74 33.28
CA ALA A 19 -29.87 28.18 34.01
C ALA A 19 -30.05 28.92 35.34
N CYS A 20 -28.95 29.16 36.07
CA CYS A 20 -29.05 29.79 37.38
C CYS A 20 -29.54 31.23 37.28
N TRP A 21 -28.96 32.02 36.37
CA TRP A 21 -29.35 33.43 36.33
C TRP A 21 -30.77 33.59 35.82
N GLU A 22 -31.19 32.76 34.86
CA GLU A 22 -32.61 32.68 34.53
C GLU A 22 -33.43 32.48 35.81
N LEU A 23 -33.05 31.49 36.64
CA LEU A 23 -33.80 31.19 37.85
C LEU A 23 -33.77 32.36 38.83
N TYR A 24 -32.58 32.90 39.11
CA TYR A 24 -32.50 34.09 39.97
C TYR A 24 -33.46 35.20 39.52
N CYS A 25 -33.54 35.48 38.22
CA CYS A 25 -34.40 36.56 37.77
C CYS A 25 -35.87 36.26 38.06
N LEU A 26 -36.32 35.03 37.80
CA LEU A 26 -37.69 34.68 38.15
C LEU A 26 -37.93 34.79 39.65
N GLU A 27 -36.94 34.41 40.48
CA GLU A 27 -37.10 34.42 41.93
C GLU A 27 -37.10 35.84 42.50
N HIS A 28 -36.36 36.78 41.88
CA HIS A 28 -36.34 38.16 42.32
C HIS A 28 -37.23 39.09 41.48
N GLY A 29 -37.94 38.56 40.50
CA GLY A 29 -38.81 39.39 39.68
C GLY A 29 -38.09 40.34 38.76
N ILE A 30 -36.95 39.92 38.22
CA ILE A 30 -36.18 40.70 37.26
C ILE A 30 -36.45 40.13 35.88
N GLN A 31 -36.87 40.99 34.96
CA GLN A 31 -37.22 40.58 33.61
C GLN A 31 -35.98 40.47 32.73
N PRO A 32 -36.13 39.88 31.55
CA PRO A 32 -34.96 39.66 30.68
C PRO A 32 -34.18 40.92 30.33
N ASP A 33 -34.81 42.10 30.38
CA ASP A 33 -34.10 43.35 30.15
C ASP A 33 -33.42 43.89 31.41
N GLY A 34 -33.54 43.18 32.53
CA GLY A 34 -32.91 43.63 33.75
C GLY A 34 -33.70 44.65 34.55
N GLN A 35 -34.85 45.09 34.05
CA GLN A 35 -35.72 45.94 34.85
C GLN A 35 -36.34 45.12 35.98
N MET A 36 -36.39 45.70 37.17
CA MET A 36 -36.94 45.03 38.36
C MET A 36 -37.99 45.93 39.00
N PRO A 37 -39.23 45.90 38.50
CA PRO A 37 -40.25 46.79 39.06
C PRO A 37 -40.30 46.79 40.59
N SER A 38 -39.86 45.72 41.24
CA SER A 38 -39.94 45.64 42.70
C SER A 38 -38.92 46.55 43.38
N ASP A 39 -37.73 46.75 42.79
CA ASP A 39 -36.74 47.62 43.42
C ASP A 39 -37.22 49.06 43.31
N LYS A 40 -37.67 49.62 44.44
CA LYS A 40 -38.02 51.03 44.50
C LYS A 40 -36.80 51.91 44.74
N THR A 41 -35.69 51.35 45.23
CA THR A 41 -34.42 52.08 45.32
C THR A 41 -33.73 51.96 43.95
N ILE A 42 -33.95 52.97 43.12
CA ILE A 42 -33.59 52.94 41.70
C ILE A 42 -32.14 53.34 41.54
N GLY A 43 -31.41 52.56 40.74
CA GLY A 43 -29.99 52.82 40.57
C GLY A 43 -29.14 52.55 41.79
N GLY A 44 -29.68 51.85 42.80
CA GLY A 44 -28.90 51.60 44.00
C GLY A 44 -29.60 50.68 44.98
N GLY A 45 -28.95 50.51 46.11
CA GLY A 45 -29.46 49.71 47.21
C GLY A 45 -28.39 48.83 47.82
N ASP A 46 -28.51 48.60 49.14
CA ASP A 46 -27.76 47.55 49.83
C ASP A 46 -28.70 46.43 50.29
N ASP A 47 -29.70 46.12 49.45
CA ASP A 47 -30.58 44.97 49.63
C ASP A 47 -29.80 43.66 49.39
N SER A 48 -30.33 42.56 49.93
CA SER A 48 -29.51 41.34 49.84
C SER A 48 -29.53 40.72 48.45
N PHE A 49 -30.47 41.10 47.55
CA PHE A 49 -30.33 40.69 46.17
C PHE A 49 -29.24 41.48 45.43
N ASN A 50 -28.88 42.67 45.93
CA ASN A 50 -27.75 43.42 45.35
C ASN A 50 -26.44 42.71 45.56
N THR A 51 -26.44 41.67 46.40
CA THR A 51 -25.31 40.76 46.50
C THR A 51 -24.98 40.15 45.14
N PHE A 52 -25.98 39.90 44.30
CA PHE A 52 -25.75 39.26 43.02
C PHE A 52 -26.00 40.18 41.83
N PHE A 53 -26.71 41.28 42.04
CA PHE A 53 -27.08 42.20 40.97
C PHE A 53 -26.63 43.59 41.35
N SER A 54 -25.85 44.21 40.47
CA SER A 54 -25.65 45.65 40.52
C SER A 54 -26.79 46.34 39.78
N GLU A 55 -26.83 47.67 39.88
CA GLU A 55 -27.89 48.44 39.25
C GLU A 55 -27.29 49.58 38.47
N THR A 56 -27.93 49.89 37.34
CA THR A 56 -27.58 51.05 36.54
C THR A 56 -28.44 52.24 36.96
N GLY A 57 -27.95 53.45 36.63
CA GLY A 57 -28.77 54.62 36.86
C GLY A 57 -30.11 54.54 36.16
N ALA A 58 -30.17 53.78 35.07
CA ALA A 58 -31.40 53.46 34.36
C ALA A 58 -32.20 52.37 35.05
N GLY A 59 -31.76 51.91 36.22
CA GLY A 59 -32.53 50.94 36.97
C GLY A 59 -32.41 49.51 36.50
N LYS A 60 -31.44 49.20 35.64
CA LYS A 60 -31.23 47.83 35.19
C LYS A 60 -30.41 47.05 36.20
N HIS A 61 -30.83 45.82 36.46
CA HIS A 61 -30.20 44.94 37.43
C HIS A 61 -29.35 43.94 36.67
N VAL A 62 -28.04 44.05 36.83
CA VAL A 62 -27.06 43.36 36.00
C VAL A 62 -26.36 42.30 36.85
N PRO A 63 -26.32 41.04 36.42
CA PRO A 63 -25.60 40.03 37.19
C PRO A 63 -24.15 40.41 37.43
N ARG A 64 -23.67 40.11 38.64
CA ARG A 64 -22.23 40.18 38.95
C ARG A 64 -21.58 38.88 38.48
N ALA A 65 -21.50 38.76 37.17
CA ALA A 65 -21.08 37.52 36.54
C ALA A 65 -20.05 37.82 35.46
N VAL A 66 -19.12 36.88 35.29
CA VAL A 66 -18.26 36.80 34.13
C VAL A 66 -18.40 35.40 33.57
N PHE A 67 -18.65 35.30 32.27
CA PHE A 67 -18.62 34.03 31.54
C PHE A 67 -17.34 33.97 30.73
N VAL A 68 -16.69 32.81 30.71
CA VAL A 68 -15.43 32.63 30.00
C VAL A 68 -15.41 31.24 29.39
N ASP A 69 -15.21 31.17 28.07
CA ASP A 69 -15.01 29.92 27.37
C ASP A 69 -13.87 30.09 26.37
N LEU A 70 -13.13 29.01 26.14
CA LEU A 70 -12.01 29.08 25.25
C LEU A 70 -12.42 28.99 23.78
N GLU A 71 -13.71 28.75 23.51
CA GLU A 71 -14.28 28.76 22.18
C GLU A 71 -15.59 29.53 22.22
N PRO A 72 -16.05 30.06 21.09
CA PRO A 72 -17.17 31.03 21.12
C PRO A 72 -18.56 30.44 21.06
N THR A 73 -18.72 29.16 20.71
CA THR A 73 -20.06 28.62 20.45
C THR A 73 -21.04 28.90 21.59
N VAL A 74 -20.63 28.66 22.83
CA VAL A 74 -21.60 28.56 23.92
C VAL A 74 -21.97 29.94 24.46
N ILE A 75 -20.96 30.76 24.77
CA ILE A 75 -21.19 32.12 25.23
C ILE A 75 -21.87 32.96 24.15
N ASP A 76 -21.74 32.56 22.89
CA ASP A 76 -22.43 33.23 21.79
C ASP A 76 -23.94 33.02 21.84
N GLU A 77 -24.39 31.89 22.41
CA GLU A 77 -25.82 31.72 22.59
C GLU A 77 -26.36 32.63 23.68
N VAL A 78 -25.59 32.83 24.76
CA VAL A 78 -25.91 33.86 25.74
C VAL A 78 -25.99 35.23 25.05
N ARG A 79 -25.00 35.55 24.20
CA ARG A 79 -24.95 36.87 23.58
C ARG A 79 -26.15 37.15 22.68
N THR A 80 -26.92 36.13 22.31
CA THR A 80 -28.09 36.32 21.46
C THR A 80 -29.35 35.69 22.07
N GLY A 81 -29.27 35.15 23.28
CA GLY A 81 -30.39 34.52 23.92
C GLY A 81 -31.34 35.51 24.57
N THR A 82 -32.36 34.96 25.22
CA THR A 82 -33.45 35.78 25.72
C THR A 82 -32.98 36.77 26.79
N TYR A 83 -31.91 36.41 27.51
CA TYR A 83 -31.34 37.24 28.55
C TYR A 83 -30.09 37.99 28.07
N ARG A 84 -29.94 38.15 26.75
CA ARG A 84 -28.88 38.99 26.22
C ARG A 84 -28.89 40.39 26.81
N GLN A 85 -30.08 40.91 27.17
CA GLN A 85 -30.15 42.23 27.80
C GLN A 85 -29.34 42.27 29.09
N LEU A 86 -29.40 41.18 29.88
CA LEU A 86 -28.94 41.21 31.26
C LEU A 86 -27.48 41.63 31.36
N PHE A 87 -26.60 40.98 30.59
CA PHE A 87 -25.17 41.05 30.80
C PHE A 87 -24.53 42.17 29.98
N HIS A 88 -23.46 42.71 30.51
CA HIS A 88 -22.68 43.65 29.74
C HIS A 88 -21.69 42.89 28.85
N PRO A 89 -21.62 43.19 27.56
CA PRO A 89 -20.67 42.49 26.67
C PRO A 89 -19.30 42.22 27.28
N GLU A 90 -18.77 43.16 28.08
CA GLU A 90 -17.49 42.96 28.75
C GLU A 90 -17.48 41.75 29.68
N GLN A 91 -18.65 41.23 30.05
CA GLN A 91 -18.74 40.09 30.96
C GLN A 91 -18.63 38.75 30.26
N LEU A 92 -18.75 38.71 28.93
CA LEU A 92 -18.76 37.48 28.14
C LEU A 92 -17.42 37.40 27.40
N ILE A 93 -16.52 36.56 27.90
CA ILE A 93 -15.16 36.42 27.38
C ILE A 93 -15.05 35.13 26.59
N THR A 94 -14.52 35.23 25.37
CA THR A 94 -14.45 34.13 24.41
C THR A 94 -13.06 34.06 23.80
N GLY A 95 -12.58 32.84 23.57
CA GLY A 95 -11.45 32.61 22.70
C GLY A 95 -11.90 32.22 21.30
N LYS A 96 -10.94 31.69 20.54
CA LYS A 96 -11.22 31.14 19.21
C LYS A 96 -11.08 29.63 19.15
N GLU A 97 -10.17 29.06 19.95
CA GLU A 97 -9.82 27.65 19.87
C GLU A 97 -9.86 27.07 21.28
N ASP A 98 -10.64 26.00 21.48
CA ASP A 98 -10.91 25.51 22.83
C ASP A 98 -9.79 24.59 23.30
N ALA A 99 -9.96 24.04 24.51
CA ALA A 99 -8.95 23.22 25.17
C ALA A 99 -8.89 21.78 24.65
N ALA A 100 -9.79 21.37 23.76
CA ALA A 100 -9.74 20.03 23.17
C ALA A 100 -9.76 18.92 24.24
N ASN A 101 -10.54 19.12 25.30
CA ASN A 101 -10.69 18.11 26.36
C ASN A 101 -9.37 17.77 27.03
N ASN A 102 -8.43 18.72 27.01
CA ASN A 102 -7.04 18.51 27.40
C ASN A 102 -6.72 19.48 28.52
N TYR A 103 -6.66 18.98 29.76
CA TYR A 103 -6.36 19.85 30.90
C TYR A 103 -5.14 20.74 30.64
N ALA A 104 -4.04 20.17 30.14
CA ALA A 104 -2.81 20.93 29.93
C ALA A 104 -2.95 21.96 28.81
N ARG A 105 -3.84 21.75 27.85
CA ARG A 105 -4.08 22.77 26.83
C ARG A 105 -4.84 23.97 27.41
N GLY A 106 -5.80 23.72 28.31
CA GLY A 106 -6.53 24.81 28.94
C GLY A 106 -5.72 25.57 29.98
N HIS A 107 -4.86 24.88 30.73
CA HIS A 107 -4.09 25.49 31.80
C HIS A 107 -2.82 26.15 31.29
N TYR A 108 -2.08 25.46 30.42
CA TYR A 108 -0.74 25.89 30.03
C TYR A 108 -0.76 26.68 28.73
N THR A 109 -1.08 26.01 27.61
CA THR A 109 -0.92 26.66 26.32
C THR A 109 -1.92 27.79 26.15
N ILE A 110 -3.22 27.46 26.03
CA ILE A 110 -4.23 28.50 25.80
C ILE A 110 -4.45 29.34 27.06
N GLY A 111 -4.52 28.70 28.23
CA GLY A 111 -4.77 29.45 29.46
C GLY A 111 -3.84 30.63 29.62
N LYS A 112 -2.55 30.44 29.34
CA LYS A 112 -1.56 31.49 29.55
C LYS A 112 -1.83 32.73 28.70
N GLU A 113 -2.63 32.62 27.65
CA GLU A 113 -2.84 33.75 26.76
C GLU A 113 -4.06 34.57 27.12
N ILE A 114 -4.89 34.11 28.04
CA ILE A 114 -6.16 34.79 28.25
C ILE A 114 -6.34 35.08 29.75
N ILE A 115 -5.48 34.52 30.60
CA ILE A 115 -5.65 34.66 32.05
C ILE A 115 -5.54 36.14 32.47
N ASP A 116 -4.67 36.92 31.83
CA ASP A 116 -4.59 38.35 32.19
C ASP A 116 -5.85 39.09 31.77
N LEU A 117 -6.40 38.78 30.60
CA LEU A 117 -7.62 39.46 30.18
C LEU A 117 -8.77 39.16 31.14
N VAL A 118 -8.98 37.87 31.47
CA VAL A 118 -10.10 37.47 32.32
C VAL A 118 -10.00 38.12 33.70
N LEU A 119 -8.82 38.06 34.33
CA LEU A 119 -8.59 38.71 35.62
C LEU A 119 -8.74 40.23 35.53
N ASP A 120 -8.58 40.80 34.34
CA ASP A 120 -8.84 42.22 34.14
C ASP A 120 -10.32 42.49 34.10
N ARG A 121 -11.11 41.58 33.52
CA ARG A 121 -12.56 41.72 33.54
C ARG A 121 -13.12 41.42 34.92
N ILE A 122 -12.56 40.41 35.60
CA ILE A 122 -12.94 40.14 36.98
C ILE A 122 -12.65 41.35 37.86
N ARG A 123 -11.53 42.04 37.60
CA ARG A 123 -11.19 43.20 38.40
C ARG A 123 -12.18 44.35 38.19
N LYS A 124 -12.75 44.45 36.99
CA LYS A 124 -13.72 45.52 36.73
C LYS A 124 -14.98 45.37 37.56
N LEU A 125 -15.44 44.13 37.82
CA LEU A 125 -16.61 43.94 38.69
C LEU A 125 -16.24 44.13 40.15
N ALA A 126 -15.08 43.64 40.57
CA ALA A 126 -14.61 43.86 41.94
C ALA A 126 -14.59 45.34 42.31
N ASP A 127 -14.23 46.20 41.35
CA ASP A 127 -14.17 47.65 41.60
C ASP A 127 -15.54 48.28 41.81
N GLN A 128 -16.63 47.60 41.40
CA GLN A 128 -17.99 48.06 41.68
C GLN A 128 -18.55 47.47 42.97
N CYS A 129 -17.70 46.84 43.78
CA CYS A 129 -18.10 46.16 45.01
C CYS A 129 -17.58 46.94 46.21
N THR A 130 -18.50 47.31 47.10
CA THR A 130 -18.14 48.08 48.29
C THR A 130 -17.40 47.22 49.33
N GLY A 131 -17.78 45.95 49.43
CA GLY A 131 -17.12 44.98 50.31
C GLY A 131 -17.27 43.58 49.73
N LEU A 132 -16.36 43.17 48.87
CA LEU A 132 -16.51 41.91 48.15
C LEU A 132 -16.25 40.72 49.09
N GLN A 133 -17.15 39.72 49.02
CA GLN A 133 -17.02 38.50 49.79
C GLN A 133 -16.12 37.46 49.11
N GLY A 134 -16.20 37.35 47.79
CA GLY A 134 -15.49 36.32 47.07
C GLY A 134 -16.30 35.85 45.89
N PHE A 135 -15.98 34.63 45.44
CA PHE A 135 -16.36 34.14 44.13
C PHE A 135 -17.08 32.80 44.24
N LEU A 136 -18.03 32.59 43.33
CA LEU A 136 -18.62 31.29 43.07
C LEU A 136 -18.23 30.88 41.66
N VAL A 137 -17.48 29.78 41.54
CA VAL A 137 -16.87 29.35 40.27
C VAL A 137 -17.55 28.08 39.81
N PHE A 138 -18.12 28.12 38.60
CA PHE A 138 -18.86 27.02 38.00
C PHE A 138 -18.05 26.42 36.85
N HIS A 139 -17.98 25.10 36.77
CA HIS A 139 -17.11 24.45 35.79
C HIS A 139 -17.29 22.94 35.85
N SER A 140 -16.94 22.26 34.74
CA SER A 140 -16.84 20.81 34.72
C SER A 140 -15.45 20.37 35.18
N PHE A 141 -15.37 19.18 35.79
CA PHE A 141 -14.07 18.52 35.95
C PHE A 141 -13.55 18.00 34.60
N GLY A 142 -14.43 17.69 33.67
CA GLY A 142 -14.10 16.94 32.48
C GLY A 142 -13.55 17.74 31.30
N GLY A 143 -14.07 18.95 31.07
CA GLY A 143 -13.60 19.73 29.94
C GLY A 143 -12.14 20.09 30.06
N GLY A 144 -11.54 20.50 28.94
CA GLY A 144 -10.20 21.05 28.99
C GLY A 144 -10.19 22.44 29.59
N THR A 145 -11.26 23.21 29.33
CA THR A 145 -11.40 24.55 29.88
C THR A 145 -11.87 24.49 31.33
N GLY A 146 -13.01 23.85 31.57
CA GLY A 146 -13.47 23.60 32.92
C GLY A 146 -12.42 23.16 33.91
N SER A 147 -11.60 22.16 33.54
CA SER A 147 -10.57 21.70 34.48
C SER A 147 -9.34 22.59 34.46
N GLY A 148 -8.72 22.76 33.28
CA GLY A 148 -7.44 23.41 33.14
C GLY A 148 -7.46 24.93 33.25
N PHE A 149 -8.44 25.61 32.66
CA PHE A 149 -8.43 27.06 32.84
C PHE A 149 -8.89 27.47 34.24
N THR A 150 -9.83 26.72 34.83
CA THR A 150 -10.33 27.03 36.17
C THR A 150 -9.22 26.92 37.21
N SER A 151 -8.37 25.90 37.10
CA SER A 151 -7.32 25.74 38.10
C SER A 151 -6.29 26.87 37.98
N LEU A 152 -6.04 27.36 36.75
CA LEU A 152 -5.17 28.53 36.61
C LEU A 152 -5.85 29.78 37.17
N LEU A 153 -7.16 29.94 36.93
CA LEU A 153 -7.89 31.07 37.46
C LEU A 153 -7.92 31.05 38.99
N MET A 154 -8.15 29.87 39.60
CA MET A 154 -8.21 29.74 41.06
C MET A 154 -6.88 30.06 41.73
N GLU A 155 -5.75 29.73 41.09
CA GLU A 155 -4.45 30.13 41.62
C GLU A 155 -4.32 31.65 41.63
N ARG A 156 -4.64 32.30 40.49
CA ARG A 156 -4.46 33.75 40.40
C ARG A 156 -5.43 34.47 41.33
N LEU A 157 -6.65 33.96 41.46
CA LEU A 157 -7.59 34.63 42.36
C LEU A 157 -7.07 34.62 43.79
N SER A 158 -6.45 33.51 44.23
CA SER A 158 -5.80 33.48 45.53
C SER A 158 -4.74 34.57 45.63
N VAL A 159 -3.90 34.71 44.60
CA VAL A 159 -2.88 35.75 44.58
C VAL A 159 -3.52 37.13 44.66
N ASP A 160 -4.51 37.40 43.81
CA ASP A 160 -5.07 38.75 43.69
C ASP A 160 -6.06 39.09 44.80
N TYR A 161 -6.84 38.12 45.28
CA TYR A 161 -7.82 38.35 46.33
C TYR A 161 -7.53 37.42 47.51
N GLY A 162 -6.36 37.60 48.10
CA GLY A 162 -5.91 36.67 49.14
C GLY A 162 -6.91 36.49 50.26
N LYS A 163 -7.71 37.52 50.56
CA LYS A 163 -8.62 37.51 51.70
C LYS A 163 -10.05 37.08 51.34
N LYS A 164 -10.30 36.64 50.11
CA LYS A 164 -11.66 36.40 49.66
C LYS A 164 -11.94 34.90 49.59
N SER A 165 -13.17 34.52 49.92
CA SER A 165 -13.59 33.13 49.84
C SER A 165 -13.88 32.74 48.39
N LYS A 166 -13.64 31.47 48.09
CA LYS A 166 -13.93 30.91 46.78
C LYS A 166 -14.75 29.64 46.96
N LEU A 167 -15.93 29.61 46.37
CA LEU A 167 -16.74 28.41 46.35
C LEU A 167 -16.83 27.84 44.94
N GLU A 168 -16.89 26.52 44.84
CA GLU A 168 -17.02 25.80 43.59
C GLU A 168 -18.34 25.06 43.49
N PHE A 169 -18.89 25.07 42.29
CA PHE A 169 -19.88 24.10 41.85
C PHE A 169 -19.25 23.33 40.70
N SER A 170 -19.04 22.03 40.89
CA SER A 170 -18.19 21.22 40.04
C SER A 170 -19.01 20.07 39.45
N ILE A 171 -18.98 19.93 38.13
CA ILE A 171 -19.70 18.84 37.48
C ILE A 171 -18.74 17.68 37.32
N TYR A 172 -19.03 16.59 38.01
CA TYR A 172 -18.22 15.40 38.04
C TYR A 172 -18.60 14.50 36.85
N PRO A 173 -17.63 13.90 36.18
CA PRO A 173 -17.87 13.32 34.85
C PRO A 173 -18.61 11.99 34.94
N ALA A 174 -19.64 11.84 34.13
CA ALA A 174 -20.41 10.61 34.04
C ALA A 174 -20.36 10.08 32.62
N PRO A 175 -20.10 8.78 32.42
CA PRO A 175 -20.01 8.26 31.05
C PRO A 175 -21.28 8.37 30.23
N GLN A 176 -22.45 8.44 30.85
CA GLN A 176 -23.70 8.57 30.11
C GLN A 176 -23.84 9.90 29.37
N VAL A 177 -23.14 10.97 29.77
CA VAL A 177 -23.20 12.20 28.99
C VAL A 177 -21.81 12.77 28.78
N SER A 178 -20.80 11.92 28.90
CA SER A 178 -19.41 12.38 28.86
C SER A 178 -19.00 12.76 27.45
N THR A 179 -18.01 13.65 27.38
CA THR A 179 -17.48 14.20 26.15
C THR A 179 -16.16 13.58 25.73
N ALA A 180 -15.43 12.95 26.67
CA ALA A 180 -14.03 12.60 26.44
C ALA A 180 -13.68 11.38 27.26
N VAL A 181 -12.77 10.56 26.71
CA VAL A 181 -12.27 9.40 27.44
C VAL A 181 -11.26 9.79 28.51
N VAL A 182 -10.69 11.01 28.45
CA VAL A 182 -9.65 11.44 29.39
C VAL A 182 -10.20 12.29 30.54
N GLU A 183 -11.51 12.34 30.75
CA GLU A 183 -12.04 13.16 31.84
C GLU A 183 -11.50 12.75 33.20
N PRO A 184 -11.24 11.47 33.48
CA PRO A 184 -10.59 11.14 34.77
C PRO A 184 -9.26 11.83 34.95
N TYR A 185 -8.45 11.92 33.88
CA TYR A 185 -7.19 12.66 33.95
C TYR A 185 -7.42 14.11 34.35
N ASN A 186 -8.30 14.80 33.61
CA ASN A 186 -8.55 16.22 33.86
C ASN A 186 -9.14 16.44 35.25
N SER A 187 -10.02 15.54 35.69
CA SER A 187 -10.64 15.68 37.00
C SER A 187 -9.57 15.68 38.11
N ILE A 188 -8.67 14.70 38.08
CA ILE A 188 -7.63 14.59 39.09
C ILE A 188 -6.67 15.78 39.00
N LEU A 189 -6.28 16.17 37.77
CA LEU A 189 -5.35 17.29 37.63
C LEU A 189 -5.92 18.59 38.18
N THR A 190 -7.21 18.87 37.92
CA THR A 190 -7.78 20.13 38.37
C THR A 190 -8.08 20.10 39.87
N THR A 191 -8.45 18.93 40.40
CA THR A 191 -8.62 18.83 41.85
C THR A 191 -7.29 19.12 42.56
N HIS A 192 -6.21 18.47 42.10
CA HIS A 192 -4.92 18.61 42.76
C HIS A 192 -4.43 20.05 42.76
N THR A 193 -4.57 20.75 41.64
CA THR A 193 -4.09 22.12 41.55
C THR A 193 -5.04 23.13 42.19
N THR A 194 -6.32 22.75 42.41
CA THR A 194 -7.34 23.64 42.95
C THR A 194 -7.62 23.44 44.44
N LEU A 195 -7.22 22.30 45.00
CA LEU A 195 -7.67 21.91 46.34
C LEU A 195 -7.41 23.01 47.37
N GLU A 196 -6.16 23.43 47.51
CA GLU A 196 -5.79 24.46 48.49
C GLU A 196 -6.28 25.86 48.12
N HIS A 197 -6.97 26.06 46.99
CA HIS A 197 -7.47 27.38 46.63
C HIS A 197 -8.96 27.52 46.79
N SER A 198 -9.64 26.44 47.13
CA SER A 198 -11.09 26.43 47.23
C SER A 198 -11.49 26.17 48.67
N ASP A 199 -12.37 27.00 49.21
CA ASP A 199 -12.82 26.82 50.58
C ASP A 199 -13.99 25.84 50.68
N CYS A 200 -14.76 25.67 49.60
CA CYS A 200 -15.92 24.79 49.68
C CYS A 200 -16.41 24.47 48.28
N ALA A 201 -16.66 23.20 48.01
CA ALA A 201 -16.97 22.78 46.66
C ALA A 201 -18.14 21.80 46.70
N PHE A 202 -19.16 22.11 45.93
CA PHE A 202 -20.31 21.23 45.78
C PHE A 202 -20.15 20.49 44.45
N MET A 203 -19.88 19.19 44.55
CA MET A 203 -19.73 18.30 43.41
C MET A 203 -21.09 17.79 42.96
N VAL A 204 -21.41 17.96 41.69
CA VAL A 204 -22.60 17.35 41.13
C VAL A 204 -22.14 16.28 40.17
N ASP A 205 -22.46 15.03 40.47
CA ASP A 205 -22.18 13.94 39.55
C ASP A 205 -23.29 13.89 38.51
N ASN A 206 -22.91 14.05 37.23
CA ASN A 206 -23.89 14.01 36.13
C ASN A 206 -24.64 12.69 36.09
N GLU A 207 -24.01 11.60 36.56
CA GLU A 207 -24.73 10.34 36.66
C GLU A 207 -25.95 10.47 37.58
N ALA A 208 -25.77 11.12 38.74
CA ALA A 208 -26.87 11.25 39.69
C ALA A 208 -27.98 12.14 39.16
N ILE A 209 -27.62 13.33 38.63
CA ILE A 209 -28.62 14.22 38.04
C ILE A 209 -29.36 13.52 36.91
N TYR A 210 -28.62 12.75 36.11
CA TYR A 210 -29.22 12.05 34.98
C TYR A 210 -30.26 11.05 35.45
N ASP A 211 -29.94 10.29 36.50
CA ASP A 211 -30.88 9.29 36.95
C ASP A 211 -32.06 9.90 37.72
N ILE A 212 -31.88 11.05 38.37
CA ILE A 212 -33.05 11.71 38.96
C ILE A 212 -34.01 12.15 37.85
N CYS A 213 -33.48 12.67 36.73
CA CYS A 213 -34.32 13.09 35.62
C CYS A 213 -35.10 11.93 35.01
N ARG A 214 -34.47 10.74 34.89
CA ARG A 214 -35.16 9.59 34.32
C ARG A 214 -36.20 9.02 35.27
N ARG A 215 -35.83 8.82 36.53
CA ARG A 215 -36.74 8.27 37.55
C ARG A 215 -37.87 9.24 37.86
N ASN A 216 -37.54 10.46 38.26
CA ASN A 216 -38.51 11.33 38.90
C ASN A 216 -39.12 12.36 37.95
N LEU A 217 -38.46 12.69 36.84
CA LEU A 217 -39.05 13.53 35.81
C LEU A 217 -39.57 12.74 34.63
N ASP A 218 -39.24 11.44 34.55
CA ASP A 218 -39.73 10.58 33.48
C ASP A 218 -39.23 11.04 32.11
N ILE A 219 -37.99 11.52 32.06
CA ILE A 219 -37.33 11.90 30.83
C ILE A 219 -36.46 10.72 30.39
N GLU A 220 -36.72 10.22 29.17
CA GLU A 220 -36.06 9.00 28.69
C GLU A 220 -34.56 9.20 28.54
N ARG A 221 -34.15 10.26 27.84
CA ARG A 221 -32.75 10.56 27.59
C ARG A 221 -32.56 12.04 27.93
N PRO A 222 -32.33 12.35 29.21
CA PRO A 222 -32.13 13.76 29.62
C PRO A 222 -31.09 14.50 28.78
N THR A 223 -31.42 15.75 28.45
CA THR A 223 -30.50 16.69 27.80
C THR A 223 -29.81 17.57 28.84
N TYR A 224 -28.75 18.26 28.41
CA TYR A 224 -28.13 19.23 29.29
C TYR A 224 -29.17 20.22 29.82
N THR A 225 -30.18 20.54 29.01
CA THR A 225 -31.20 21.47 29.46
C THR A 225 -32.00 20.89 30.62
N ASN A 226 -32.36 19.60 30.54
CA ASN A 226 -33.02 18.96 31.69
C ASN A 226 -32.09 18.96 32.90
N LEU A 227 -30.82 18.58 32.70
CA LEU A 227 -29.87 18.49 33.80
C LEU A 227 -29.67 19.84 34.45
N ASN A 228 -29.58 20.89 33.65
CA ASN A 228 -29.15 22.18 34.20
C ASN A 228 -30.28 22.86 34.96
N ARG A 229 -31.52 22.71 34.50
CA ARG A 229 -32.64 23.29 35.22
C ARG A 229 -32.81 22.65 36.60
N LEU A 230 -32.54 21.34 36.70
CA LEU A 230 -32.50 20.69 38.00
C LEU A 230 -31.29 21.12 38.81
N ILE A 231 -30.10 21.09 38.21
CA ILE A 231 -28.91 21.61 38.90
C ILE A 231 -29.14 23.03 39.39
N SER A 232 -29.76 23.88 38.56
CA SER A 232 -29.87 25.28 38.97
C SER A 232 -30.83 25.42 40.14
N GLN A 233 -31.86 24.57 40.23
CA GLN A 233 -32.67 24.50 41.44
C GLN A 233 -31.80 24.24 42.67
N ILE A 234 -30.87 23.28 42.56
CA ILE A 234 -30.05 22.95 43.73
C ILE A 234 -29.13 24.13 44.06
N VAL A 235 -28.47 24.69 43.04
CA VAL A 235 -27.64 25.86 43.27
C VAL A 235 -28.45 26.97 43.93
N SER A 236 -29.69 27.16 43.47
CA SER A 236 -30.53 28.20 44.04
C SER A 236 -30.85 27.93 45.51
N SER A 237 -31.13 26.68 45.88
CA SER A 237 -31.26 26.37 47.31
C SER A 237 -30.01 26.77 48.07
N ILE A 238 -28.86 26.51 47.48
CA ILE A 238 -27.61 26.74 48.20
C ILE A 238 -27.30 28.23 48.29
N THR A 239 -27.63 29.03 47.26
CA THR A 239 -27.29 30.46 47.29
C THR A 239 -28.41 31.33 47.84
N ALA A 240 -29.60 30.77 48.15
CA ALA A 240 -30.73 31.60 48.53
C ALA A 240 -30.41 32.47 49.75
N SER A 241 -29.60 31.96 50.68
CA SER A 241 -29.26 32.69 51.88
C SER A 241 -28.34 33.88 51.62
N LEU A 242 -27.67 33.92 50.48
CA LEU A 242 -26.86 35.09 50.14
C LEU A 242 -27.68 36.16 49.47
N ARG A 243 -28.85 35.81 48.93
CA ARG A 243 -29.66 36.71 48.12
C ARG A 243 -30.95 37.11 48.82
N PHE A 244 -31.24 36.57 50.01
CA PHE A 244 -32.49 36.83 50.72
C PHE A 244 -32.20 37.13 52.20
N ASP A 245 -33.12 37.88 52.82
CA ASP A 245 -33.08 38.07 54.27
C ASP A 245 -33.08 36.73 55.00
N GLY A 246 -32.32 36.66 56.09
CA GLY A 246 -32.12 35.42 56.81
C GLY A 246 -30.94 35.53 57.74
N ALA A 247 -30.69 34.43 58.47
CA ALA A 247 -29.65 34.40 59.50
C ALA A 247 -28.74 33.19 59.38
N LEU A 248 -28.96 32.31 58.41
CA LEU A 248 -28.11 31.14 58.18
C LEU A 248 -27.39 31.26 56.83
N ASN A 249 -26.11 30.92 56.81
CA ASN A 249 -25.25 31.03 55.63
C ASN A 249 -25.46 32.38 54.94
N VAL A 250 -25.11 33.44 55.67
CA VAL A 250 -25.38 34.79 55.19
C VAL A 250 -24.22 35.38 54.37
N ASP A 251 -22.98 34.91 54.59
CA ASP A 251 -21.84 35.24 53.75
C ASP A 251 -21.06 33.96 53.42
N LEU A 252 -20.23 34.02 52.37
CA LEU A 252 -19.49 32.84 51.91
C LEU A 252 -18.64 32.23 53.03
N THR A 253 -18.13 33.08 53.93
CA THR A 253 -17.34 32.61 55.07
C THR A 253 -18.11 31.60 55.91
N GLU A 254 -19.42 31.79 56.03
CA GLU A 254 -20.23 30.94 56.89
C GLU A 254 -20.38 29.53 56.32
N PHE A 255 -20.27 29.36 54.98
CA PHE A 255 -20.26 28.02 54.39
C PHE A 255 -19.09 27.19 54.92
N GLN A 256 -17.88 27.76 54.93
CA GLN A 256 -16.73 27.07 55.53
C GLN A 256 -16.97 26.79 57.02
N THR A 257 -17.31 27.83 57.78
CA THR A 257 -17.57 27.68 59.22
C THR A 257 -18.58 26.57 59.49
N ASN A 258 -19.64 26.47 58.68
CA ASN A 258 -20.72 25.53 58.98
C ASN A 258 -20.53 24.15 58.37
N LEU A 259 -19.81 24.04 57.25
CA LEU A 259 -19.73 22.76 56.53
C LEU A 259 -18.32 22.18 56.44
N VAL A 260 -17.27 22.95 56.71
CA VAL A 260 -15.91 22.44 56.54
C VAL A 260 -15.07 22.67 57.79
N PRO A 261 -15.06 21.74 58.75
CA PRO A 261 -14.10 21.88 59.87
C PRO A 261 -12.66 21.54 59.49
N TYR A 262 -12.45 20.52 58.64
CA TYR A 262 -11.09 20.29 58.18
C TYR A 262 -10.96 20.79 56.74
N PRO A 263 -9.94 21.60 56.44
CA PRO A 263 -9.96 22.37 55.18
C PRO A 263 -9.84 21.56 53.90
N ARG A 264 -9.04 20.49 53.85
CA ARG A 264 -8.96 19.70 52.61
C ARG A 264 -10.28 19.01 52.30
N ILE A 265 -11.01 18.66 53.35
CA ILE A 265 -12.23 17.86 53.24
C ILE A 265 -13.40 18.79 53.06
N HIS A 266 -13.41 19.55 51.96
CA HIS A 266 -14.40 20.62 51.81
C HIS A 266 -15.40 20.33 50.69
N PHE A 267 -15.95 19.10 50.63
CA PHE A 267 -16.85 18.69 49.55
C PHE A 267 -18.16 18.19 50.14
N PRO A 268 -19.09 19.09 50.50
CA PRO A 268 -20.36 18.64 51.08
C PRO A 268 -21.22 17.94 50.06
N LEU A 269 -21.89 16.87 50.48
CA LEU A 269 -22.93 16.22 49.70
C LEU A 269 -24.21 17.05 49.74
N ALA A 270 -24.78 17.33 48.57
CA ALA A 270 -26.09 17.96 48.43
C ALA A 270 -27.14 16.88 48.16
N THR A 271 -28.28 16.99 48.84
CA THR A 271 -29.41 16.09 48.62
C THR A 271 -30.65 16.95 48.51
N TYR A 272 -31.50 16.69 47.52
CA TYR A 272 -32.62 17.58 47.22
C TYR A 272 -33.93 16.81 47.14
N ALA A 273 -35.00 17.33 47.75
CA ALA A 273 -36.32 16.75 47.58
C ALA A 273 -37.38 17.82 47.73
N PRO A 274 -38.55 17.66 47.07
CA PRO A 274 -38.92 16.58 46.15
C PRO A 274 -38.72 17.00 44.69
N VAL A 275 -38.40 16.06 43.80
CA VAL A 275 -38.32 16.31 42.36
C VAL A 275 -39.58 15.71 41.73
N ILE A 276 -40.47 16.56 41.21
CA ILE A 276 -41.80 16.12 40.79
C ILE A 276 -41.99 16.48 39.33
N SER A 277 -42.34 15.49 38.52
CA SER A 277 -42.61 15.72 37.11
C SER A 277 -43.78 16.68 36.93
N ALA A 278 -43.65 17.63 35.99
CA ALA A 278 -44.69 18.60 35.70
C ALA A 278 -45.81 18.03 34.82
N GLU A 279 -45.60 16.86 34.23
CA GLU A 279 -46.68 16.16 33.53
C GLU A 279 -47.53 15.33 34.47
N LYS A 280 -47.01 15.01 35.67
CA LYS A 280 -47.76 14.28 36.67
C LYS A 280 -48.96 15.11 37.13
N ALA A 281 -50.15 14.79 36.60
CA ALA A 281 -51.37 15.56 36.87
C ALA A 281 -51.72 15.61 38.35
N TYR A 282 -52.03 14.44 38.92
CA TYR A 282 -52.37 14.31 40.34
C TYR A 282 -51.09 14.02 41.11
N HIS A 283 -50.63 15.00 41.89
CA HIS A 283 -49.50 14.84 42.80
C HIS A 283 -49.95 15.19 44.20
N GLU A 284 -49.96 14.20 45.09
CA GLU A 284 -50.19 14.46 46.50
C GLU A 284 -48.99 15.18 47.08
N GLN A 285 -49.22 16.36 47.67
CA GLN A 285 -48.13 17.20 48.13
C GLN A 285 -47.44 16.58 49.34
N LEU A 286 -46.12 16.46 49.25
CA LEU A 286 -45.29 15.85 50.26
C LEU A 286 -45.14 16.75 51.49
N SER A 287 -45.06 16.11 52.66
CA SER A 287 -44.99 16.76 53.96
C SER A 287 -43.55 17.10 54.32
N VAL A 288 -43.40 17.93 55.37
CA VAL A 288 -42.07 18.21 55.92
C VAL A 288 -41.36 16.91 56.27
N ALA A 289 -42.04 16.01 56.98
CA ALA A 289 -41.43 14.74 57.34
C ALA A 289 -40.97 13.97 56.09
N GLU A 290 -41.83 13.89 55.07
CA GLU A 290 -41.50 13.09 53.89
C GLU A 290 -40.31 13.66 53.11
N ILE A 291 -40.30 14.97 52.84
CA ILE A 291 -39.20 15.56 52.09
C ILE A 291 -37.90 15.50 52.89
N THR A 292 -37.97 15.62 54.21
CA THR A 292 -36.75 15.51 55.02
C THR A 292 -36.24 14.07 55.04
N ASN A 293 -37.14 13.10 55.22
CA ASN A 293 -36.70 11.71 55.15
C ASN A 293 -36.04 11.41 53.83
N ALA A 294 -36.53 12.01 52.73
CA ALA A 294 -35.99 11.78 51.40
C ALA A 294 -34.57 12.28 51.24
N CYS A 295 -34.15 13.25 52.07
CA CYS A 295 -32.79 13.74 52.18
C CYS A 295 -31.79 12.67 52.63
N PHE A 296 -32.23 11.50 53.08
CA PHE A 296 -31.35 10.43 53.49
C PHE A 296 -31.48 9.22 52.58
N GLU A 297 -32.06 9.42 51.40
CA GLU A 297 -32.12 8.39 50.38
C GLU A 297 -31.07 8.66 49.31
N PRO A 298 -30.14 7.74 49.08
CA PRO A 298 -29.08 8.00 48.09
C PRO A 298 -29.62 8.37 46.72
N ALA A 299 -30.81 7.90 46.35
CA ALA A 299 -31.39 8.21 45.05
C ALA A 299 -31.70 9.69 44.86
N ASN A 300 -31.64 10.49 45.92
CA ASN A 300 -31.90 11.91 45.80
C ASN A 300 -30.65 12.77 45.92
N GLN A 301 -29.48 12.15 46.11
CA GLN A 301 -28.23 12.87 46.29
C GLN A 301 -27.63 13.34 44.97
N MET A 302 -26.84 14.43 45.05
CA MET A 302 -26.06 14.93 43.90
C MET A 302 -24.91 14.01 43.53
N VAL A 303 -24.53 13.11 44.44
CA VAL A 303 -23.54 12.08 44.18
C VAL A 303 -24.03 10.79 44.81
N LYS A 304 -24.19 9.74 44.02
CA LYS A 304 -24.55 8.46 44.60
C LYS A 304 -23.38 7.93 45.42
N CYS A 305 -23.68 7.52 46.65
CA CYS A 305 -22.75 7.04 47.67
C CYS A 305 -23.64 6.68 48.87
N ASP A 306 -23.05 6.06 49.89
CA ASP A 306 -23.83 5.52 51.00
C ASP A 306 -23.40 6.17 52.31
N PRO A 307 -24.04 7.27 52.72
CA PRO A 307 -23.65 7.94 53.98
C PRO A 307 -23.77 7.06 55.22
N ARG A 308 -24.52 5.95 55.19
CA ARG A 308 -24.60 5.05 56.34
C ARG A 308 -23.23 4.46 56.69
N HIS A 309 -22.33 4.40 55.73
CA HIS A 309 -20.99 3.84 55.91
C HIS A 309 -19.94 4.93 55.83
N GLY A 310 -20.25 6.08 56.41
CA GLY A 310 -19.29 7.14 56.64
C GLY A 310 -19.69 7.86 57.91
N LYS A 311 -19.11 9.02 58.14
CA LYS A 311 -19.49 9.83 59.28
C LYS A 311 -19.71 11.25 58.82
N TYR A 312 -20.57 11.94 59.55
CA TYR A 312 -20.89 13.33 59.30
C TYR A 312 -19.95 14.23 60.11
N MET A 313 -19.56 15.34 59.49
CA MET A 313 -18.85 16.41 60.18
C MET A 313 -19.72 17.64 60.35
N ALA A 314 -20.86 17.68 59.68
CA ALA A 314 -21.71 18.85 59.66
C ALA A 314 -22.93 18.58 58.79
N CYS A 315 -24.03 19.27 59.05
CA CYS A 315 -25.24 19.03 58.29
C CYS A 315 -26.14 20.26 58.37
N CYS A 316 -26.56 20.79 57.21
CA CYS A 316 -27.48 21.91 57.09
C CYS A 316 -28.74 21.47 56.37
N LEU A 317 -29.90 21.92 56.84
CA LEU A 317 -31.14 21.75 56.11
C LEU A 317 -31.62 23.11 55.61
N LEU A 318 -31.89 23.20 54.31
CA LEU A 318 -32.33 24.43 53.68
C LEU A 318 -33.71 24.19 53.09
N TYR A 319 -34.75 24.74 53.73
CA TYR A 319 -36.12 24.56 53.26
C TYR A 319 -36.59 25.80 52.52
N ARG A 320 -37.39 25.58 51.48
CA ARG A 320 -38.14 26.63 50.81
C ARG A 320 -39.61 26.25 50.85
N GLY A 321 -40.43 27.11 51.46
CA GLY A 321 -41.87 26.96 51.40
C GLY A 321 -42.57 26.90 52.74
N ASP A 322 -43.75 26.27 52.71
CA ASP A 322 -44.56 26.13 53.90
C ASP A 322 -43.88 25.15 54.85
N VAL A 323 -43.00 25.67 55.71
CA VAL A 323 -42.22 24.90 56.67
C VAL A 323 -42.08 25.75 57.93
N VAL A 324 -42.39 25.17 59.09
CA VAL A 324 -42.18 25.89 60.35
C VAL A 324 -41.29 25.01 61.24
N PRO A 325 -40.52 25.61 62.15
CA PRO A 325 -39.54 24.83 62.92
C PRO A 325 -40.09 23.56 63.54
N LYS A 326 -41.32 23.58 64.06
CA LYS A 326 -41.83 22.46 64.85
C LYS A 326 -41.95 21.19 64.01
N ASP A 327 -42.42 21.32 62.75
CA ASP A 327 -42.49 20.15 61.87
C ASP A 327 -41.10 19.60 61.58
N VAL A 328 -40.11 20.49 61.49
CA VAL A 328 -38.75 20.04 61.18
C VAL A 328 -38.18 19.23 62.34
N ASN A 329 -38.36 19.70 63.56
CA ASN A 329 -37.84 18.98 64.72
C ASN A 329 -38.56 17.66 64.93
N ALA A 330 -39.88 17.64 64.70
CA ALA A 330 -40.62 16.37 64.71
C ALA A 330 -40.13 15.42 63.63
N ALA A 331 -39.87 15.93 62.42
CA ALA A 331 -39.35 15.04 61.37
C ALA A 331 -37.94 14.56 61.73
N ILE A 332 -37.10 15.45 62.26
CA ILE A 332 -35.74 15.08 62.67
C ILE A 332 -35.75 14.06 63.81
N ALA A 333 -36.71 14.20 64.73
CA ALA A 333 -36.81 13.29 65.88
C ALA A 333 -36.93 11.83 65.43
N THR A 334 -37.91 11.54 64.58
CA THR A 334 -38.19 10.17 64.18
C THR A 334 -37.23 9.67 63.09
N ILE A 335 -36.56 10.56 62.39
CA ILE A 335 -35.52 10.11 61.46
C ILE A 335 -34.24 9.73 62.20
N LYS A 336 -33.96 10.38 63.35
CA LYS A 336 -32.76 10.03 64.13
C LYS A 336 -32.81 8.58 64.58
N THR A 337 -33.99 8.10 64.97
CA THR A 337 -34.14 6.71 65.38
C THR A 337 -34.02 5.76 64.18
N LYS A 338 -34.77 6.04 63.10
CA LYS A 338 -34.90 5.12 61.98
C LYS A 338 -33.70 5.07 61.04
N ARG A 339 -32.71 5.96 61.18
CA ARG A 339 -31.62 6.04 60.22
C ARG A 339 -30.27 5.85 60.89
N SER A 340 -29.30 5.41 60.09
CA SER A 340 -27.89 5.34 60.47
C SER A 340 -27.26 6.70 60.22
N ILE A 341 -27.15 7.52 61.26
CA ILE A 341 -26.56 8.85 61.19
C ILE A 341 -25.46 8.92 62.25
N GLN A 342 -24.23 8.72 61.83
CA GLN A 342 -23.06 8.75 62.72
C GLN A 342 -22.28 10.03 62.45
N PHE A 343 -22.12 10.85 63.48
CA PHE A 343 -21.20 11.98 63.43
C PHE A 343 -19.85 11.57 64.00
N VAL A 344 -18.81 12.29 63.57
CA VAL A 344 -17.49 12.11 64.16
C VAL A 344 -17.51 12.61 65.59
N ASP A 345 -16.73 11.96 66.45
CA ASP A 345 -16.83 12.21 67.87
C ASP A 345 -16.57 13.67 68.22
N TRP A 346 -15.67 14.34 67.49
CA TRP A 346 -15.29 15.71 67.77
C TRP A 346 -16.20 16.73 67.10
N CYS A 347 -17.46 16.39 66.89
CA CYS A 347 -18.47 17.24 66.30
C CYS A 347 -19.77 16.92 67.00
N PRO A 348 -20.59 17.92 67.31
CA PRO A 348 -21.91 17.63 67.87
C PRO A 348 -22.79 16.99 66.81
N THR A 349 -23.69 16.13 67.28
CA THR A 349 -24.73 15.55 66.43
C THR A 349 -25.87 16.56 66.35
N GLY A 350 -25.99 17.24 65.22
CA GLY A 350 -26.99 18.29 65.11
C GLY A 350 -27.18 18.74 63.68
N PHE A 351 -28.16 19.62 63.50
CA PHE A 351 -28.52 20.16 62.21
C PHE A 351 -28.72 21.67 62.34
N LYS A 352 -28.07 22.42 61.46
CA LYS A 352 -28.41 23.81 61.25
C LYS A 352 -29.52 23.89 60.21
N VAL A 353 -30.60 24.58 60.54
CA VAL A 353 -31.80 24.65 59.72
C VAL A 353 -32.00 26.07 59.23
N GLY A 354 -32.35 26.19 57.95
CA GLY A 354 -32.72 27.46 57.37
C GLY A 354 -34.01 27.29 56.61
N ILE A 355 -34.95 28.20 56.85
CA ILE A 355 -36.27 28.14 56.21
C ILE A 355 -36.48 29.45 55.49
N ASN A 356 -36.73 29.38 54.19
CA ASN A 356 -37.21 30.54 53.45
C ASN A 356 -38.64 30.28 52.96
N TYR A 357 -39.54 31.20 53.29
CA TYR A 357 -40.97 30.98 53.10
C TYR A 357 -41.38 30.98 51.63
N GLN A 358 -40.68 31.71 50.75
CA GLN A 358 -41.02 31.67 49.32
C GLN A 358 -40.78 30.27 48.78
N PRO A 359 -41.82 29.53 48.39
CA PRO A 359 -41.62 28.17 47.87
C PRO A 359 -40.77 28.18 46.61
N PRO A 360 -40.24 27.03 46.21
CA PRO A 360 -39.35 26.98 45.04
C PRO A 360 -40.00 27.63 43.82
N THR A 361 -39.18 28.33 43.05
CA THR A 361 -39.59 28.89 41.79
C THR A 361 -39.18 27.93 40.68
N VAL A 362 -40.10 27.67 39.75
CA VAL A 362 -39.79 26.77 38.66
C VAL A 362 -39.95 27.51 37.33
N VAL A 363 -39.03 27.23 36.41
CA VAL A 363 -39.09 27.85 35.09
C VAL A 363 -40.43 27.51 34.44
N PRO A 364 -41.20 28.49 33.95
CA PRO A 364 -42.43 28.16 33.26
C PRO A 364 -42.16 27.32 32.02
N GLY A 365 -42.89 26.21 31.90
CA GLY A 365 -42.71 25.27 30.81
C GLY A 365 -41.60 24.27 30.99
N GLY A 366 -40.83 24.36 32.08
CA GLY A 366 -39.79 23.38 32.36
C GLY A 366 -40.35 22.04 32.77
N ASP A 367 -39.56 21.23 33.46
CA ASP A 367 -39.96 19.87 33.80
C ASP A 367 -40.39 19.71 35.25
N LEU A 368 -39.93 20.56 36.16
CA LEU A 368 -40.25 20.42 37.58
C LEU A 368 -41.63 20.98 37.86
N ALA A 369 -42.45 20.21 38.57
CA ALA A 369 -43.71 20.76 39.05
C ALA A 369 -43.45 21.74 40.19
N LYS A 370 -44.30 22.75 40.31
CA LYS A 370 -44.34 23.58 41.50
C LYS A 370 -44.76 22.75 42.71
N VAL A 371 -44.12 23.00 43.85
CA VAL A 371 -44.38 22.26 45.06
C VAL A 371 -44.51 23.25 46.22
N GLN A 372 -45.16 22.80 47.29
CA GLN A 372 -45.42 23.71 48.40
C GLN A 372 -44.25 23.82 49.35
N ARG A 373 -43.39 22.80 49.40
CA ARG A 373 -42.23 22.85 50.28
C ARG A 373 -41.15 21.98 49.67
N ALA A 374 -39.91 22.46 49.74
CA ALA A 374 -38.74 21.69 49.30
C ALA A 374 -37.62 21.89 50.31
N VAL A 375 -36.64 21.00 50.25
CA VAL A 375 -35.49 21.06 51.16
C VAL A 375 -34.27 20.65 50.37
N CYS A 376 -33.16 21.39 50.57
CA CYS A 376 -31.84 20.97 50.11
C CYS A 376 -30.99 20.70 51.34
N MET A 377 -30.49 19.48 51.47
CA MET A 377 -29.60 19.13 52.58
C MET A 377 -28.15 19.21 52.11
N LEU A 378 -27.32 19.87 52.91
CA LEU A 378 -25.88 19.97 52.71
C LEU A 378 -25.22 19.26 53.88
N SER A 379 -24.56 18.15 53.60
CA SER A 379 -23.99 17.31 54.65
C SER A 379 -22.56 16.98 54.28
N ASN A 380 -21.63 17.24 55.19
CA ASN A 380 -20.24 16.86 54.94
C ASN A 380 -20.01 15.48 55.53
N THR A 381 -20.16 14.47 54.69
CA THR A 381 -20.01 13.06 55.03
C THR A 381 -18.83 12.46 54.28
N THR A 382 -18.09 11.58 54.97
CA THR A 382 -16.91 10.95 54.39
C THR A 382 -17.28 9.99 53.27
N ALA A 383 -18.56 9.61 53.16
CA ALA A 383 -18.99 8.72 52.09
C ALA A 383 -18.83 9.35 50.69
N ILE A 384 -18.75 10.68 50.59
CA ILE A 384 -18.50 11.29 49.28
C ILE A 384 -17.13 10.87 48.77
N ALA A 385 -16.24 10.35 49.64
CA ALA A 385 -14.97 9.84 49.14
C ALA A 385 -15.14 8.68 48.17
N GLU A 386 -16.30 8.02 48.15
CA GLU A 386 -16.57 6.98 47.16
C GLU A 386 -16.34 7.51 45.75
N ALA A 387 -16.71 8.77 45.50
CA ALA A 387 -16.53 9.36 44.19
C ALA A 387 -15.06 9.57 43.88
N TRP A 388 -14.25 9.97 44.87
CA TRP A 388 -12.81 10.07 44.66
C TRP A 388 -12.22 8.71 44.31
N ALA A 389 -12.68 7.65 44.99
CA ALA A 389 -12.17 6.32 44.71
C ALA A 389 -12.49 5.90 43.29
N ARG A 390 -13.73 6.16 42.82
CA ARG A 390 -14.09 5.80 41.46
C ARG A 390 -13.19 6.49 40.43
N LEU A 391 -13.08 7.81 40.54
CA LEU A 391 -12.25 8.58 39.63
C LEU A 391 -10.81 8.10 39.64
N ASP A 392 -10.21 7.98 40.84
CA ASP A 392 -8.83 7.55 40.99
C ASP A 392 -8.60 6.15 40.43
N HIS A 393 -9.57 5.24 40.58
CA HIS A 393 -9.42 3.93 39.95
C HIS A 393 -9.33 4.02 38.43
N LYS A 394 -10.24 4.79 37.81
CA LYS A 394 -10.23 4.97 36.36
C LYS A 394 -8.92 5.62 35.90
N PHE A 395 -8.44 6.63 36.65
CA PHE A 395 -7.14 7.24 36.38
C PHE A 395 -6.02 6.20 36.43
N ASP A 396 -6.05 5.33 37.45
CA ASP A 396 -4.96 4.35 37.58
C ASP A 396 -4.96 3.37 36.43
N LEU A 397 -6.15 2.95 35.99
CA LEU A 397 -6.27 2.06 34.84
C LEU A 397 -5.56 2.63 33.60
N MET A 398 -5.84 3.89 33.23
CA MET A 398 -5.27 4.46 32.01
C MET A 398 -3.80 4.78 32.19
N TYR A 399 -3.45 5.39 33.33
CA TYR A 399 -2.11 5.90 33.53
C TYR A 399 -1.07 4.80 33.71
N ALA A 400 -1.48 3.59 34.12
CA ALA A 400 -0.51 2.51 34.24
C ALA A 400 0.09 2.14 32.88
N LYS A 401 -0.66 2.33 31.79
CA LYS A 401 -0.14 2.20 30.44
C LYS A 401 0.31 3.54 29.88
N ARG A 402 0.10 4.62 30.60
CA ARG A 402 0.37 5.96 30.12
C ARG A 402 -0.42 6.26 28.86
N ALA A 403 -1.65 5.76 28.80
CA ALA A 403 -2.49 6.00 27.65
C ALA A 403 -2.90 7.47 27.65
N PHE A 404 -2.74 8.13 26.49
CA PHE A 404 -3.11 9.54 26.26
C PHE A 404 -2.18 10.53 26.94
N VAL A 405 -1.18 10.08 27.70
CA VAL A 405 -0.27 11.02 28.36
C VAL A 405 0.44 11.94 27.37
N HIS A 406 0.74 11.45 26.15
CA HIS A 406 1.52 12.25 25.20
C HIS A 406 0.78 13.53 24.82
N TRP A 407 -0.56 13.51 24.85
CA TRP A 407 -1.34 14.71 24.57
C TRP A 407 -1.06 15.82 25.57
N TYR A 408 -0.75 15.45 26.82
CA TYR A 408 -0.53 16.46 27.85
C TYR A 408 0.93 16.91 27.84
N VAL A 409 1.86 15.96 27.74
CA VAL A 409 3.27 16.29 27.61
C VAL A 409 3.50 17.16 26.38
N GLY A 410 2.75 16.92 25.30
CA GLY A 410 2.90 17.72 24.08
C GLY A 410 2.41 19.14 24.24
N GLU A 411 1.61 19.43 25.29
CA GLU A 411 1.25 20.80 25.63
C GLU A 411 2.20 21.43 26.64
N GLY A 412 3.30 20.76 27.01
CA GLY A 412 4.28 21.36 27.90
C GLY A 412 4.21 20.94 29.36
N MET A 413 3.24 20.10 29.73
CA MET A 413 3.14 19.48 31.04
C MET A 413 4.14 18.33 31.16
N GLU A 414 4.63 18.09 32.38
CA GLU A 414 5.57 17.00 32.61
C GLU A 414 4.83 15.80 33.13
N GLU A 415 5.31 14.61 32.74
CA GLU A 415 4.66 13.39 33.20
C GLU A 415 4.49 13.40 34.72
N GLY A 416 5.42 14.03 35.43
CA GLY A 416 5.40 13.95 36.88
C GLY A 416 4.23 14.67 37.53
N GLU A 417 3.67 15.67 36.84
CA GLU A 417 2.49 16.32 37.39
C GLU A 417 1.33 15.34 37.54
N PHE A 418 1.29 14.30 36.69
CA PHE A 418 0.28 13.25 36.81
C PHE A 418 0.36 12.52 38.14
N SER A 419 1.54 11.99 38.47
CA SER A 419 1.71 11.21 39.69
C SER A 419 1.71 12.09 40.94
N GLU A 420 2.07 13.36 40.78
CA GLU A 420 1.90 14.35 41.84
C GLU A 420 0.42 14.56 42.15
N ALA A 421 -0.37 14.82 41.10
CA ALA A 421 -1.80 15.01 41.30
C ALA A 421 -2.46 13.75 41.87
N ARG A 422 -1.99 12.57 41.42
CA ARG A 422 -2.56 11.31 41.91
C ARG A 422 -2.17 11.05 43.36
N GLU A 423 -0.96 11.44 43.75
CA GLU A 423 -0.51 11.23 45.12
C GLU A 423 -1.28 12.12 46.08
N ASP A 424 -1.58 13.34 45.65
CA ASP A 424 -2.43 14.22 46.43
C ASP A 424 -3.81 13.59 46.62
N MET A 425 -4.38 13.04 45.54
CA MET A 425 -5.64 12.30 45.65
C MET A 425 -5.51 11.12 46.60
N ALA A 426 -4.37 10.41 46.55
CA ALA A 426 -4.16 9.31 47.48
C ALA A 426 -4.18 9.80 48.92
N ALA A 427 -3.60 10.97 49.18
CA ALA A 427 -3.65 11.52 50.52
C ALA A 427 -5.07 11.97 50.87
N LEU A 428 -5.80 12.49 49.89
CA LEU A 428 -7.17 12.89 50.14
C LEU A 428 -8.02 11.70 50.57
N GLU A 429 -7.90 10.57 49.85
CA GLU A 429 -8.70 9.40 50.22
C GLU A 429 -8.33 8.88 51.60
N LYS A 430 -7.04 9.02 51.95
CA LYS A 430 -6.56 8.58 53.26
C LYS A 430 -7.05 9.50 54.38
N ASP A 431 -7.17 10.81 54.09
CA ASP A 431 -7.79 11.72 55.06
C ASP A 431 -9.22 11.33 55.35
N TYR A 432 -10.04 11.18 54.30
CA TYR A 432 -11.42 10.76 54.49
C TYR A 432 -11.52 9.47 55.30
N GLU A 433 -10.59 8.55 55.07
CA GLU A 433 -10.68 7.23 55.68
C GLU A 433 -10.32 7.27 57.15
N GLU A 434 -9.39 8.15 57.54
CA GLU A 434 -9.11 8.34 58.96
C GLU A 434 -10.34 8.88 59.68
N VAL A 435 -10.97 9.92 59.11
CA VAL A 435 -12.07 10.59 59.77
C VAL A 435 -13.29 9.69 59.87
N GLY A 436 -13.46 8.75 58.93
CA GLY A 436 -14.69 8.02 58.76
C GLY A 436 -14.76 6.63 59.34
N VAL A 437 -13.72 6.15 60.02
CA VAL A 437 -13.74 4.82 60.63
C VAL A 437 -13.73 4.89 62.16
N ARG B 2 -14.01 26.87 12.21
CA ARG B 2 -13.13 25.70 12.22
C ARG B 2 -13.04 25.09 10.79
N GLU B 3 -12.31 25.79 9.92
CA GLU B 3 -12.17 25.37 8.53
C GLU B 3 -11.24 24.16 8.42
N ILE B 4 -11.64 23.22 7.55
CA ILE B 4 -10.81 22.10 7.12
C ILE B 4 -10.37 22.35 5.68
N VAL B 5 -9.09 22.10 5.39
CA VAL B 5 -8.56 22.19 4.03
C VAL B 5 -8.39 20.78 3.47
N HIS B 6 -9.09 20.51 2.38
CA HIS B 6 -9.10 19.19 1.76
C HIS B 6 -8.14 19.16 0.57
N ILE B 7 -7.37 18.09 0.48
CA ILE B 7 -6.44 17.86 -0.62
C ILE B 7 -6.70 16.47 -1.16
N GLN B 8 -6.66 16.33 -2.48
CA GLN B 8 -6.83 15.03 -3.10
C GLN B 8 -5.78 14.88 -4.20
N ALA B 9 -5.10 13.74 -4.22
CA ALA B 9 -3.82 13.60 -4.91
C ALA B 9 -3.76 12.29 -5.69
N GLY B 10 -3.34 12.36 -6.95
CA GLY B 10 -3.27 11.20 -7.82
C GLY B 10 -4.65 10.68 -8.27
N GLN B 11 -4.62 9.60 -9.05
CA GLN B 11 -5.83 9.04 -9.64
C GLN B 11 -6.84 8.62 -8.57
N CYS B 12 -6.50 7.66 -7.70
CA CYS B 12 -7.44 7.23 -6.65
C CYS B 12 -7.90 8.41 -5.78
N GLY B 13 -6.96 9.22 -5.30
CA GLY B 13 -7.33 10.29 -4.39
C GLY B 13 -8.33 11.26 -4.99
N ASN B 14 -8.19 11.57 -6.28
CA ASN B 14 -9.10 12.49 -6.95
C ASN B 14 -10.42 11.83 -7.31
N GLN B 15 -10.42 10.51 -7.54
CA GLN B 15 -11.67 9.82 -7.82
C GLN B 15 -12.52 9.71 -6.55
N ILE B 16 -11.92 9.30 -5.43
CA ILE B 16 -12.73 9.25 -4.22
C ILE B 16 -12.93 10.66 -3.68
N GLY B 17 -11.95 11.55 -3.91
CA GLY B 17 -12.16 12.95 -3.58
C GLY B 17 -13.41 13.52 -4.22
N ALA B 18 -13.56 13.31 -5.54
CA ALA B 18 -14.70 13.87 -6.25
C ALA B 18 -16.03 13.27 -5.75
N LYS B 19 -16.07 11.97 -5.49
CA LYS B 19 -17.30 11.37 -4.95
C LYS B 19 -17.67 11.98 -3.60
N PHE B 20 -16.69 12.14 -2.70
CA PHE B 20 -16.92 12.79 -1.41
C PHE B 20 -17.64 14.12 -1.58
N TRP B 21 -17.11 14.99 -2.46
CA TRP B 21 -17.73 16.31 -2.61
C TRP B 21 -19.10 16.24 -3.28
N GLU B 22 -19.33 15.23 -4.12
CA GLU B 22 -20.69 14.99 -4.61
C GLU B 22 -21.62 14.64 -3.47
N VAL B 23 -21.21 13.69 -2.65
CA VAL B 23 -22.08 13.16 -1.60
C VAL B 23 -22.39 14.23 -0.57
N ILE B 24 -21.36 14.86 0.01
CA ILE B 24 -21.64 15.83 1.05
C ILE B 24 -22.30 17.08 0.45
N SER B 25 -22.00 17.43 -0.80
CA SER B 25 -22.68 18.56 -1.41
C SER B 25 -24.19 18.33 -1.47
N ASP B 26 -24.60 17.14 -1.92
CA ASP B 26 -26.01 16.78 -1.88
C ASP B 26 -26.57 16.84 -0.46
N GLU B 27 -25.79 16.41 0.54
CA GLU B 27 -26.27 16.47 1.92
C GLU B 27 -26.47 17.90 2.40
N HIS B 28 -25.54 18.80 2.07
CA HIS B 28 -25.69 20.19 2.47
C HIS B 28 -26.59 20.98 1.51
N GLY B 29 -27.16 20.31 0.51
CA GLY B 29 -28.07 20.96 -0.42
C GLY B 29 -27.43 21.97 -1.34
N ILE B 30 -26.15 21.80 -1.68
CA ILE B 30 -25.47 22.66 -2.65
C ILE B 30 -25.54 21.97 -3.99
N ASP B 31 -25.80 22.74 -5.05
CA ASP B 31 -25.93 22.10 -6.35
C ASP B 31 -24.62 22.18 -7.14
N PRO B 32 -24.56 21.62 -8.34
CA PRO B 32 -23.27 21.57 -9.05
C PRO B 32 -22.75 22.92 -9.49
N THR B 33 -23.59 23.98 -9.47
CA THR B 33 -23.13 25.33 -9.74
C THR B 33 -22.76 26.11 -8.47
N GLY B 34 -22.89 25.50 -7.29
CA GLY B 34 -22.52 26.16 -6.04
C GLY B 34 -23.65 26.83 -5.28
N SER B 35 -24.87 26.80 -5.80
CA SER B 35 -26.00 27.46 -5.14
C SER B 35 -26.74 26.51 -4.20
N TYR B 36 -27.10 27.04 -3.03
CA TYR B 36 -27.80 26.24 -2.03
C TYR B 36 -29.29 26.18 -2.33
N HIS B 37 -29.84 24.98 -2.34
CA HIS B 37 -31.26 24.76 -2.60
C HIS B 37 -31.81 23.69 -1.65
N GLY B 38 -31.61 23.92 -0.35
CA GLY B 38 -32.06 23.01 0.68
C GLY B 38 -33.21 23.56 1.50
N ASP B 39 -33.68 22.72 2.43
CA ASP B 39 -34.84 23.02 3.25
C ASP B 39 -34.50 23.27 4.72
N SER B 40 -33.66 22.43 5.31
CA SER B 40 -33.30 22.56 6.72
C SER B 40 -32.15 23.56 6.89
N ASP B 41 -31.96 24.00 8.14
CA ASP B 41 -30.85 24.89 8.42
C ASP B 41 -29.68 24.19 9.12
N LEU B 42 -29.90 22.98 9.64
CA LEU B 42 -28.78 22.13 10.00
C LEU B 42 -27.82 21.98 8.82
N GLN B 43 -28.33 22.17 7.59
CA GLN B 43 -27.50 22.00 6.41
C GLN B 43 -26.47 23.11 6.30
N LEU B 44 -26.80 24.30 6.79
CA LEU B 44 -25.93 25.45 6.59
C LEU B 44 -25.21 25.89 7.85
N GLU B 45 -25.53 25.32 9.01
CA GLU B 45 -24.92 25.79 10.25
C GLU B 45 -23.41 25.54 10.26
N ARG B 46 -22.98 24.40 9.73
CA ARG B 46 -21.56 24.06 9.73
C ARG B 46 -21.01 23.94 8.31
N ILE B 47 -21.64 24.63 7.36
CA ILE B 47 -21.24 24.50 5.96
C ILE B 47 -19.82 24.99 5.75
N ASN B 48 -19.35 25.91 6.59
CA ASN B 48 -18.05 26.53 6.42
C ASN B 48 -16.88 25.62 6.82
N VAL B 49 -17.14 24.52 7.52
CA VAL B 49 -16.08 23.56 7.80
C VAL B 49 -15.41 23.12 6.50
N TYR B 50 -16.22 22.94 5.45
CA TYR B 50 -15.74 22.42 4.17
C TYR B 50 -15.92 23.39 2.99
N TYR B 51 -16.79 24.39 3.09
CA TYR B 51 -17.09 25.26 1.96
C TYR B 51 -16.69 26.69 2.27
N ASN B 52 -16.02 27.33 1.32
CA ASN B 52 -15.85 28.77 1.35
C ASN B 52 -17.06 29.42 0.69
N GLU B 53 -17.42 30.60 1.17
CA GLU B 53 -18.55 31.33 0.60
C GLU B 53 -18.04 32.40 -0.36
N ALA B 54 -18.63 32.44 -1.55
CA ALA B 54 -18.24 33.37 -2.59
C ALA B 54 -19.33 34.43 -2.77
N THR B 55 -18.92 35.60 -3.28
CA THR B 55 -19.90 36.62 -3.63
C THR B 55 -20.94 36.04 -4.58
N GLY B 56 -22.16 36.56 -4.47
CA GLY B 56 -23.30 35.87 -5.06
C GLY B 56 -23.89 34.81 -4.16
N ASN B 57 -23.39 34.71 -2.93
CA ASN B 57 -23.80 33.68 -1.97
C ASN B 57 -23.74 32.29 -2.59
N LYS B 58 -22.58 31.95 -3.16
CA LYS B 58 -22.26 30.62 -3.66
C LYS B 58 -21.29 29.94 -2.70
N TYR B 59 -21.26 28.61 -2.74
CA TYR B 59 -20.43 27.81 -1.86
C TYR B 59 -19.43 27.00 -2.68
N VAL B 60 -18.14 27.20 -2.39
CA VAL B 60 -17.04 26.64 -3.16
C VAL B 60 -16.21 25.76 -2.23
N PRO B 61 -16.08 24.45 -2.52
CA PRO B 61 -15.29 23.57 -1.66
C PRO B 61 -13.89 24.12 -1.39
N ARG B 62 -13.44 23.98 -0.14
CA ARG B 62 -12.07 24.30 0.26
C ARG B 62 -11.20 23.09 -0.05
N ALA B 63 -11.02 22.86 -1.35
CA ALA B 63 -10.47 21.63 -1.88
C ALA B 63 -9.41 21.93 -2.93
N ILE B 64 -8.24 21.31 -2.76
CA ILE B 64 -7.11 21.46 -3.66
C ILE B 64 -6.94 20.15 -4.40
N LEU B 65 -6.94 20.21 -5.73
CA LEU B 65 -6.89 19.03 -6.58
C LEU B 65 -5.50 18.92 -7.20
N VAL B 66 -4.81 17.82 -6.91
CA VAL B 66 -3.39 17.66 -7.24
C VAL B 66 -3.18 16.38 -8.02
N ASP B 67 -2.41 16.48 -9.11
CA ASP B 67 -1.94 15.28 -9.81
C ASP B 67 -0.69 15.62 -10.61
N LEU B 68 0.11 14.59 -10.89
CA LEU B 68 1.28 14.73 -11.74
C LEU B 68 0.97 14.44 -13.21
N GLU B 69 -0.26 14.05 -13.50
CA GLU B 69 -0.85 13.76 -14.81
C GLU B 69 -2.13 14.56 -14.92
N PRO B 70 -2.51 15.02 -16.12
CA PRO B 70 -3.77 15.77 -16.24
C PRO B 70 -5.00 14.89 -16.39
N GLY B 71 -4.83 13.64 -16.80
CA GLY B 71 -5.96 12.73 -17.04
C GLY B 71 -7.16 12.73 -16.12
N THR B 72 -7.01 12.23 -14.88
CA THR B 72 -8.13 12.14 -13.95
C THR B 72 -8.71 13.52 -13.63
N MET B 73 -7.89 14.57 -13.66
CA MET B 73 -8.40 15.87 -13.23
C MET B 73 -9.26 16.53 -14.30
N ASP B 74 -8.95 16.32 -15.58
CA ASP B 74 -9.92 16.67 -16.61
C ASP B 74 -11.20 15.88 -16.44
N SER B 75 -11.11 14.65 -15.93
CA SER B 75 -12.31 13.88 -15.64
C SER B 75 -13.13 14.52 -14.53
N VAL B 76 -12.48 14.95 -13.46
CA VAL B 76 -13.19 15.66 -12.42
C VAL B 76 -13.86 16.91 -12.99
N ARG B 77 -13.10 17.70 -13.74
CA ARG B 77 -13.63 18.96 -14.24
C ARG B 77 -14.81 18.76 -15.18
N SER B 78 -14.91 17.58 -15.80
CA SER B 78 -16.05 17.23 -16.65
C SER B 78 -17.19 16.61 -15.86
N GLY B 79 -16.86 15.94 -14.75
CA GLY B 79 -17.85 15.27 -13.94
C GLY B 79 -18.99 16.18 -13.55
N PRO B 80 -19.98 15.62 -12.88
CA PRO B 80 -21.21 16.38 -12.58
C PRO B 80 -20.95 17.63 -11.74
N PHE B 81 -20.30 17.44 -10.60
CA PHE B 81 -19.92 18.52 -9.69
C PHE B 81 -18.55 19.10 -10.00
N GLY B 82 -18.00 18.84 -11.19
CA GLY B 82 -16.65 19.30 -11.50
C GLY B 82 -16.54 20.81 -11.59
N GLN B 83 -17.64 21.48 -11.88
CA GLN B 83 -17.62 22.93 -12.00
C GLN B 83 -17.68 23.63 -10.65
N ILE B 84 -17.97 22.91 -9.57
CA ILE B 84 -18.07 23.58 -8.27
C ILE B 84 -16.69 23.92 -7.73
N PHE B 85 -15.65 23.21 -8.16
CA PHE B 85 -14.31 23.44 -7.63
C PHE B 85 -13.70 24.72 -8.19
N ARG B 86 -13.04 25.45 -7.31
CA ARG B 86 -12.31 26.66 -7.68
C ARG B 86 -11.20 26.32 -8.68
N PRO B 87 -11.23 26.88 -9.90
CA PRO B 87 -10.30 26.40 -10.95
C PRO B 87 -8.84 26.67 -10.63
N ASP B 88 -8.51 27.78 -9.98
CA ASP B 88 -7.14 27.97 -9.52
C ASP B 88 -6.63 26.81 -8.67
N ASN B 89 -7.51 25.96 -8.13
CA ASN B 89 -7.12 24.89 -7.23
C ASN B 89 -6.85 23.56 -7.94
N PHE B 90 -6.79 23.56 -9.26
CA PHE B 90 -6.32 22.40 -10.01
C PHE B 90 -4.82 22.61 -10.23
N VAL B 91 -4.01 21.86 -9.51
CA VAL B 91 -2.55 21.95 -9.60
C VAL B 91 -2.04 20.61 -10.11
N PHE B 92 -1.48 20.61 -11.33
CA PHE B 92 -1.14 19.36 -12.00
C PHE B 92 0.07 19.56 -12.89
N GLY B 93 0.90 18.51 -12.99
CA GLY B 93 1.94 18.42 -13.98
C GLY B 93 1.51 17.55 -15.15
N GLN B 94 2.50 17.18 -15.98
CA GLN B 94 2.24 16.48 -17.23
C GLN B 94 2.95 15.13 -17.35
N SER B 95 3.97 14.88 -16.56
CA SER B 95 4.77 13.67 -16.74
C SER B 95 4.13 12.43 -16.16
N GLY B 96 3.27 12.57 -15.16
CA GLY B 96 2.85 11.42 -14.39
C GLY B 96 3.97 10.93 -13.48
N ALA B 97 3.64 9.89 -12.72
CA ALA B 97 4.52 9.32 -11.69
C ALA B 97 4.77 7.84 -11.88
N GLY B 98 4.19 7.22 -12.90
CA GLY B 98 4.48 5.83 -13.21
C GLY B 98 4.35 4.85 -12.06
N ASN B 99 3.32 5.02 -11.22
CA ASN B 99 3.09 4.11 -10.08
C ASN B 99 4.37 3.91 -9.26
N ASN B 100 5.12 4.98 -9.08
CA ASN B 100 6.46 4.89 -8.54
C ASN B 100 6.57 5.91 -7.40
N TRP B 101 6.65 5.41 -6.16
CA TRP B 101 6.71 6.30 -5.00
C TRP B 101 7.87 7.28 -5.11
N ALA B 102 9.02 6.85 -5.64
CA ALA B 102 10.18 7.75 -5.72
C ALA B 102 9.90 8.94 -6.65
N LYS B 103 9.25 8.69 -7.78
CA LYS B 103 8.88 9.82 -8.65
C LYS B 103 7.97 10.82 -7.96
N GLY B 104 6.97 10.34 -7.20
CA GLY B 104 6.03 11.24 -6.55
C GLY B 104 6.65 12.03 -5.43
N HIS B 105 7.60 11.41 -4.72
CA HIS B 105 8.17 11.98 -3.51
C HIS B 105 9.46 12.76 -3.74
N TYR B 106 10.26 12.40 -4.77
CA TYR B 106 11.61 12.94 -4.91
C TYR B 106 11.91 13.64 -6.24
N THR B 107 11.36 13.19 -7.36
CA THR B 107 11.75 13.74 -8.64
C THR B 107 10.54 14.50 -9.20
N GLU B 108 9.63 13.84 -9.88
CA GLU B 108 8.46 14.53 -10.44
C GLU B 108 7.71 15.35 -9.38
N GLY B 109 7.36 14.73 -8.26
CA GLY B 109 6.54 15.41 -7.26
C GLY B 109 7.20 16.65 -6.69
N ALA B 110 8.52 16.60 -6.48
CA ALA B 110 9.21 17.74 -5.91
C ALA B 110 9.12 18.95 -6.84
N GLU B 111 9.14 18.73 -8.17
CA GLU B 111 8.95 19.82 -9.13
C GLU B 111 7.63 20.56 -8.88
N LEU B 112 6.57 19.83 -8.51
CA LEU B 112 5.24 20.41 -8.42
C LEU B 112 4.82 20.83 -7.01
N VAL B 113 5.52 20.37 -5.96
CA VAL B 113 4.96 20.50 -4.62
C VAL B 113 4.84 21.97 -4.20
N ASP B 114 5.78 22.84 -4.60
CA ASP B 114 5.72 24.22 -4.13
C ASP B 114 4.47 24.94 -4.64
N SER B 115 4.08 24.70 -5.89
CA SER B 115 2.87 25.34 -6.37
C SER B 115 1.62 24.77 -5.71
N VAL B 116 1.67 23.50 -5.26
CA VAL B 116 0.56 23.00 -4.44
C VAL B 116 0.54 23.72 -3.10
N LEU B 117 1.72 23.91 -2.48
CA LEU B 117 1.77 24.63 -1.21
C LEU B 117 1.33 26.07 -1.35
N ASP B 118 1.48 26.66 -2.54
CA ASP B 118 0.98 28.02 -2.74
C ASP B 118 -0.54 28.04 -2.63
N VAL B 119 -1.21 27.09 -3.27
CA VAL B 119 -2.67 27.04 -3.15
C VAL B 119 -3.08 26.74 -1.71
N VAL B 120 -2.40 25.80 -1.06
CA VAL B 120 -2.72 25.49 0.33
C VAL B 120 -2.61 26.74 1.19
N ARG B 121 -1.57 27.54 0.97
CA ARG B 121 -1.37 28.76 1.73
C ARG B 121 -2.49 29.77 1.47
N LYS B 122 -2.87 29.97 0.20
CA LYS B 122 -3.95 30.92 -0.07
C LYS B 122 -5.28 30.46 0.57
N GLU B 123 -5.51 29.15 0.64
CA GLU B 123 -6.71 28.64 1.32
C GLU B 123 -6.65 28.86 2.83
N SER B 124 -5.50 28.55 3.47
CA SER B 124 -5.37 28.70 4.91
C SER B 124 -5.59 30.14 5.35
N GLU B 125 -5.04 31.10 4.59
CA GLU B 125 -5.08 32.51 4.98
C GLU B 125 -6.47 33.12 4.92
N SER B 126 -7.46 32.37 4.42
CA SER B 126 -8.85 32.79 4.47
C SER B 126 -9.64 32.01 5.52
N CYS B 127 -8.98 31.56 6.59
CA CYS B 127 -9.60 30.71 7.59
C CYS B 127 -9.58 31.42 8.94
N ASP B 128 -10.77 31.56 9.53
CA ASP B 128 -10.87 32.12 10.88
C ASP B 128 -10.08 31.28 11.89
N CYS B 129 -10.32 29.97 11.91
CA CYS B 129 -9.66 29.05 12.84
C CYS B 129 -9.50 27.73 12.11
N LEU B 130 -8.35 27.56 11.47
CA LEU B 130 -8.09 26.37 10.67
C LEU B 130 -7.85 25.17 11.58
N GLN B 131 -8.70 24.14 11.45
CA GLN B 131 -8.49 22.90 12.19
C GLN B 131 -7.27 22.15 11.68
N GLY B 132 -7.14 22.06 10.38
CA GLY B 132 -6.11 21.26 9.75
C GLY B 132 -6.60 20.76 8.40
N PHE B 133 -6.12 19.58 8.04
CA PHE B 133 -6.12 19.14 6.66
C PHE B 133 -6.63 17.72 6.59
N GLN B 134 -7.33 17.41 5.49
CA GLN B 134 -7.63 16.04 5.18
C GLN B 134 -7.16 15.76 3.77
N LEU B 135 -6.49 14.63 3.61
CA LEU B 135 -5.94 14.22 2.33
C LEU B 135 -6.62 12.91 1.95
N THR B 136 -7.09 12.83 0.71
CA THR B 136 -7.53 11.58 0.13
C THR B 136 -6.47 11.16 -0.87
N HIS B 137 -6.11 9.88 -0.86
CA HIS B 137 -5.04 9.37 -1.70
C HIS B 137 -4.95 7.86 -1.55
N SER B 138 -4.32 7.22 -2.51
CA SER B 138 -3.96 5.83 -2.33
C SER B 138 -2.49 5.69 -1.99
N LEU B 139 -2.16 4.55 -1.42
CA LEU B 139 -0.79 4.26 -1.08
C LEU B 139 -0.09 3.40 -2.13
N GLY B 140 -0.78 3.00 -3.20
CA GLY B 140 -0.25 1.99 -4.11
C GLY B 140 0.33 2.53 -5.40
N GLY B 141 -0.03 3.76 -5.78
CA GLY B 141 0.51 4.37 -6.98
C GLY B 141 1.70 5.26 -6.68
N GLY B 142 1.88 6.34 -7.43
CA GLY B 142 3.04 7.16 -7.18
C GLY B 142 2.71 8.55 -6.73
N THR B 143 1.63 9.12 -7.27
CA THR B 143 1.31 10.50 -6.96
C THR B 143 0.71 10.60 -5.55
N GLY B 144 -0.49 10.03 -5.35
CA GLY B 144 -1.11 10.09 -4.03
C GLY B 144 -0.21 9.52 -2.94
N SER B 145 0.53 8.47 -3.28
CA SER B 145 1.45 7.84 -2.35
C SER B 145 2.68 8.71 -2.07
N GLY B 146 3.54 8.89 -3.08
CA GLY B 146 4.82 9.54 -2.88
C GLY B 146 4.68 11.04 -2.72
N MET B 147 3.96 11.66 -3.65
CA MET B 147 3.76 13.10 -3.56
C MET B 147 2.78 13.45 -2.46
N GLY B 148 1.77 12.61 -2.22
CA GLY B 148 0.87 12.86 -1.12
C GLY B 148 1.58 12.89 0.22
N THR B 149 2.51 11.95 0.46
CA THR B 149 3.26 12.01 1.70
C THR B 149 4.32 13.12 1.69
N LEU B 150 4.80 13.52 0.52
CA LEU B 150 5.65 14.71 0.48
C LEU B 150 4.88 15.96 0.93
N LEU B 151 3.65 16.13 0.42
CA LEU B 151 2.82 17.25 0.82
C LEU B 151 2.62 17.28 2.33
N ILE B 152 2.24 16.14 2.90
CA ILE B 152 2.02 16.05 4.34
C ILE B 152 3.26 16.47 5.11
N SER B 153 4.44 16.03 4.67
CA SER B 153 5.67 16.37 5.36
C SER B 153 5.93 17.88 5.29
N LYS B 154 5.55 18.51 4.18
CA LYS B 154 5.77 19.94 4.04
C LYS B 154 4.67 20.75 4.73
N ILE B 155 3.43 20.26 4.69
CA ILE B 155 2.34 20.95 5.38
C ILE B 155 2.61 20.98 6.89
N ARG B 156 3.10 19.87 7.42
CA ARG B 156 3.42 19.81 8.83
C ARG B 156 4.55 20.76 9.20
N GLU B 157 5.50 20.99 8.28
CA GLU B 157 6.57 21.96 8.53
C GLU B 157 6.03 23.39 8.58
N GLU B 158 5.09 23.72 7.68
CA GLU B 158 4.47 25.04 7.68
C GLU B 158 3.40 25.23 8.76
N TYR B 159 2.68 24.18 9.12
CA TYR B 159 1.58 24.26 10.10
C TYR B 159 1.77 23.16 11.14
N PRO B 160 2.82 23.25 11.95
CA PRO B 160 3.13 22.13 12.84
C PRO B 160 2.06 21.86 13.90
N ASP B 161 1.20 22.84 14.19
CA ASP B 161 0.17 22.73 15.23
C ASP B 161 -1.24 22.59 14.67
N ARG B 162 -1.40 22.16 13.43
CA ARG B 162 -2.72 21.82 12.91
C ARG B 162 -2.81 20.31 12.78
N ILE B 163 -4.04 19.81 12.75
CA ILE B 163 -4.27 18.37 12.69
C ILE B 163 -4.12 17.91 11.24
N MET B 164 -3.45 16.76 11.05
CA MET B 164 -3.25 16.14 9.76
C MET B 164 -4.05 14.83 9.71
N ASN B 165 -5.05 14.79 8.84
CA ASN B 165 -6.00 13.68 8.72
C ASN B 165 -5.94 13.13 7.28
N THR B 166 -5.94 11.79 7.13
CA THR B 166 -5.94 11.21 5.79
C THR B 166 -6.94 10.08 5.68
N PHE B 167 -7.45 9.90 4.47
CA PHE B 167 -8.14 8.70 4.01
C PHE B 167 -7.20 8.01 3.04
N SER B 168 -6.66 6.86 3.45
CA SER B 168 -5.58 6.21 2.71
C SER B 168 -6.07 4.86 2.21
N VAL B 169 -6.09 4.68 0.89
CA VAL B 169 -6.55 3.43 0.28
C VAL B 169 -5.38 2.47 0.20
N MET B 170 -5.50 1.32 0.88
CA MET B 170 -4.39 0.36 0.89
C MET B 170 -4.51 -0.53 -0.32
N PRO B 171 -3.37 -0.92 -0.88
CA PRO B 171 -3.37 -1.81 -2.05
C PRO B 171 -3.75 -3.22 -1.67
N SER B 172 -4.21 -3.96 -2.67
CA SER B 172 -4.54 -5.35 -2.53
C SER B 172 -4.34 -6.07 -3.86
N PRO B 173 -3.76 -7.26 -3.84
CA PRO B 173 -3.70 -8.08 -5.08
C PRO B 173 -5.07 -8.33 -5.74
N LYS B 174 -6.18 -8.21 -5.00
CA LYS B 174 -7.51 -8.41 -5.61
C LYS B 174 -7.94 -7.25 -6.49
N VAL B 175 -7.36 -6.07 -6.28
CA VAL B 175 -7.65 -4.87 -7.05
C VAL B 175 -6.30 -4.19 -7.20
N SER B 176 -5.50 -4.70 -8.12
CA SER B 176 -4.09 -4.41 -8.20
C SER B 176 -3.78 -3.84 -9.57
N ASP B 177 -3.08 -2.70 -9.58
CA ASP B 177 -2.59 -2.10 -10.83
C ASP B 177 -1.16 -2.54 -11.20
N THR B 178 -0.23 -2.61 -10.24
CA THR B 178 1.14 -3.04 -10.54
C THR B 178 1.67 -3.90 -9.39
N VAL B 179 2.73 -4.66 -9.69
CA VAL B 179 3.40 -5.46 -8.66
C VAL B 179 4.10 -4.61 -7.60
N VAL B 180 4.37 -3.33 -7.86
CA VAL B 180 5.15 -2.55 -6.90
C VAL B 180 4.28 -1.89 -5.84
N GLU B 181 2.97 -2.10 -5.86
CA GLU B 181 2.14 -1.53 -4.80
C GLU B 181 2.64 -1.81 -3.39
N PRO B 182 3.11 -3.02 -3.02
CA PRO B 182 3.60 -3.21 -1.63
C PRO B 182 4.77 -2.32 -1.28
N TYR B 183 5.71 -2.09 -2.21
CA TYR B 183 6.80 -1.12 -2.00
C TYR B 183 6.25 0.29 -1.74
N ASN B 184 5.37 0.79 -2.62
CA ASN B 184 4.87 2.14 -2.44
C ASN B 184 4.09 2.27 -1.13
N ALA B 185 3.34 1.22 -0.75
CA ALA B 185 2.52 1.32 0.44
C ALA B 185 3.38 1.31 1.71
N THR B 186 4.45 0.49 1.72
CA THR B 186 5.35 0.45 2.87
C THR B 186 6.12 1.76 3.03
N LEU B 187 6.63 2.32 1.93
CA LEU B 187 7.24 3.63 2.02
C LEU B 187 6.24 4.67 2.54
N SER B 188 4.98 4.58 2.09
CA SER B 188 3.98 5.55 2.53
C SER B 188 3.60 5.36 3.99
N VAL B 189 3.46 4.12 4.45
CA VAL B 189 3.05 3.89 5.84
C VAL B 189 4.10 4.45 6.78
N HIS B 190 5.36 4.40 6.38
CA HIS B 190 6.47 4.97 7.12
C HIS B 190 6.27 6.46 7.35
N GLN B 191 5.84 7.17 6.29
CA GLN B 191 5.51 8.58 6.41
C GLN B 191 4.25 8.80 7.25
N LEU B 192 3.19 8.01 7.01
CA LEU B 192 1.94 8.20 7.75
C LEU B 192 2.14 8.04 9.24
N VAL B 193 2.91 7.02 9.65
CA VAL B 193 3.17 6.79 11.07
C VAL B 193 3.77 8.01 11.73
N GLU B 194 4.66 8.73 11.03
CA GLU B 194 5.30 9.89 11.63
C GLU B 194 4.43 11.15 11.58
N ASN B 195 3.71 11.40 10.47
CA ASN B 195 3.23 12.74 10.19
C ASN B 195 1.73 12.90 10.13
N THR B 196 0.94 11.90 10.47
CA THR B 196 -0.48 12.19 10.56
C THR B 196 -0.93 11.95 11.97
N ASP B 197 -2.02 12.64 12.31
CA ASP B 197 -2.74 12.43 13.54
C ASP B 197 -3.81 11.35 13.43
N GLU B 198 -4.44 11.24 12.27
CA GLU B 198 -5.54 10.31 12.03
C GLU B 198 -5.50 9.86 10.59
N THR B 199 -5.50 8.55 10.36
CA THR B 199 -5.62 8.00 9.01
C THR B 199 -6.69 6.92 9.02
N TYR B 200 -7.72 7.10 8.21
CA TYR B 200 -8.69 6.04 7.95
C TYR B 200 -8.11 5.05 6.95
N CYS B 201 -7.87 3.82 7.39
CA CYS B 201 -7.32 2.78 6.54
C CYS B 201 -8.44 2.19 5.69
N ILE B 202 -8.44 2.49 4.41
CA ILE B 202 -9.47 2.00 3.50
C ILE B 202 -8.84 0.94 2.61
N ASP B 203 -9.20 -0.31 2.88
CA ASP B 203 -8.51 -1.46 2.32
C ASP B 203 -9.24 -1.89 1.05
N ASN B 204 -8.59 -1.75 -0.11
CA ASN B 204 -9.21 -2.21 -1.33
C ASN B 204 -9.50 -3.69 -1.27
N GLU B 205 -8.79 -4.42 -0.40
CA GLU B 205 -9.14 -5.82 -0.17
C GLU B 205 -10.52 -5.97 0.45
N ALA B 206 -10.86 -5.14 1.44
CA ALA B 206 -12.17 -5.24 2.08
C ALA B 206 -13.27 -4.72 1.16
N LEU B 207 -13.03 -3.60 0.46
CA LEU B 207 -14.06 -3.09 -0.44
C LEU B 207 -14.39 -4.11 -1.50
N TYR B 208 -13.37 -4.81 -2.01
CA TYR B 208 -13.60 -5.88 -2.98
C TYR B 208 -14.44 -6.99 -2.36
N ASP B 209 -14.03 -7.51 -1.19
CA ASP B 209 -14.78 -8.61 -0.57
C ASP B 209 -16.21 -8.21 -0.24
N ILE B 210 -16.43 -6.96 0.18
CA ILE B 210 -17.79 -6.51 0.45
C ILE B 210 -18.61 -6.50 -0.84
N CYS B 211 -18.03 -6.01 -1.93
CA CYS B 211 -18.72 -5.98 -3.21
C CYS B 211 -19.02 -7.40 -3.72
N PHE B 212 -18.07 -8.32 -3.57
CA PHE B 212 -18.22 -9.66 -4.10
C PHE B 212 -19.15 -10.51 -3.24
N ARG B 213 -18.89 -10.58 -1.93
CA ARG B 213 -19.66 -11.47 -1.07
C ARG B 213 -20.98 -10.87 -0.65
N THR B 214 -20.97 -9.66 -0.11
CA THR B 214 -22.19 -9.12 0.47
C THR B 214 -23.08 -8.44 -0.58
N LEU B 215 -22.49 -7.68 -1.51
CA LEU B 215 -23.34 -6.97 -2.46
C LEU B 215 -23.67 -7.81 -3.68
N LYS B 216 -23.07 -9.00 -3.79
CA LYS B 216 -23.31 -9.96 -4.89
C LYS B 216 -22.91 -9.38 -6.25
N LEU B 217 -21.89 -8.54 -6.28
CA LEU B 217 -21.34 -8.00 -7.53
C LEU B 217 -20.19 -8.90 -7.98
N THR B 218 -20.42 -9.62 -9.07
CA THR B 218 -19.41 -10.59 -9.50
C THR B 218 -18.15 -9.92 -10.02
N THR B 219 -18.26 -8.74 -10.62
CA THR B 219 -17.11 -8.02 -11.16
C THR B 219 -17.09 -6.58 -10.64
N PRO B 220 -16.68 -6.38 -9.38
CA PRO B 220 -16.56 -5.01 -8.84
C PRO B 220 -15.63 -4.15 -9.67
N THR B 221 -16.00 -2.88 -9.82
CA THR B 221 -15.18 -1.84 -10.43
C THR B 221 -14.76 -0.83 -9.37
N TYR B 222 -13.85 0.08 -9.74
CA TYR B 222 -13.54 1.19 -8.84
C TYR B 222 -14.79 2.00 -8.54
N GLY B 223 -15.76 2.03 -9.45
CA GLY B 223 -17.03 2.66 -9.16
C GLY B 223 -17.76 2.00 -8.02
N ASP B 224 -17.82 0.67 -8.02
CA ASP B 224 -18.47 -0.05 -6.90
C ASP B 224 -17.69 0.16 -5.60
N LEU B 225 -16.37 0.16 -5.67
CA LEU B 225 -15.57 0.38 -4.48
C LEU B 225 -15.78 1.80 -3.95
N ASN B 226 -15.78 2.81 -4.84
CA ASN B 226 -15.85 4.21 -4.42
C ASN B 226 -17.21 4.60 -3.88
N HIS B 227 -18.27 3.88 -4.25
CA HIS B 227 -19.55 4.06 -3.58
C HIS B 227 -19.44 3.75 -2.08
N LEU B 228 -18.82 2.62 -1.74
CA LEU B 228 -18.54 2.29 -0.34
C LEU B 228 -17.66 3.34 0.32
N VAL B 229 -16.68 3.87 -0.42
CA VAL B 229 -15.74 4.82 0.18
C VAL B 229 -16.42 6.15 0.47
N SER B 230 -17.29 6.61 -0.44
CA SER B 230 -17.91 7.90 -0.17
C SER B 230 -18.98 7.80 0.91
N ALA B 231 -19.65 6.64 1.06
CA ALA B 231 -20.59 6.47 2.17
C ALA B 231 -19.85 6.47 3.52
N THR B 232 -18.68 5.83 3.58
CA THR B 232 -17.85 5.89 4.78
C THR B 232 -17.37 7.32 5.05
N MET B 233 -16.83 7.98 4.00
CA MET B 233 -16.31 9.34 4.20
C MET B 233 -17.39 10.29 4.67
N SER B 234 -18.60 10.16 4.12
CA SER B 234 -19.73 10.93 4.60
C SER B 234 -20.03 10.61 6.07
N GLY B 235 -20.09 9.32 6.41
CA GLY B 235 -20.39 8.92 7.79
C GLY B 235 -19.37 9.44 8.81
N VAL B 236 -18.07 9.23 8.56
CA VAL B 236 -17.08 9.60 9.56
C VAL B 236 -16.96 11.11 9.73
N THR B 237 -17.37 11.90 8.75
CA THR B 237 -17.29 13.36 8.87
C THR B 237 -18.62 13.99 9.26
N THR B 238 -19.66 13.18 9.50
CA THR B 238 -20.94 13.71 9.98
C THR B 238 -20.75 14.64 11.17
N CYS B 239 -19.95 14.23 12.15
CA CYS B 239 -19.79 15.05 13.35
C CYS B 239 -19.11 16.37 13.05
N LEU B 240 -18.29 16.43 11.99
CA LEU B 240 -17.67 17.71 11.63
C LEU B 240 -18.66 18.62 10.92
N ARG B 241 -19.60 18.06 10.16
CA ARG B 241 -20.39 18.84 9.21
C ARG B 241 -21.76 19.26 9.75
N PHE B 242 -22.25 18.61 10.80
CA PHE B 242 -23.53 18.96 11.39
C PHE B 242 -23.38 19.21 12.88
N PRO B 243 -24.32 19.92 13.49
CA PRO B 243 -24.26 20.17 14.93
C PRO B 243 -24.74 18.99 15.75
N GLY B 244 -24.11 18.79 16.91
CA GLY B 244 -24.55 17.77 17.86
C GLY B 244 -24.60 18.32 19.28
N GLN B 245 -24.87 17.40 20.22
CA GLN B 245 -24.54 17.67 21.63
C GLN B 245 -23.04 17.90 21.79
N LEU B 246 -22.24 17.22 20.97
CA LEU B 246 -20.83 17.48 20.82
C LEU B 246 -20.60 18.60 19.81
N ASN B 247 -19.64 19.46 20.14
CA ASN B 247 -19.04 20.37 19.18
C ASN B 247 -17.79 19.64 18.69
N ALA B 248 -17.92 18.88 17.59
CA ALA B 248 -16.90 17.94 17.15
C ALA B 248 -15.92 18.59 16.19
N ASP B 249 -14.63 18.30 16.38
CA ASP B 249 -13.58 18.76 15.47
C ASP B 249 -12.47 17.73 15.43
N LEU B 250 -11.50 17.98 14.55
CA LEU B 250 -10.45 17.00 14.29
C LEU B 250 -9.55 16.75 15.50
N ARG B 251 -9.34 17.76 16.34
CA ARG B 251 -8.39 17.55 17.45
C ARG B 251 -9.05 16.77 18.58
N LYS B 252 -10.27 17.15 18.96
CA LYS B 252 -11.01 16.35 19.93
C LYS B 252 -11.11 14.90 19.47
N LEU B 253 -11.27 14.67 18.17
CA LEU B 253 -11.31 13.29 17.68
C LEU B 253 -9.99 12.60 17.95
N ALA B 254 -8.87 13.25 17.61
CA ALA B 254 -7.55 12.68 17.86
C ALA B 254 -7.31 12.48 19.36
N VAL B 255 -7.75 13.42 20.19
CA VAL B 255 -7.49 13.28 21.62
C VAL B 255 -8.19 12.05 22.18
N ASN B 256 -9.42 11.80 21.74
CA ASN B 256 -10.17 10.69 22.29
C ASN B 256 -9.95 9.36 21.58
N MET B 257 -9.38 9.36 20.37
CA MET B 257 -9.20 8.10 19.64
C MET B 257 -7.78 7.53 19.69
N VAL B 258 -6.76 8.36 19.97
CA VAL B 258 -5.35 7.97 19.80
C VAL B 258 -4.64 7.97 21.16
N PRO B 259 -4.59 6.83 21.86
CA PRO B 259 -3.91 6.79 23.16
C PRO B 259 -2.38 6.80 23.08
N PHE B 260 -1.79 6.46 21.94
CA PHE B 260 -0.34 6.48 21.75
C PHE B 260 -0.09 7.03 20.35
N PRO B 261 0.86 7.94 20.19
CA PRO B 261 0.90 8.74 18.95
C PRO B 261 0.94 7.90 17.68
N ARG B 262 1.71 6.81 17.65
CA ARG B 262 1.85 6.04 16.42
C ARG B 262 0.63 5.19 16.12
N LEU B 263 -0.23 4.91 17.09
CA LEU B 263 -1.39 4.05 16.86
C LEU B 263 -2.62 4.89 16.48
N HIS B 264 -2.57 5.45 15.25
CA HIS B 264 -3.63 6.36 14.83
C HIS B 264 -4.28 5.88 13.52
N PHE B 265 -4.25 4.57 13.27
CA PHE B 265 -4.81 4.01 12.04
C PHE B 265 -6.13 3.34 12.37
N PHE B 266 -7.22 3.91 11.85
CA PHE B 266 -8.57 3.56 12.20
C PHE B 266 -9.16 2.55 11.21
N MET B 267 -9.97 1.62 11.76
CA MET B 267 -10.79 0.73 10.94
C MET B 267 -12.16 1.36 10.77
N PRO B 268 -12.53 1.80 9.56
CA PRO B 268 -13.90 2.27 9.34
C PRO B 268 -14.86 1.13 9.04
N GLY B 269 -16.11 1.33 9.43
CA GLY B 269 -17.18 0.42 9.07
C GLY B 269 -18.45 1.19 8.79
N PHE B 270 -19.34 0.56 8.01
CA PHE B 270 -20.55 1.25 7.60
C PHE B 270 -21.73 0.27 7.62
N ALA B 271 -22.93 0.79 7.92
CA ALA B 271 -24.14 -0.03 7.87
C ALA B 271 -25.33 0.85 7.54
N PRO B 272 -26.28 0.37 6.70
CA PRO B 272 -26.27 -0.89 5.96
C PRO B 272 -25.35 -0.84 4.75
N LEU B 273 -24.84 -1.99 4.32
CA LEU B 273 -24.05 -2.05 3.09
C LEU B 273 -24.99 -2.08 1.89
N THR B 274 -24.93 -1.03 1.08
CA THR B 274 -25.80 -0.87 -0.07
C THR B 274 -24.97 -0.86 -1.35
N SER B 275 -25.45 -1.56 -2.37
CA SER B 275 -24.84 -1.41 -3.67
C SER B 275 -25.40 -0.18 -4.36
N ARG B 276 -24.59 0.38 -5.25
CA ARG B 276 -24.98 1.55 -6.01
C ARG B 276 -26.19 1.26 -6.90
N GLY B 277 -27.09 2.22 -6.99
CA GLY B 277 -28.25 2.08 -7.85
C GLY B 277 -29.43 1.41 -7.20
N SER B 278 -29.31 0.12 -6.88
CA SER B 278 -30.40 -0.60 -6.26
C SER B 278 -30.57 -0.16 -4.81
N GLN B 279 -31.75 0.37 -4.49
CA GLN B 279 -32.14 0.70 -3.13
C GLN B 279 -33.05 -0.38 -2.57
N GLN B 280 -33.04 -0.51 -1.25
CA GLN B 280 -33.96 -1.38 -0.54
C GLN B 280 -34.75 -0.56 0.47
N TYR B 281 -35.99 -1.01 0.71
CA TYR B 281 -37.05 -0.16 1.23
C TYR B 281 -37.39 -0.38 2.71
N ARG B 282 -36.74 -1.33 3.38
CA ARG B 282 -36.93 -1.55 4.81
C ARG B 282 -35.79 -0.89 5.55
N ALA B 283 -36.08 0.16 6.32
CA ALA B 283 -35.01 0.74 7.13
C ALA B 283 -34.58 -0.28 8.17
N LEU B 284 -33.30 -0.23 8.51
CA LEU B 284 -32.82 -1.08 9.58
C LEU B 284 -33.39 -0.62 10.92
N THR B 285 -33.40 -1.54 11.86
CA THR B 285 -33.72 -1.22 13.23
C THR B 285 -32.43 -0.90 13.98
N VAL B 286 -32.58 -0.15 15.07
CA VAL B 286 -31.38 0.19 15.87
C VAL B 286 -30.62 -1.06 16.28
N PRO B 287 -31.28 -2.16 16.69
CA PRO B 287 -30.48 -3.37 16.98
C PRO B 287 -29.68 -3.85 15.78
N GLU B 288 -30.25 -3.76 14.57
CA GLU B 288 -29.58 -4.24 13.37
C GLU B 288 -28.38 -3.37 13.00
N LEU B 289 -28.56 -2.04 13.00
CA LEU B 289 -27.43 -1.14 12.77
C LEU B 289 -26.25 -1.51 13.67
N THR B 290 -26.51 -1.61 14.97
CA THR B 290 -25.45 -1.88 15.96
C THR B 290 -24.73 -3.18 15.66
N GLN B 291 -25.47 -4.23 15.28
CA GLN B 291 -24.86 -5.52 15.06
C GLN B 291 -24.03 -5.53 13.78
N GLN B 292 -24.56 -4.94 12.69
CA GLN B 292 -23.85 -4.90 11.42
C GLN B 292 -22.60 -4.04 11.49
N MET B 293 -22.70 -2.83 12.06
CA MET B 293 -21.57 -1.91 12.09
C MET B 293 -20.39 -2.45 12.88
N PHE B 294 -20.62 -3.38 13.81
CA PHE B 294 -19.54 -4.11 14.46
C PHE B 294 -19.19 -5.41 13.76
N ASP B 295 -19.93 -5.80 12.72
CA ASP B 295 -19.67 -7.07 12.04
C ASP B 295 -18.43 -6.92 11.17
N SER B 296 -17.53 -7.90 11.24
CA SER B 296 -16.34 -7.80 10.41
C SER B 296 -16.69 -7.59 8.94
N LYS B 297 -17.82 -8.14 8.47
CA LYS B 297 -18.27 -7.97 7.09
C LYS B 297 -18.57 -6.51 6.72
N ASN B 298 -18.72 -5.62 7.69
CA ASN B 298 -18.97 -4.22 7.40
C ASN B 298 -17.73 -3.35 7.58
N MET B 299 -16.56 -3.95 7.82
CA MET B 299 -15.33 -3.22 8.04
C MET B 299 -14.66 -2.91 6.70
N MET B 300 -14.15 -1.69 6.56
CA MET B 300 -13.46 -1.28 5.34
C MET B 300 -11.97 -1.56 5.37
N ALA B 301 -11.45 -2.09 6.49
CA ALA B 301 -10.09 -2.62 6.57
C ALA B 301 -10.22 -4.11 6.77
N ALA B 302 -9.60 -4.90 5.88
CA ALA B 302 -9.79 -6.35 5.87
C ALA B 302 -9.09 -6.99 7.07
N CYS B 303 -9.59 -6.70 8.27
CA CYS B 303 -9.01 -7.17 9.51
C CYS B 303 -10.13 -7.74 10.36
N ASP B 304 -9.83 -8.83 11.05
CA ASP B 304 -10.83 -9.47 11.88
C ASP B 304 -10.81 -8.83 13.27
N PRO B 305 -11.85 -8.07 13.66
CA PRO B 305 -11.81 -7.42 14.96
C PRO B 305 -11.77 -8.40 16.11
N ARG B 306 -12.21 -9.65 15.92
CA ARG B 306 -12.11 -10.66 16.99
C ARG B 306 -10.69 -11.17 17.19
N HIS B 307 -9.76 -10.87 16.27
CA HIS B 307 -8.34 -11.17 16.42
C HIS B 307 -7.57 -10.08 17.17
N GLY B 308 -8.19 -8.94 17.45
CA GLY B 308 -7.52 -7.90 18.22
C GLY B 308 -8.38 -7.38 19.35
N ARG B 309 -8.01 -6.22 19.90
CA ARG B 309 -8.85 -5.54 20.87
C ARG B 309 -9.04 -4.09 20.47
N TYR B 310 -10.18 -3.56 20.86
CA TYR B 310 -10.53 -2.17 20.60
C TYR B 310 -9.90 -1.27 21.67
N LEU B 311 -8.95 -0.44 21.26
CA LEU B 311 -8.46 0.61 22.16
C LEU B 311 -9.53 1.69 22.36
N THR B 312 -10.14 2.15 21.27
CA THR B 312 -11.22 3.13 21.31
C THR B 312 -12.14 2.90 20.11
N VAL B 313 -13.36 3.44 20.23
CA VAL B 313 -14.40 3.29 19.21
C VAL B 313 -15.20 4.58 19.15
N ALA B 314 -15.50 5.05 17.94
CA ALA B 314 -16.50 6.09 17.70
C ALA B 314 -17.62 5.50 16.86
N ALA B 315 -18.87 5.80 17.22
CA ALA B 315 -20.05 5.34 16.49
C ALA B 315 -20.97 6.53 16.23
N ILE B 316 -21.38 6.69 14.98
CA ILE B 316 -22.19 7.83 14.57
C ILE B 316 -23.43 7.29 13.86
N PHE B 317 -24.59 7.40 14.53
CA PHE B 317 -25.89 6.99 13.98
C PHE B 317 -26.54 8.15 13.26
N ARG B 318 -27.17 7.88 12.12
CA ARG B 318 -27.81 8.91 11.32
C ARG B 318 -29.26 8.56 11.02
N GLY B 319 -30.15 9.49 11.33
CA GLY B 319 -31.57 9.37 11.05
C GLY B 319 -32.43 9.65 12.25
N ARG B 320 -33.74 9.61 12.02
CA ARG B 320 -34.74 9.70 13.09
C ARG B 320 -34.79 8.35 13.82
N MET B 321 -34.37 8.35 15.09
CA MET B 321 -34.39 7.12 15.87
C MET B 321 -34.39 7.49 17.35
N SER B 322 -34.60 6.47 18.19
CA SER B 322 -34.62 6.65 19.64
C SER B 322 -33.20 6.69 20.18
N MET B 323 -32.82 7.82 20.78
CA MET B 323 -31.52 7.88 21.44
C MET B 323 -31.46 6.94 22.63
N LYS B 324 -32.59 6.74 23.32
CA LYS B 324 -32.66 5.72 24.37
C LYS B 324 -32.31 4.34 23.82
N GLU B 325 -32.88 3.97 22.69
CA GLU B 325 -32.60 2.64 22.16
C GLU B 325 -31.18 2.53 21.60
N VAL B 326 -30.66 3.62 21.02
CA VAL B 326 -29.27 3.62 20.56
C VAL B 326 -28.32 3.44 21.76
N ASP B 327 -28.54 4.22 22.83
CA ASP B 327 -27.75 4.04 24.05
C ASP B 327 -27.85 2.61 24.55
N GLU B 328 -29.07 2.06 24.53
CA GLU B 328 -29.27 0.69 25.01
C GLU B 328 -28.51 -0.32 24.16
N GLN B 329 -28.62 -0.21 22.82
CA GLN B 329 -27.96 -1.19 21.96
C GLN B 329 -26.45 -1.03 21.99
N MET B 330 -25.95 0.20 22.11
CA MET B 330 -24.51 0.41 22.23
C MET B 330 -23.97 -0.17 23.54
N LEU B 331 -24.69 0.06 24.65
CA LEU B 331 -24.30 -0.55 25.92
C LEU B 331 -24.42 -2.07 25.85
N ASN B 332 -25.35 -2.58 25.06
CA ASN B 332 -25.52 -4.03 24.96
C ASN B 332 -24.33 -4.69 24.25
N VAL B 333 -23.82 -4.08 23.16
CA VAL B 333 -22.75 -4.73 22.39
C VAL B 333 -21.44 -4.76 23.17
N GLN B 334 -21.16 -3.69 23.93
CA GLN B 334 -20.00 -3.66 24.84
C GLN B 334 -20.11 -4.73 25.92
N ASN B 335 -21.13 -4.61 26.78
CA ASN B 335 -21.28 -5.53 27.91
C ASN B 335 -21.39 -6.99 27.48
N LYS B 336 -21.72 -7.26 26.22
CA LYS B 336 -21.84 -8.64 25.75
C LYS B 336 -20.53 -9.18 25.20
N ASN B 337 -19.67 -8.31 24.69
CA ASN B 337 -18.40 -8.70 24.12
C ASN B 337 -17.27 -7.87 24.71
N SER B 338 -17.38 -7.61 26.03
CA SER B 338 -16.47 -6.67 26.68
C SER B 338 -15.04 -7.15 26.67
N SER B 339 -14.79 -8.43 26.36
CA SER B 339 -13.42 -8.92 26.32
C SER B 339 -12.65 -8.34 25.15
N TYR B 340 -13.34 -7.91 24.11
CA TYR B 340 -12.69 -7.32 22.95
C TYR B 340 -12.40 -5.83 23.11
N PHE B 341 -12.74 -5.25 24.25
CA PHE B 341 -12.41 -3.86 24.55
C PHE B 341 -11.37 -3.84 25.65
N VAL B 342 -10.28 -3.09 25.44
CA VAL B 342 -9.26 -3.09 26.47
C VAL B 342 -9.86 -2.52 27.75
N GLU B 343 -9.64 -3.22 28.86
CA GLU B 343 -10.17 -2.81 30.14
C GLU B 343 -9.42 -1.62 30.74
N TRP B 344 -8.23 -1.29 30.24
CA TRP B 344 -7.46 -0.21 30.82
C TRP B 344 -7.72 1.16 30.17
N ILE B 345 -8.70 1.25 29.27
CA ILE B 345 -9.22 2.56 28.86
C ILE B 345 -10.70 2.56 29.21
N PRO B 346 -11.10 3.09 30.35
CA PRO B 346 -12.50 3.03 30.73
C PRO B 346 -13.39 3.78 29.74
N ASN B 347 -14.53 3.19 29.43
CA ASN B 347 -15.56 3.90 28.69
C ASN B 347 -15.05 4.37 27.34
N ASN B 348 -14.38 3.45 26.62
CA ASN B 348 -13.66 3.82 25.41
C ASN B 348 -14.55 3.79 24.16
N VAL B 349 -15.87 3.77 24.35
CA VAL B 349 -16.85 3.77 23.25
C VAL B 349 -17.74 5.02 23.38
N LYS B 350 -17.78 5.82 22.32
CA LYS B 350 -18.59 7.03 22.35
C LYS B 350 -19.46 7.09 21.10
N THR B 351 -20.70 7.50 21.29
CA THR B 351 -21.74 7.40 20.29
C THR B 351 -22.38 8.77 20.08
N ALA B 352 -22.67 9.09 18.82
CA ALA B 352 -23.38 10.32 18.45
C ALA B 352 -24.54 9.95 17.55
N VAL B 353 -25.56 10.81 17.55
CA VAL B 353 -26.69 10.68 16.63
C VAL B 353 -26.91 12.02 15.96
N CYS B 354 -27.10 12.01 14.64
CA CYS B 354 -27.40 13.20 13.89
C CYS B 354 -28.68 13.00 13.09
N ASP B 355 -29.53 14.03 13.08
CA ASP B 355 -30.90 13.86 12.57
C ASP B 355 -30.93 13.54 11.09
N ILE B 356 -30.03 14.12 10.31
CA ILE B 356 -30.12 14.02 8.86
C ILE B 356 -29.49 12.70 8.40
N PRO B 357 -30.26 11.82 7.76
CA PRO B 357 -29.69 10.60 7.19
C PRO B 357 -28.96 10.89 5.90
N PRO B 358 -28.11 9.97 5.44
CA PRO B 358 -27.55 10.09 4.10
C PRO B 358 -28.61 9.82 3.04
N ARG B 359 -28.30 10.27 1.83
CA ARG B 359 -29.21 10.13 0.69
C ARG B 359 -29.65 8.68 0.49
N GLY B 360 -30.96 8.48 0.44
CA GLY B 360 -31.51 7.20 0.08
C GLY B 360 -31.56 6.15 1.17
N LEU B 361 -31.28 6.52 2.41
CA LEU B 361 -31.42 5.62 3.56
C LEU B 361 -32.10 6.39 4.67
N LYS B 362 -32.97 5.72 5.42
CA LYS B 362 -33.57 6.35 6.58
C LYS B 362 -32.73 6.16 7.84
N MET B 363 -31.87 5.14 7.85
CA MET B 363 -31.10 4.78 9.04
C MET B 363 -29.73 4.29 8.59
N SER B 364 -28.67 4.90 9.14
CA SER B 364 -27.34 4.39 8.89
C SER B 364 -26.48 4.60 10.13
N ALA B 365 -25.38 3.86 10.18
CA ALA B 365 -24.45 3.90 11.30
C ALA B 365 -23.03 3.81 10.76
N THR B 366 -22.18 4.75 11.15
CA THR B 366 -20.78 4.71 10.76
C THR B 366 -19.92 4.37 11.97
N PHE B 367 -18.99 3.46 11.76
CA PHE B 367 -18.13 2.91 12.81
C PHE B 367 -16.69 3.37 12.55
N ILE B 368 -16.01 3.85 13.60
CA ILE B 368 -14.60 4.16 13.53
C ILE B 368 -13.93 3.43 14.69
N GLY B 369 -13.11 2.43 14.38
CA GLY B 369 -12.43 1.65 15.40
C GLY B 369 -10.89 1.88 15.38
N ASN B 370 -10.34 2.09 16.57
CA ASN B 370 -8.89 1.94 16.76
C ASN B 370 -8.65 0.58 17.43
N SER B 371 -8.55 -0.45 16.59
CA SER B 371 -8.36 -1.83 16.98
C SER B 371 -6.92 -2.26 16.77
N THR B 372 -6.38 -3.02 17.73
CA THR B 372 -5.09 -3.67 17.50
C THR B 372 -5.16 -4.72 16.38
N ALA B 373 -6.35 -5.04 15.86
CA ALA B 373 -6.45 -5.99 14.76
C ALA B 373 -5.93 -5.40 13.44
N ILE B 374 -5.84 -4.06 13.35
CA ILE B 374 -5.31 -3.42 12.15
C ILE B 374 -3.91 -3.92 11.84
N GLN B 375 -3.20 -4.47 12.82
CA GLN B 375 -1.87 -5.01 12.50
C GLN B 375 -1.94 -6.06 11.39
N GLU B 376 -3.08 -6.75 11.25
CA GLU B 376 -3.25 -7.71 10.15
C GLU B 376 -3.02 -7.06 8.80
N LEU B 377 -3.54 -5.84 8.61
CA LEU B 377 -3.31 -5.13 7.36
C LEU B 377 -1.83 -4.88 7.13
N PHE B 378 -1.11 -4.42 8.16
CA PHE B 378 0.30 -4.08 7.97
C PHE B 378 1.17 -5.33 7.82
N LYS B 379 0.84 -6.40 8.56
CA LYS B 379 1.47 -7.70 8.31
C LYS B 379 1.33 -8.13 6.86
N ARG B 380 0.11 -8.09 6.33
CA ARG B 380 -0.15 -8.50 4.95
C ARG B 380 0.78 -7.77 4.00
N ILE B 381 0.76 -6.43 4.05
CA ILE B 381 1.59 -5.62 3.18
C ILE B 381 3.08 -5.90 3.43
N SER B 382 3.45 -6.16 4.68
CA SER B 382 4.84 -6.44 5.01
C SER B 382 5.31 -7.75 4.38
N GLU B 383 4.48 -8.78 4.40
CA GLU B 383 4.84 -10.05 3.78
C GLU B 383 5.02 -9.91 2.27
N GLN B 384 4.09 -9.20 1.61
CA GLN B 384 4.25 -8.96 0.17
C GLN B 384 5.51 -8.16 -0.14
N PHE B 385 5.83 -7.18 0.71
CA PHE B 385 7.03 -6.38 0.53
C PHE B 385 8.30 -7.26 0.57
N THR B 386 8.43 -8.10 1.60
CA THR B 386 9.67 -8.85 1.76
C THR B 386 9.81 -9.97 0.75
N ALA B 387 8.68 -10.47 0.23
CA ALA B 387 8.73 -11.50 -0.82
C ALA B 387 9.52 -10.99 -2.03
N MET B 388 9.27 -9.76 -2.45
CA MET B 388 10.04 -9.14 -3.53
C MET B 388 11.38 -8.63 -3.04
N PHE B 389 11.39 -7.93 -1.89
CA PHE B 389 12.59 -7.20 -1.46
C PHE B 389 13.74 -8.13 -1.11
N ARG B 390 13.45 -9.34 -0.62
CA ARG B 390 14.56 -10.25 -0.36
C ARG B 390 15.29 -10.68 -1.65
N ARG B 391 14.71 -10.43 -2.82
CA ARG B 391 15.40 -10.66 -4.09
C ARG B 391 15.69 -9.35 -4.82
N LYS B 392 15.47 -8.22 -4.14
CA LYS B 392 15.68 -6.90 -4.71
C LYS B 392 14.85 -6.71 -5.98
N ALA B 393 13.73 -7.41 -6.08
CA ALA B 393 13.00 -7.41 -7.34
C ALA B 393 12.36 -6.04 -7.56
N PHE B 394 12.41 -5.58 -8.80
CA PHE B 394 11.81 -4.30 -9.19
C PHE B 394 12.44 -3.08 -8.52
N LEU B 395 13.56 -3.23 -7.80
CA LEU B 395 14.15 -2.05 -7.15
C LEU B 395 14.68 -1.02 -8.16
N HIS B 396 15.15 -1.47 -9.33
CA HIS B 396 15.81 -0.55 -10.25
C HIS B 396 14.92 0.63 -10.58
N TRP B 397 13.58 0.44 -10.61
CA TRP B 397 12.67 1.57 -10.82
C TRP B 397 12.88 2.65 -9.77
N TYR B 398 13.37 2.28 -8.59
CA TYR B 398 13.50 3.23 -7.52
C TYR B 398 14.93 3.73 -7.39
N THR B 399 15.91 2.83 -7.52
CA THR B 399 17.30 3.29 -7.50
C THR B 399 17.57 4.22 -8.67
N GLY B 400 16.87 4.02 -9.80
CA GLY B 400 16.97 4.96 -10.90
C GLY B 400 16.49 6.37 -10.58
N GLU B 401 15.71 6.56 -9.52
CA GLU B 401 15.29 7.90 -9.11
C GLU B 401 16.12 8.43 -7.95
N GLY B 402 17.27 7.80 -7.66
CA GLY B 402 18.16 8.26 -6.60
C GLY B 402 18.00 7.57 -5.24
N MET B 403 17.00 6.71 -5.07
CA MET B 403 16.82 6.03 -3.79
C MET B 403 17.82 4.90 -3.58
N ASP B 404 18.11 4.65 -2.31
CA ASP B 404 19.01 3.62 -1.82
C ASP B 404 18.20 2.49 -1.19
N GLU B 405 18.71 1.26 -1.28
CA GLU B 405 18.12 0.10 -0.61
C GLU B 405 17.83 0.39 0.85
N MET B 406 18.79 1.05 1.52
CA MET B 406 18.71 1.40 2.93
C MET B 406 17.35 1.98 3.29
N GLU B 407 16.85 2.89 2.47
CA GLU B 407 15.60 3.57 2.77
C GLU B 407 14.41 2.60 2.75
N PHE B 408 14.51 1.51 1.96
CA PHE B 408 13.51 0.46 2.01
C PHE B 408 13.61 -0.35 3.28
N THR B 409 14.84 -0.69 3.68
CA THR B 409 15.06 -1.38 4.94
C THR B 409 14.53 -0.58 6.13
N GLU B 410 14.71 0.74 6.12
CA GLU B 410 14.20 1.57 7.21
C GLU B 410 12.67 1.56 7.24
N ALA B 411 12.02 1.69 6.08
CA ALA B 411 10.57 1.77 6.05
C ALA B 411 9.95 0.46 6.46
N GLU B 412 10.48 -0.66 5.95
CA GLU B 412 9.99 -1.97 6.35
C GLU B 412 10.11 -2.18 7.83
N SER B 413 11.23 -1.74 8.41
CA SER B 413 11.53 -1.99 9.79
C SER B 413 10.68 -1.09 10.70
N ASN B 414 10.35 0.13 10.24
CA ASN B 414 9.40 0.95 10.98
C ASN B 414 8.02 0.31 10.98
N MET B 415 7.62 -0.26 9.83
CA MET B 415 6.29 -0.86 9.76
C MET B 415 6.18 -2.11 10.61
N ASN B 416 7.27 -2.90 10.70
CA ASN B 416 7.28 -4.05 11.58
C ASN B 416 7.26 -3.62 13.05
N ASP B 417 7.90 -2.50 13.40
CA ASP B 417 7.80 -2.00 14.77
C ASP B 417 6.35 -1.62 15.09
N LEU B 418 5.68 -0.96 14.14
CA LEU B 418 4.27 -0.62 14.32
C LEU B 418 3.44 -1.87 14.59
N VAL B 419 3.69 -2.95 13.83
CA VAL B 419 3.03 -4.22 14.11
C VAL B 419 3.31 -4.67 15.53
N SER B 420 4.58 -4.65 15.95
CA SER B 420 4.89 -5.10 17.30
C SER B 420 4.27 -4.18 18.35
N GLU B 421 4.17 -2.89 18.06
CA GLU B 421 3.55 -1.98 19.01
C GLU B 421 2.05 -2.28 19.17
N TYR B 422 1.36 -2.68 18.09
CA TYR B 422 -0.03 -3.11 18.21
C TYR B 422 -0.17 -4.39 19.04
N GLN B 423 0.78 -5.32 18.91
CA GLN B 423 0.70 -6.59 19.65
C GLN B 423 0.98 -6.38 21.11
N GLN B 424 1.78 -5.37 21.44
CA GLN B 424 2.01 -4.99 22.82
C GLN B 424 0.69 -4.80 23.57
N TYR B 425 -0.22 -4.00 23.00
CA TYR B 425 -1.44 -3.57 23.70
C TYR B 425 -2.60 -4.53 23.55
N GLN B 426 -2.54 -5.43 22.58
CA GLN B 426 -3.54 -6.49 22.47
C GLN B 426 -3.36 -7.55 23.54
N ASP B 427 -2.17 -7.62 24.16
CA ASP B 427 -1.93 -8.52 25.27
C ASP B 427 -2.02 -7.83 26.63
N ALA B 428 -1.69 -6.55 26.67
CA ALA B 428 -1.81 -5.71 27.86
C ALA B 428 -3.05 -6.05 28.68
N MET C 1 0.58 15.36 -25.69
CA MET C 1 1.88 14.82 -25.34
C MET C 1 1.90 13.30 -25.32
N ARG C 2 3.00 12.78 -24.77
CA ARG C 2 3.27 11.34 -24.72
C ARG C 2 3.61 10.80 -26.11
N GLU C 3 4.33 11.60 -26.89
CA GLU C 3 4.69 11.18 -28.24
C GLU C 3 5.71 10.04 -28.22
N CYS C 4 5.60 9.15 -29.20
CA CYS C 4 6.59 8.10 -29.45
C CYS C 4 7.13 8.28 -30.85
N ILE C 5 8.45 8.18 -30.98
CA ILE C 5 9.11 8.22 -32.28
C ILE C 5 9.55 6.80 -32.63
N SER C 6 9.19 6.37 -33.83
CA SER C 6 9.56 5.06 -34.32
C SER C 6 10.79 5.18 -35.23
N ILE C 7 11.74 4.26 -35.06
CA ILE C 7 12.94 4.23 -35.89
C ILE C 7 13.03 2.84 -36.52
N HIS C 8 13.06 2.81 -37.85
CA HIS C 8 13.06 1.59 -38.65
C HIS C 8 14.41 1.47 -39.34
N VAL C 9 15.16 0.41 -39.02
CA VAL C 9 16.56 0.29 -39.41
C VAL C 9 16.75 -0.98 -40.22
N GLY C 10 17.34 -0.84 -41.43
CA GLY C 10 17.64 -1.95 -42.30
C GLY C 10 16.41 -2.49 -43.02
N GLN C 11 16.64 -3.52 -43.85
CA GLN C 11 15.55 -4.09 -44.62
C GLN C 11 14.40 -4.54 -43.73
N ALA C 12 14.66 -5.46 -42.78
CA ALA C 12 13.58 -5.99 -41.95
C ALA C 12 12.85 -4.86 -41.22
N GLY C 13 13.61 -3.95 -40.60
CA GLY C 13 12.99 -2.86 -39.84
C GLY C 13 12.16 -1.94 -40.71
N VAL C 14 12.69 -1.56 -41.88
CA VAL C 14 11.95 -0.74 -42.83
C VAL C 14 10.68 -1.44 -43.28
N GLN C 15 10.81 -2.69 -43.72
CA GLN C 15 9.66 -3.37 -44.31
C GLN C 15 8.61 -3.71 -43.26
N ILE C 16 9.03 -3.96 -42.02
CA ILE C 16 8.03 -4.10 -40.98
C ILE C 16 7.40 -2.74 -40.66
N GLY C 17 8.15 -1.64 -40.84
CA GLY C 17 7.55 -0.30 -40.73
C GLY C 17 6.50 -0.03 -41.79
N ASN C 18 6.69 -0.54 -43.01
CA ASN C 18 5.66 -0.40 -44.03
C ASN C 18 4.37 -1.04 -43.54
N ALA C 19 4.47 -2.27 -43.04
CA ALA C 19 3.29 -3.00 -42.61
C ALA C 19 2.62 -2.30 -41.43
N CYS C 20 3.40 -1.81 -40.46
CA CYS C 20 2.83 -1.22 -39.25
C CYS C 20 2.13 0.10 -39.56
N TRP C 21 2.80 1.01 -40.28
CA TRP C 21 2.15 2.29 -40.55
C TRP C 21 0.97 2.12 -41.50
N GLU C 22 1.01 1.14 -42.40
CA GLU C 22 -0.21 0.89 -43.16
C GLU C 22 -1.33 0.42 -42.24
N LEU C 23 -1.02 -0.48 -41.30
CA LEU C 23 -2.04 -0.94 -40.38
C LEU C 23 -2.54 0.21 -39.49
N TYR C 24 -1.62 1.05 -38.96
CA TYR C 24 -2.04 2.19 -38.15
C TYR C 24 -3.01 3.09 -38.91
N CYS C 25 -2.67 3.42 -40.17
CA CYS C 25 -3.53 4.28 -40.96
C CYS C 25 -4.92 3.68 -41.11
N LEU C 26 -5.01 2.36 -41.34
CA LEU C 26 -6.33 1.75 -41.43
C LEU C 26 -7.04 1.77 -40.09
N GLU C 27 -6.32 1.63 -38.98
CA GLU C 27 -6.98 1.64 -37.67
C GLU C 27 -7.51 3.01 -37.33
N HIS C 28 -6.84 4.08 -37.78
CA HIS C 28 -7.23 5.44 -37.41
C HIS C 28 -8.00 6.19 -38.51
N GLY C 29 -8.40 5.51 -39.57
CA GLY C 29 -9.03 6.21 -40.68
C GLY C 29 -8.18 7.28 -41.34
N ILE C 30 -6.87 7.03 -41.47
CA ILE C 30 -5.98 7.96 -42.18
C ILE C 30 -5.77 7.42 -43.59
N GLN C 31 -5.95 8.29 -44.58
CA GLN C 31 -5.81 7.94 -45.99
C GLN C 31 -4.35 7.93 -46.41
N PRO C 32 -4.05 7.37 -47.58
CA PRO C 32 -2.64 7.30 -48.00
C PRO C 32 -2.02 8.67 -48.18
N ASP C 33 -2.83 9.67 -48.54
CA ASP C 33 -2.34 11.05 -48.58
C ASP C 33 -2.23 11.69 -47.19
N GLY C 34 -2.72 11.04 -46.12
CA GLY C 34 -2.53 11.55 -44.78
C GLY C 34 -3.70 12.33 -44.22
N GLN C 35 -4.70 12.66 -45.05
CA GLN C 35 -5.92 13.26 -44.54
C GLN C 35 -6.67 12.25 -43.68
N MET C 36 -7.34 12.77 -42.64
CA MET C 36 -8.15 11.96 -41.73
C MET C 36 -9.46 12.71 -41.49
N PRO C 37 -10.52 12.36 -42.23
CA PRO C 37 -11.79 13.11 -42.09
C PRO C 37 -12.30 13.25 -40.67
N SER C 38 -12.00 12.28 -39.79
CA SER C 38 -12.50 12.35 -38.42
C SER C 38 -11.80 13.45 -37.61
N ASP C 39 -10.48 13.65 -37.77
CA ASP C 39 -9.85 14.71 -36.97
C ASP C 39 -10.43 16.05 -37.37
N LYS C 40 -11.26 16.62 -36.50
CA LYS C 40 -11.78 17.96 -36.69
C LYS C 40 -10.81 19.05 -36.22
N THR C 41 -9.76 18.69 -35.48
CA THR C 41 -8.71 19.61 -35.02
C THR C 41 -7.66 19.76 -36.12
N ILE C 42 -7.80 20.77 -36.96
CA ILE C 42 -6.89 20.90 -38.10
C ILE C 42 -5.57 21.50 -37.63
N GLY C 43 -4.47 20.86 -38.00
CA GLY C 43 -3.14 21.35 -37.71
C GLY C 43 -2.52 20.85 -36.42
N GLY C 44 -3.33 20.24 -35.55
CA GLY C 44 -2.80 19.69 -34.33
C GLY C 44 -3.86 18.96 -33.53
N GLY C 45 -3.54 18.76 -32.26
CA GLY C 45 -4.44 18.13 -31.32
C GLY C 45 -3.65 17.33 -30.31
N ASP C 46 -4.37 16.87 -29.28
CA ASP C 46 -3.79 16.02 -28.24
C ASP C 46 -4.51 14.69 -28.15
N ASP C 47 -5.19 14.27 -29.22
CA ASP C 47 -5.86 12.98 -29.24
C ASP C 47 -4.85 11.85 -29.07
N SER C 48 -5.39 10.66 -28.78
CA SER C 48 -4.52 9.54 -28.50
C SER C 48 -3.65 9.19 -29.71
N PHE C 49 -4.23 9.24 -30.92
CA PHE C 49 -3.43 8.93 -32.12
C PHE C 49 -2.32 9.94 -32.35
N ASN C 50 -2.38 11.12 -31.73
CA ASN C 50 -1.30 12.09 -31.91
C ASN C 50 0.00 11.65 -31.27
N THR C 51 -0.02 10.63 -30.41
CA THR C 51 1.22 10.05 -29.93
C THR C 51 2.05 9.44 -31.08
N PHE C 52 1.39 9.00 -32.16
CA PHE C 52 2.13 8.44 -33.30
C PHE C 52 2.09 9.31 -34.56
N PHE C 53 1.23 10.32 -34.62
CA PHE C 53 1.09 11.13 -35.82
C PHE C 53 1.16 12.59 -35.45
N SER C 54 1.99 13.33 -36.16
CA SER C 54 1.89 14.78 -36.13
C SER C 54 0.95 15.22 -37.25
N GLU C 55 0.57 16.51 -37.20
CA GLU C 55 -0.41 17.08 -38.12
C GLU C 55 0.19 18.35 -38.71
N THR C 56 0.06 18.49 -40.01
CA THR C 56 0.32 19.74 -40.70
C THR C 56 -0.94 20.61 -40.70
N GLY C 57 -0.75 21.90 -41.01
CA GLY C 57 -1.88 22.80 -41.15
C GLY C 57 -2.77 22.45 -42.32
N ALA C 58 -2.22 21.76 -43.32
CA ALA C 58 -2.98 21.34 -44.49
C ALA C 58 -3.73 20.02 -44.27
N GLY C 59 -3.84 19.54 -43.02
CA GLY C 59 -4.64 18.38 -42.70
C GLY C 59 -3.90 17.06 -42.71
N LYS C 60 -2.62 17.05 -43.05
CA LYS C 60 -1.89 15.80 -43.19
C LYS C 60 -1.45 15.26 -41.82
N HIS C 61 -1.64 13.97 -41.62
CA HIS C 61 -1.19 13.27 -40.42
C HIS C 61 0.04 12.49 -40.81
N VAL C 62 1.17 12.83 -40.19
CA VAL C 62 2.49 12.41 -40.61
C VAL C 62 3.06 11.47 -39.53
N PRO C 63 3.41 10.25 -39.88
CA PRO C 63 4.05 9.36 -38.90
C PRO C 63 5.20 10.07 -38.20
N ARG C 64 5.33 9.86 -36.89
CA ARG C 64 6.53 10.28 -36.17
C ARG C 64 7.53 9.14 -36.28
N ALA C 65 8.22 9.09 -37.42
CA ALA C 65 8.99 7.91 -37.80
C ALA C 65 10.19 8.31 -38.65
N VAL C 66 11.27 7.59 -38.48
CA VAL C 66 12.40 7.69 -39.39
C VAL C 66 12.68 6.29 -39.91
N PHE C 67 12.92 6.19 -41.21
CA PHE C 67 13.41 4.98 -41.85
C PHE C 67 14.86 5.22 -42.25
N VAL C 68 15.72 4.25 -41.95
CA VAL C 68 17.14 4.33 -42.25
C VAL C 68 17.58 3.01 -42.84
N ASP C 69 18.27 3.06 -43.96
CA ASP C 69 18.95 1.89 -44.49
C ASP C 69 20.25 2.36 -45.14
N LEU C 70 21.29 1.53 -45.07
CA LEU C 70 22.55 1.97 -45.63
C LEU C 70 22.61 1.77 -47.15
N GLU C 71 21.63 1.09 -47.74
CA GLU C 71 21.44 1.14 -49.19
C GLU C 71 20.06 1.70 -49.50
N PRO C 72 19.79 2.04 -50.78
CA PRO C 72 18.54 2.74 -51.10
C PRO C 72 17.39 1.87 -51.56
N THR C 73 17.61 0.61 -51.93
CA THR C 73 16.57 -0.05 -52.73
C THR C 73 15.30 -0.32 -51.92
N VAL C 74 15.41 -0.65 -50.63
CA VAL C 74 14.20 -0.93 -49.85
C VAL C 74 13.43 0.35 -49.55
N ILE C 75 14.13 1.42 -49.17
CA ILE C 75 13.41 2.65 -48.89
C ILE C 75 12.93 3.36 -50.15
N ASP C 76 13.59 3.13 -51.30
CA ASP C 76 13.05 3.63 -52.57
C ASP C 76 11.65 3.08 -52.84
N GLU C 77 11.31 1.88 -52.35
CA GLU C 77 9.95 1.41 -52.58
C GLU C 77 8.93 2.14 -51.69
N VAL C 78 9.35 2.60 -50.51
CA VAL C 78 8.52 3.50 -49.73
C VAL C 78 8.33 4.82 -50.49
N ARG C 79 9.41 5.36 -51.05
CA ARG C 79 9.35 6.66 -51.72
C ARG C 79 8.38 6.65 -52.90
N THR C 80 8.22 5.50 -53.58
CA THR C 80 7.32 5.45 -54.73
C THR C 80 6.04 4.65 -54.45
N GLY C 81 5.95 3.95 -53.33
CA GLY C 81 4.82 3.10 -53.03
C GLY C 81 3.56 3.85 -52.64
N THR C 82 2.58 3.08 -52.18
CA THR C 82 1.24 3.60 -51.97
C THR C 82 1.23 4.72 -50.92
N TYR C 83 2.11 4.64 -49.92
CA TYR C 83 2.07 5.56 -48.78
C TYR C 83 3.15 6.64 -48.87
N ARG C 84 3.68 6.87 -50.08
CA ARG C 84 4.72 7.87 -50.27
C ARG C 84 4.25 9.27 -49.89
N GLN C 85 2.97 9.60 -50.08
CA GLN C 85 2.52 10.92 -49.64
C GLN C 85 2.51 11.05 -48.12
N LEU C 86 2.67 9.94 -47.41
CA LEU C 86 2.53 9.96 -45.96
C LEU C 86 3.76 10.57 -45.29
N PHE C 87 4.94 10.39 -45.89
CA PHE C 87 6.20 10.72 -45.24
C PHE C 87 6.86 11.92 -45.90
N HIS C 88 7.33 12.86 -45.10
CA HIS C 88 8.21 13.91 -45.60
C HIS C 88 9.52 13.28 -46.08
N PRO C 89 10.04 13.66 -47.23
CA PRO C 89 11.29 13.04 -47.74
C PRO C 89 12.40 12.95 -46.71
N GLU C 90 12.55 13.95 -45.84
CA GLU C 90 13.63 13.94 -44.86
C GLU C 90 13.51 12.81 -43.82
N GLN C 91 12.32 12.20 -43.67
CA GLN C 91 12.15 11.05 -42.76
C GLN C 91 12.71 9.77 -43.33
N LEU C 92 13.09 9.75 -44.62
CA LEU C 92 13.49 8.55 -45.36
C LEU C 92 14.96 8.68 -45.75
N ILE C 93 15.86 8.07 -44.98
CA ILE C 93 17.30 8.26 -45.10
C ILE C 93 17.95 6.98 -45.63
N THR C 94 18.71 7.12 -46.72
CA THR C 94 19.42 6.01 -47.33
C THR C 94 20.85 6.42 -47.63
N GLY C 95 21.78 5.48 -47.48
CA GLY C 95 23.11 5.57 -48.05
C GLY C 95 23.16 4.91 -49.41
N LYS C 96 24.37 4.58 -49.85
CA LYS C 96 24.56 3.99 -51.17
C LYS C 96 25.11 2.57 -51.13
N GLU C 97 25.57 2.10 -49.97
CA GLU C 97 26.27 0.84 -49.86
C GLU C 97 25.90 0.24 -48.51
N ASP C 98 25.37 -0.99 -48.49
CA ASP C 98 24.80 -1.50 -47.25
C ASP C 98 25.91 -2.09 -46.37
N ALA C 99 25.55 -2.78 -45.30
CA ALA C 99 26.56 -3.26 -44.39
C ALA C 99 27.10 -4.63 -44.80
N ALA C 100 26.62 -5.14 -45.95
CA ALA C 100 27.02 -6.46 -46.46
C ALA C 100 26.95 -7.56 -45.40
N ASN C 101 25.85 -7.59 -44.63
CA ASN C 101 25.68 -8.61 -43.59
C ASN C 101 26.75 -8.57 -42.52
N ASN C 102 27.46 -7.46 -42.37
CA ASN C 102 28.61 -7.35 -41.48
C ASN C 102 28.36 -6.29 -40.40
N TYR C 103 28.30 -6.71 -39.14
CA TYR C 103 28.06 -5.78 -38.04
C TYR C 103 29.11 -4.67 -38.00
N ALA C 104 30.38 -5.00 -38.25
CA ALA C 104 31.43 -3.99 -38.23
C ALA C 104 31.17 -2.87 -39.24
N ARG C 105 30.66 -3.22 -40.43
CA ARG C 105 30.35 -2.18 -41.41
C ARG C 105 29.14 -1.36 -41.01
N GLY C 106 28.14 -2.00 -40.37
CA GLY C 106 26.98 -1.26 -39.91
C GLY C 106 27.33 -0.31 -38.78
N HIS C 107 28.11 -0.78 -37.80
CA HIS C 107 28.47 0.01 -36.63
C HIS C 107 29.57 1.04 -36.92
N TYR C 108 30.57 0.68 -37.73
CA TYR C 108 31.74 1.55 -37.93
C TYR C 108 31.84 2.02 -39.37
N THR C 109 32.24 1.15 -40.31
CA THR C 109 32.76 1.62 -41.59
C THR C 109 31.71 2.39 -42.38
N ILE C 110 30.55 1.80 -42.58
CA ILE C 110 29.51 2.48 -43.34
C ILE C 110 28.65 3.36 -42.43
N GLY C 111 28.10 2.76 -41.35
CA GLY C 111 27.16 3.49 -40.50
C GLY C 111 27.71 4.78 -39.93
N LYS C 112 29.01 4.85 -39.66
CA LYS C 112 29.58 6.08 -39.14
C LYS C 112 29.53 7.22 -40.15
N GLU C 113 29.21 6.93 -41.41
CA GLU C 113 29.08 7.95 -42.43
C GLU C 113 27.69 8.59 -42.44
N ILE C 114 26.69 7.98 -41.79
CA ILE C 114 25.33 8.47 -41.85
C ILE C 114 24.72 8.77 -40.47
N ILE C 115 25.43 8.49 -39.37
CA ILE C 115 24.82 8.56 -38.04
C ILE C 115 24.47 10.00 -37.65
N ASP C 116 25.33 10.96 -37.99
CA ASP C 116 25.01 12.35 -37.64
C ASP C 116 23.77 12.82 -38.38
N LEU C 117 23.70 12.53 -39.67
CA LEU C 117 22.50 12.85 -40.42
C LEU C 117 21.27 12.21 -39.77
N VAL C 118 21.36 10.94 -39.40
CA VAL C 118 20.20 10.27 -38.82
C VAL C 118 19.81 10.95 -37.50
N LEU C 119 20.80 11.23 -36.62
CA LEU C 119 20.47 11.87 -35.34
C LEU C 119 19.90 13.27 -35.55
N ASP C 120 20.34 13.99 -36.59
CA ASP C 120 19.73 15.27 -36.92
C ASP C 120 18.26 15.11 -37.25
N ARG C 121 17.94 14.09 -38.06
CA ARG C 121 16.55 13.90 -38.46
C ARG C 121 15.68 13.48 -37.28
N ILE C 122 16.19 12.62 -36.41
CA ILE C 122 15.46 12.30 -35.18
C ILE C 122 15.29 13.56 -34.33
N ARG C 123 16.35 14.36 -34.22
CA ARG C 123 16.24 15.58 -33.43
C ARG C 123 15.11 16.48 -33.95
N LYS C 124 14.95 16.58 -35.27
CA LYS C 124 13.87 17.40 -35.82
C LYS C 124 12.49 16.84 -35.48
N LEU C 125 12.34 15.52 -35.33
CA LEU C 125 11.09 14.95 -34.86
C LEU C 125 10.89 15.24 -33.36
N ALA C 126 11.95 15.01 -32.56
CA ALA C 126 11.84 15.24 -31.12
C ALA C 126 11.43 16.67 -30.79
N ASP C 127 11.87 17.65 -31.60
CA ASP C 127 11.58 19.05 -31.32
C ASP C 127 10.15 19.44 -31.67
N GLN C 128 9.43 18.62 -32.42
CA GLN C 128 7.99 18.79 -32.59
C GLN C 128 7.17 18.28 -31.40
N CYS C 129 7.78 17.51 -30.50
CA CYS C 129 7.06 16.85 -29.40
C CYS C 129 6.94 17.77 -28.20
N THR C 130 5.75 17.88 -27.64
CA THR C 130 5.58 18.60 -26.40
C THR C 130 5.92 17.78 -25.15
N GLY C 131 5.91 16.45 -25.25
CA GLY C 131 6.25 15.60 -24.11
C GLY C 131 6.74 14.23 -24.55
N LEU C 132 7.83 14.20 -25.29
CA LEU C 132 8.37 12.98 -25.86
C LEU C 132 8.56 11.91 -24.78
N GLN C 133 7.94 10.76 -25.02
CA GLN C 133 7.97 9.62 -24.11
C GLN C 133 9.12 8.66 -24.42
N GLY C 134 9.35 8.35 -25.70
CA GLY C 134 10.49 7.51 -26.01
C GLY C 134 10.51 7.08 -27.46
N PHE C 135 11.34 6.08 -27.72
CA PHE C 135 11.60 5.60 -29.06
C PHE C 135 11.21 4.14 -29.17
N LEU C 136 10.79 3.76 -30.37
CA LEU C 136 10.51 2.39 -30.76
C LEU C 136 11.43 2.07 -31.93
N VAL C 137 12.37 1.16 -31.72
CA VAL C 137 13.38 0.81 -32.70
C VAL C 137 13.09 -0.58 -33.26
N PHE C 138 12.96 -0.66 -34.59
CA PHE C 138 12.68 -1.88 -35.33
C PHE C 138 13.89 -2.25 -36.17
N HIS C 139 14.31 -3.51 -36.14
CA HIS C 139 15.55 -3.92 -36.79
C HIS C 139 15.74 -5.43 -36.70
N SER C 140 16.48 -6.00 -37.64
CA SER C 140 16.84 -7.40 -37.58
C SER C 140 18.09 -7.57 -36.72
N PHE C 141 18.20 -8.73 -36.06
CA PHE C 141 19.43 -9.15 -35.42
C PHE C 141 20.48 -9.52 -36.45
N GLY C 142 20.04 -10.00 -37.61
CA GLY C 142 20.85 -10.72 -38.57
C GLY C 142 21.56 -9.89 -39.61
N GLY C 143 20.94 -8.81 -40.11
CA GLY C 143 21.58 -7.97 -41.11
C GLY C 143 22.68 -7.13 -40.50
N GLY C 144 23.58 -6.67 -41.36
CA GLY C 144 24.68 -5.83 -40.93
C GLY C 144 24.23 -4.46 -40.47
N THR C 145 23.16 -3.94 -41.07
CA THR C 145 22.57 -2.66 -40.66
C THR C 145 21.68 -2.82 -39.42
N GLY C 146 20.72 -3.75 -39.46
CA GLY C 146 19.87 -3.96 -38.30
C GLY C 146 20.64 -4.23 -37.02
N SER C 147 21.80 -4.91 -37.11
CA SER C 147 22.61 -5.20 -35.93
C SER C 147 23.60 -4.07 -35.62
N GLY C 148 24.54 -3.82 -36.53
CA GLY C 148 25.58 -2.83 -36.27
C GLY C 148 25.08 -1.39 -36.24
N PHE C 149 24.25 -0.99 -37.22
CA PHE C 149 23.84 0.42 -37.21
C PHE C 149 22.89 0.72 -36.05
N THR C 150 21.93 -0.19 -35.79
CA THR C 150 21.04 -0.04 -34.64
C THR C 150 21.81 0.16 -33.34
N SER C 151 22.86 -0.62 -33.11
CA SER C 151 23.48 -0.45 -31.80
C SER C 151 24.33 0.82 -31.73
N LEU C 152 24.98 1.20 -32.84
CA LEU C 152 25.57 2.53 -32.92
C LEU C 152 24.53 3.60 -32.62
N LEU C 153 23.33 3.45 -33.20
CA LEU C 153 22.24 4.39 -32.95
C LEU C 153 21.81 4.39 -31.48
N MET C 154 21.68 3.21 -30.87
CA MET C 154 21.20 3.13 -29.49
C MET C 154 22.18 3.80 -28.53
N GLU C 155 23.48 3.57 -28.72
CA GLU C 155 24.47 4.28 -27.92
C GLU C 155 24.32 5.79 -28.10
N ARG C 156 24.19 6.26 -29.35
CA ARG C 156 24.09 7.69 -29.58
C ARG C 156 22.82 8.27 -28.95
N LEU C 157 21.70 7.52 -28.95
CA LEU C 157 20.48 8.04 -28.35
C LEU C 157 20.57 8.11 -26.83
N SER C 158 21.24 7.16 -26.19
CA SER C 158 21.48 7.29 -24.76
C SER C 158 22.24 8.57 -24.44
N VAL C 159 23.11 8.98 -25.34
CA VAL C 159 23.90 10.20 -25.13
C VAL C 159 23.05 11.43 -25.37
N ASP C 160 22.33 11.46 -26.49
CA ASP C 160 21.53 12.62 -26.86
C ASP C 160 20.23 12.70 -26.07
N TYR C 161 19.73 11.59 -25.52
CA TYR C 161 18.47 11.64 -24.79
C TYR C 161 18.53 10.92 -23.45
N GLY C 162 19.73 10.67 -22.93
CA GLY C 162 19.84 10.19 -21.56
C GLY C 162 19.04 8.94 -21.34
N LYS C 163 18.16 8.98 -20.34
CA LYS C 163 17.48 7.77 -19.91
C LYS C 163 16.08 7.63 -20.51
N LYS C 164 15.63 8.64 -21.27
CA LYS C 164 14.47 8.54 -22.16
C LYS C 164 14.33 7.12 -22.73
N SER C 165 13.15 6.54 -22.62
CA SER C 165 13.02 5.10 -22.79
C SER C 165 13.15 4.69 -24.27
N LYS C 166 13.77 3.53 -24.48
CA LYS C 166 13.98 2.96 -25.80
C LYS C 166 13.48 1.52 -25.74
N LEU C 167 12.45 1.23 -26.52
CA LEU C 167 11.89 -0.09 -26.74
C LEU C 167 12.38 -0.61 -28.09
N GLU C 168 12.54 -1.92 -28.16
CA GLU C 168 12.99 -2.57 -29.39
C GLU C 168 11.97 -3.60 -29.87
N PHE C 169 11.84 -3.69 -31.19
CA PHE C 169 11.31 -4.87 -31.87
C PHE C 169 12.41 -5.45 -32.72
N SER C 170 12.82 -6.68 -32.38
CA SER C 170 14.05 -7.26 -32.86
C SER C 170 13.72 -8.55 -33.58
N ILE C 171 14.19 -8.68 -34.83
CA ILE C 171 13.92 -9.88 -35.61
C ILE C 171 15.05 -10.86 -35.39
N TYR C 172 14.75 -11.92 -34.70
CA TYR C 172 15.66 -12.99 -34.38
C TYR C 172 15.72 -13.95 -35.58
N PRO C 173 16.91 -14.40 -35.97
CA PRO C 173 17.04 -15.06 -37.28
C PRO C 173 16.53 -16.50 -37.25
N ALA C 174 16.06 -16.93 -38.41
CA ALA C 174 15.57 -18.27 -38.69
C ALA C 174 16.20 -18.80 -39.97
N PRO C 175 16.57 -20.08 -40.01
CA PRO C 175 17.23 -20.60 -41.22
C PRO C 175 16.33 -20.60 -42.46
N GLN C 176 14.99 -20.65 -42.32
CA GLN C 176 14.11 -20.68 -43.49
C GLN C 176 14.11 -19.37 -44.26
N VAL C 177 14.44 -18.23 -43.64
CA VAL C 177 14.46 -16.97 -44.39
C VAL C 177 15.75 -16.17 -44.19
N SER C 178 16.77 -16.75 -43.59
CA SER C 178 18.01 -16.01 -43.35
C SER C 178 18.73 -15.67 -44.65
N THR C 179 19.64 -14.69 -44.56
CA THR C 179 20.39 -14.19 -45.72
C THR C 179 21.91 -14.32 -45.58
N ALA C 180 22.41 -14.58 -44.38
CA ALA C 180 23.85 -14.66 -44.13
C ALA C 180 24.13 -15.80 -43.18
N VAL C 181 25.25 -16.49 -43.39
CA VAL C 181 25.69 -17.50 -42.44
C VAL C 181 26.22 -16.86 -41.15
N VAL C 182 26.50 -15.55 -41.15
CA VAL C 182 27.09 -14.90 -39.99
C VAL C 182 26.05 -14.23 -39.10
N GLU C 183 24.76 -14.52 -39.30
CA GLU C 183 23.76 -13.91 -38.44
C GLU C 183 23.99 -14.20 -36.94
N PRO C 184 24.51 -15.36 -36.52
CA PRO C 184 24.73 -15.54 -35.06
C PRO C 184 25.73 -14.53 -34.51
N TYR C 185 26.80 -14.25 -35.25
CA TYR C 185 27.77 -13.22 -34.88
C TYR C 185 27.11 -11.86 -34.73
N ASN C 186 26.47 -11.39 -35.80
CA ASN C 186 25.80 -10.10 -35.73
C ASN C 186 24.82 -10.06 -34.56
N SER C 187 24.05 -11.14 -34.38
CA SER C 187 23.04 -11.21 -33.30
C SER C 187 23.69 -11.02 -31.94
N ILE C 188 24.78 -11.73 -31.67
CA ILE C 188 25.42 -11.65 -30.34
C ILE C 188 26.09 -10.31 -30.13
N LEU C 189 26.69 -9.74 -31.18
CA LEU C 189 27.33 -8.42 -31.04
C LEU C 189 26.29 -7.34 -30.74
N THR C 190 25.17 -7.30 -31.47
CA THR C 190 24.21 -6.23 -31.22
C THR C 190 23.49 -6.42 -29.89
N THR C 191 23.19 -7.67 -29.52
CA THR C 191 22.61 -7.91 -28.21
C THR C 191 23.53 -7.43 -27.11
N HIS C 192 24.84 -7.73 -27.20
CA HIS C 192 25.77 -7.24 -26.19
C HIS C 192 25.85 -5.72 -26.17
N THR C 193 25.94 -5.10 -27.34
CA THR C 193 26.13 -3.64 -27.36
C THR C 193 24.88 -2.88 -26.92
N THR C 194 23.70 -3.42 -27.19
CA THR C 194 22.45 -2.73 -26.97
C THR C 194 21.88 -2.94 -25.56
N LEU C 195 22.35 -3.95 -24.85
CA LEU C 195 21.68 -4.42 -23.64
C LEU C 195 21.48 -3.30 -22.61
N GLU C 196 22.55 -2.55 -22.28
CA GLU C 196 22.48 -1.38 -21.40
C GLU C 196 21.65 -0.23 -21.96
N HIS C 197 21.41 -0.18 -23.27
CA HIS C 197 20.78 1.01 -23.83
C HIS C 197 19.32 0.79 -24.12
N SER C 198 18.79 -0.38 -23.83
CA SER C 198 17.41 -0.70 -24.13
C SER C 198 16.68 -1.01 -22.84
N ASP C 199 15.45 -0.51 -22.74
CA ASP C 199 14.58 -0.67 -21.58
C ASP C 199 13.69 -1.88 -21.70
N CYS C 200 13.33 -2.22 -22.93
CA CYS C 200 12.42 -3.30 -23.18
C CYS C 200 12.57 -3.69 -24.63
N ALA C 201 12.63 -4.99 -24.88
CA ALA C 201 12.96 -5.51 -26.19
C ALA C 201 12.04 -6.71 -26.49
N PHE C 202 11.15 -6.57 -27.47
CA PHE C 202 10.26 -7.64 -27.91
C PHE C 202 10.91 -8.37 -29.07
N MET C 203 11.37 -9.59 -28.80
CA MET C 203 11.98 -10.44 -29.82
C MET C 203 10.92 -11.12 -30.64
N VAL C 204 11.16 -11.19 -31.95
CA VAL C 204 10.24 -11.86 -32.87
C VAL C 204 11.09 -12.84 -33.64
N ASP C 205 10.86 -14.13 -33.39
CA ASP C 205 11.62 -15.21 -33.98
C ASP C 205 11.01 -15.50 -35.35
N ASN C 206 11.79 -15.29 -36.42
CA ASN C 206 11.23 -15.49 -37.76
C ASN C 206 10.72 -16.90 -37.95
N GLU C 207 11.30 -17.89 -37.29
CA GLU C 207 10.81 -19.25 -37.46
C GLU C 207 9.45 -19.45 -36.77
N ALA C 208 9.24 -18.79 -35.62
CA ALA C 208 7.92 -18.84 -34.98
C ALA C 208 6.84 -18.20 -35.87
N ILE C 209 7.11 -17.02 -36.41
CA ILE C 209 6.17 -16.35 -37.31
C ILE C 209 5.98 -17.18 -38.57
N TYR C 210 7.05 -17.81 -39.06
CA TYR C 210 6.99 -18.65 -40.24
C TYR C 210 6.10 -19.85 -40.02
N ASP C 211 6.27 -20.53 -38.86
CA ASP C 211 5.43 -21.68 -38.56
C ASP C 211 3.97 -21.28 -38.40
N ILE C 212 3.71 -20.13 -37.75
CA ILE C 212 2.32 -19.70 -37.57
C ILE C 212 1.64 -19.47 -38.91
N CYS C 213 2.33 -18.80 -39.83
CA CYS C 213 1.78 -18.60 -41.17
C CYS C 213 1.50 -19.94 -41.86
N ARG C 214 2.46 -20.87 -41.84
CA ARG C 214 2.26 -22.15 -42.51
C ARG C 214 1.08 -22.91 -41.92
N ARG C 215 1.02 -22.98 -40.59
CA ARG C 215 0.13 -23.87 -39.88
C ARG C 215 -1.26 -23.25 -39.66
N ASN C 216 -1.34 -21.98 -39.30
CA ASN C 216 -2.62 -21.33 -39.01
C ASN C 216 -3.23 -20.61 -40.20
N LEU C 217 -2.42 -20.14 -41.16
CA LEU C 217 -2.93 -19.39 -42.30
C LEU C 217 -2.88 -20.18 -43.61
N ASP C 218 -2.35 -21.40 -43.58
CA ASP C 218 -2.26 -22.28 -44.74
C ASP C 218 -1.45 -21.69 -45.89
N ILE C 219 -0.47 -20.83 -45.57
CA ILE C 219 0.49 -20.34 -46.56
C ILE C 219 1.62 -21.37 -46.68
N GLU C 220 1.71 -22.04 -47.83
CA GLU C 220 2.69 -23.12 -47.94
C GLU C 220 4.13 -22.61 -47.82
N ARG C 221 4.43 -21.42 -48.36
CA ARG C 221 5.79 -20.86 -48.31
C ARG C 221 5.73 -19.37 -48.03
N PRO C 222 5.58 -19.00 -46.75
CA PRO C 222 5.35 -17.58 -46.40
C PRO C 222 6.44 -16.67 -46.96
N THR C 223 6.05 -15.43 -47.26
CA THR C 223 6.97 -14.37 -47.65
C THR C 223 7.16 -13.42 -46.47
N TYR C 224 8.10 -12.47 -46.68
CA TYR C 224 8.21 -11.34 -45.77
C TYR C 224 6.89 -10.56 -45.71
N THR C 225 6.15 -10.51 -46.82
CA THR C 225 4.85 -9.86 -46.78
C THR C 225 3.89 -10.59 -45.87
N ASN C 226 3.84 -11.93 -45.97
CA ASN C 226 3.06 -12.72 -45.00
C ASN C 226 3.51 -12.48 -43.56
N LEU C 227 4.83 -12.53 -43.31
CA LEU C 227 5.34 -12.45 -41.95
C LEU C 227 5.10 -11.08 -41.35
N ASN C 228 5.30 -10.03 -42.15
CA ASN C 228 5.20 -8.67 -41.65
C ASN C 228 3.78 -8.34 -41.27
N ARG C 229 2.82 -8.84 -42.04
CA ARG C 229 1.43 -8.54 -41.73
C ARG C 229 1.01 -9.20 -40.43
N LEU C 230 1.56 -10.38 -40.11
CA LEU C 230 1.29 -10.91 -38.79
C LEU C 230 2.06 -10.11 -37.73
N ILE C 231 3.32 -9.80 -38.01
CA ILE C 231 4.11 -9.03 -37.06
C ILE C 231 3.44 -7.68 -36.77
N SER C 232 2.89 -7.02 -37.80
CA SER C 232 2.30 -5.72 -37.49
C SER C 232 1.11 -5.85 -36.54
N GLN C 233 0.39 -6.98 -36.61
CA GLN C 233 -0.77 -7.15 -35.73
C GLN C 233 -0.32 -7.22 -34.28
N ILE C 234 0.79 -7.90 -34.00
CA ILE C 234 1.35 -7.93 -32.65
C ILE C 234 1.86 -6.55 -32.27
N VAL C 235 2.61 -5.89 -33.16
CA VAL C 235 3.06 -4.53 -32.83
C VAL C 235 1.85 -3.64 -32.58
N SER C 236 0.82 -3.76 -33.41
CA SER C 236 -0.37 -2.93 -33.22
C SER C 236 -0.98 -3.14 -31.83
N SER C 237 -1.06 -4.41 -31.37
CA SER C 237 -1.63 -4.67 -30.05
C SER C 237 -0.79 -4.04 -28.94
N ILE C 238 0.54 -4.12 -29.06
CA ILE C 238 1.37 -3.52 -28.02
C ILE C 238 1.24 -2.00 -28.01
N THR C 239 1.09 -1.38 -29.20
CA THR C 239 1.04 0.08 -29.22
C THR C 239 -0.37 0.65 -29.09
N ALA C 240 -1.42 -0.20 -29.12
CA ALA C 240 -2.79 0.32 -29.12
C ALA C 240 -3.11 1.11 -27.86
N SER C 241 -2.57 0.70 -26.72
CA SER C 241 -2.76 1.45 -25.48
C SER C 241 -2.20 2.86 -25.57
N LEU C 242 -1.17 3.09 -26.39
CA LEU C 242 -0.63 4.42 -26.61
C LEU C 242 -1.47 5.23 -27.58
N ARG C 243 -2.09 4.57 -28.56
CA ARG C 243 -2.72 5.24 -29.68
C ARG C 243 -4.22 5.45 -29.49
N PHE C 244 -4.86 4.65 -28.65
CA PHE C 244 -6.28 4.74 -28.40
C PHE C 244 -6.56 5.13 -26.97
N ASP C 245 -7.71 5.75 -26.77
CA ASP C 245 -8.17 5.99 -25.42
C ASP C 245 -9.10 4.87 -24.99
N GLY C 246 -9.36 4.81 -23.69
CA GLY C 246 -10.26 3.81 -23.17
C GLY C 246 -10.34 3.81 -21.66
N ALA C 247 -11.52 3.50 -21.13
CA ALA C 247 -11.68 3.33 -19.70
C ALA C 247 -10.79 2.21 -19.17
N LEU C 248 -10.86 1.03 -19.80
CA LEU C 248 -10.10 -0.15 -19.38
C LEU C 248 -8.73 -0.23 -20.05
N ASN C 249 -8.27 0.86 -20.65
CA ASN C 249 -7.04 0.88 -21.42
C ASN C 249 -5.86 1.15 -20.48
N VAL C 250 -5.00 0.16 -20.34
CA VAL C 250 -3.81 0.24 -19.49
C VAL C 250 -2.62 0.63 -20.36
N ASP C 251 -1.85 1.64 -19.92
CA ASP C 251 -0.72 2.11 -20.70
C ASP C 251 0.39 1.06 -20.79
N LEU C 252 1.06 1.02 -21.93
CA LEU C 252 2.21 0.15 -22.10
C LEU C 252 3.23 0.32 -20.96
N THR C 253 3.52 1.56 -20.58
CA THR C 253 4.51 1.78 -19.53
C THR C 253 4.11 1.10 -18.22
N GLU C 254 2.80 1.03 -17.95
CA GLU C 254 2.35 0.37 -16.74
C GLU C 254 2.57 -1.15 -16.81
N PHE C 255 2.29 -1.78 -17.96
CA PHE C 255 2.73 -3.16 -18.14
C PHE C 255 4.24 -3.28 -17.98
N GLN C 256 4.99 -2.26 -18.40
CA GLN C 256 6.45 -2.33 -18.34
C GLN C 256 6.94 -2.50 -16.90
N THR C 257 6.36 -1.74 -15.96
CA THR C 257 6.66 -1.90 -14.54
C THR C 257 6.67 -3.35 -14.12
N ASN C 258 5.62 -4.09 -14.52
CA ASN C 258 5.52 -5.52 -14.18
C ASN C 258 6.46 -6.39 -15.01
N LEU C 259 6.82 -5.95 -16.23
CA LEU C 259 7.56 -6.84 -17.14
C LEU C 259 9.04 -6.91 -16.85
N VAL C 260 9.63 -5.87 -16.28
CA VAL C 260 11.09 -5.82 -16.12
C VAL C 260 11.45 -5.84 -14.64
N PRO C 261 11.74 -7.00 -14.06
CA PRO C 261 12.10 -7.05 -12.64
C PRO C 261 13.52 -6.60 -12.36
N TYR C 262 14.43 -6.68 -13.33
CA TYR C 262 15.80 -6.21 -13.25
C TYR C 262 16.16 -5.64 -14.60
N PRO C 263 17.05 -4.64 -14.65
CA PRO C 263 17.32 -3.96 -15.94
C PRO C 263 17.58 -4.91 -17.09
N ARG C 264 18.40 -5.95 -16.87
CA ARG C 264 18.80 -6.84 -17.97
C ARG C 264 17.72 -7.87 -18.33
N ILE C 265 16.74 -8.11 -17.43
CA ILE C 265 15.67 -9.06 -17.67
C ILE C 265 14.52 -8.29 -18.33
N HIS C 266 14.66 -8.03 -19.62
CA HIS C 266 13.73 -7.06 -20.21
C HIS C 266 13.25 -7.51 -21.57
N PHE C 267 13.14 -8.83 -21.76
CA PHE C 267 12.74 -9.45 -23.01
C PHE C 267 11.42 -10.20 -22.86
N PRO C 268 10.29 -9.49 -22.95
CA PRO C 268 9.01 -10.16 -22.75
C PRO C 268 8.71 -11.11 -23.90
N LEU C 269 7.97 -12.17 -23.60
CA LEU C 269 7.53 -13.11 -24.61
C LEU C 269 6.13 -12.70 -25.06
N ALA C 270 5.93 -12.63 -26.37
CA ALA C 270 4.65 -12.22 -26.92
C ALA C 270 3.91 -13.42 -27.48
N THR C 271 2.62 -13.47 -27.24
CA THR C 271 1.77 -14.50 -27.80
C THR C 271 0.48 -13.85 -28.26
N TYR C 272 0.05 -14.17 -29.48
CA TYR C 272 -1.08 -13.49 -30.09
C TYR C 272 -2.12 -14.50 -30.56
N ALA C 273 -3.39 -14.19 -30.32
CA ALA C 273 -4.47 -15.00 -30.90
C ALA C 273 -5.66 -14.08 -31.16
N PRO C 274 -6.54 -14.42 -32.12
CA PRO C 274 -6.54 -15.58 -33.01
C PRO C 274 -5.84 -15.27 -34.32
N VAL C 275 -5.04 -16.22 -34.80
CA VAL C 275 -4.44 -16.16 -36.13
C VAL C 275 -5.14 -17.25 -36.92
N ILE C 276 -6.01 -16.84 -37.84
CA ILE C 276 -6.97 -17.76 -38.45
C ILE C 276 -7.36 -17.20 -39.81
N SER C 277 -7.58 -18.09 -40.76
CA SER C 277 -7.88 -17.59 -42.10
C SER C 277 -9.36 -17.24 -42.24
N ALA C 278 -9.66 -16.42 -43.25
CA ALA C 278 -11.05 -16.10 -43.58
C ALA C 278 -11.89 -17.37 -43.71
N GLU C 279 -11.38 -18.36 -44.47
CA GLU C 279 -12.13 -19.58 -44.73
C GLU C 279 -12.53 -20.29 -43.44
N LYS C 280 -11.66 -20.24 -42.43
CA LYS C 280 -11.88 -21.00 -41.21
C LYS C 280 -12.52 -20.19 -40.09
N ALA C 281 -12.38 -18.86 -40.11
CA ALA C 281 -13.12 -18.01 -39.17
C ALA C 281 -14.58 -17.95 -39.52
N TYR C 282 -14.93 -18.28 -40.77
CA TYR C 282 -16.31 -18.22 -41.23
C TYR C 282 -17.22 -19.11 -40.37
N HIS C 283 -18.34 -18.55 -39.92
CA HIS C 283 -19.28 -19.21 -39.02
C HIS C 283 -18.66 -19.67 -37.70
N GLU C 284 -17.41 -19.31 -37.41
CA GLU C 284 -16.75 -19.72 -36.16
C GLU C 284 -16.33 -18.48 -35.36
N GLN C 285 -17.10 -18.15 -34.32
CA GLN C 285 -16.80 -17.01 -33.47
C GLN C 285 -15.94 -17.46 -32.29
N LEU C 286 -14.73 -16.91 -32.18
CA LEU C 286 -13.81 -17.28 -31.11
C LEU C 286 -14.04 -16.37 -29.90
N SER C 287 -14.34 -17.00 -28.77
CA SER C 287 -14.76 -16.29 -27.57
C SER C 287 -13.54 -15.81 -26.80
N VAL C 288 -13.80 -14.98 -25.79
CA VAL C 288 -12.73 -14.53 -24.92
C VAL C 288 -11.96 -15.71 -24.34
N ALA C 289 -12.68 -16.76 -23.92
CA ALA C 289 -12.01 -17.93 -23.34
C ALA C 289 -11.12 -18.63 -24.36
N GLU C 290 -11.62 -18.78 -25.59
CA GLU C 290 -10.84 -19.48 -26.61
C GLU C 290 -9.53 -18.74 -26.93
N ILE C 291 -9.60 -17.44 -27.17
CA ILE C 291 -8.38 -16.72 -27.54
C ILE C 291 -7.44 -16.58 -26.34
N THR C 292 -7.98 -16.46 -25.12
CA THR C 292 -7.12 -16.43 -23.94
C THR C 292 -6.37 -17.76 -23.80
N ASN C 293 -7.10 -18.87 -23.98
CA ASN C 293 -6.47 -20.18 -23.92
C ASN C 293 -5.38 -20.34 -24.96
N ALA C 294 -5.62 -19.84 -26.19
CA ALA C 294 -4.63 -19.91 -27.25
C ALA C 294 -3.31 -19.26 -26.85
N CYS C 295 -3.33 -18.36 -25.85
CA CYS C 295 -2.09 -17.68 -25.46
C CYS C 295 -1.15 -18.56 -24.67
N PHE C 296 -1.66 -19.63 -24.07
CA PHE C 296 -0.79 -20.53 -23.34
C PHE C 296 -0.44 -21.76 -24.16
N GLU C 297 -0.76 -21.72 -25.45
CA GLU C 297 -0.33 -22.73 -26.38
C GLU C 297 0.99 -22.30 -27.02
N PRO C 298 2.12 -22.97 -26.72
CA PRO C 298 3.42 -22.46 -27.20
C PRO C 298 3.49 -22.27 -28.70
N ALA C 299 2.73 -23.03 -29.49
CA ALA C 299 2.75 -22.79 -30.94
C ALA C 299 2.20 -21.44 -31.35
N ASN C 300 1.68 -20.62 -30.44
CA ASN C 300 1.21 -19.27 -30.78
C ASN C 300 2.18 -18.17 -30.37
N GLN C 301 3.40 -18.50 -29.94
CA GLN C 301 4.35 -17.50 -29.43
C GLN C 301 5.18 -16.85 -30.54
N MET C 302 5.59 -15.60 -30.30
CA MET C 302 6.53 -14.92 -31.20
C MET C 302 7.90 -15.55 -31.18
N VAL C 303 8.24 -16.25 -30.11
CA VAL C 303 9.56 -16.85 -29.95
C VAL C 303 9.41 -18.32 -29.61
N LYS C 304 10.17 -19.17 -30.28
CA LYS C 304 10.16 -20.59 -29.98
C LYS C 304 10.91 -20.87 -28.67
N CYS C 305 10.20 -21.45 -27.71
CA CYS C 305 10.68 -21.80 -26.38
C CYS C 305 9.48 -22.41 -25.66
N ASP C 306 9.73 -22.97 -24.48
CA ASP C 306 8.69 -23.72 -23.78
C ASP C 306 8.47 -23.12 -22.40
N PRO C 307 7.49 -22.22 -22.24
CA PRO C 307 7.24 -21.63 -20.91
C PRO C 307 6.72 -22.63 -19.90
N ARG C 308 6.20 -23.78 -20.36
CA ARG C 308 5.84 -24.85 -19.44
C ARG C 308 7.05 -25.40 -18.69
N HIS C 309 8.26 -25.21 -19.21
CA HIS C 309 9.46 -25.69 -18.55
C HIS C 309 10.32 -24.54 -18.02
N GLY C 310 9.78 -23.33 -17.97
CA GLY C 310 10.39 -22.21 -17.28
C GLY C 310 9.49 -21.69 -16.17
N LYS C 311 9.75 -20.45 -15.71
CA LYS C 311 8.97 -19.83 -14.67
C LYS C 311 8.54 -18.43 -15.11
N TYR C 312 7.35 -18.05 -14.65
CA TYR C 312 6.81 -16.74 -14.93
C TYR C 312 7.26 -15.72 -13.91
N MET C 313 7.62 -14.55 -14.40
CA MET C 313 7.85 -13.38 -13.57
C MET C 313 6.78 -12.33 -13.80
N ALA C 314 5.86 -12.59 -14.71
CA ALA C 314 4.83 -11.64 -15.10
C ALA C 314 4.01 -12.21 -16.24
N CYS C 315 2.78 -11.77 -16.30
CA CYS C 315 1.82 -12.20 -17.31
C CYS C 315 0.84 -11.04 -17.50
N CYS C 316 0.88 -10.44 -18.68
CA CYS C 316 0.00 -9.35 -19.06
C CYS C 316 -0.87 -9.78 -20.23
N LEU C 317 -2.14 -9.40 -20.18
CA LEU C 317 -3.09 -9.71 -21.24
C LEU C 317 -3.55 -8.39 -21.85
N LEU C 318 -3.29 -8.21 -23.15
CA LEU C 318 -3.72 -7.00 -23.88
C LEU C 318 -4.83 -7.39 -24.86
N TYR C 319 -6.07 -7.12 -24.48
CA TYR C 319 -7.22 -7.46 -25.30
C TYR C 319 -7.57 -6.28 -26.19
N ARG C 320 -8.09 -6.58 -27.38
CA ARG C 320 -8.72 -5.50 -28.13
C ARG C 320 -10.03 -6.00 -28.73
N GLY C 321 -10.99 -5.07 -28.83
CA GLY C 321 -12.28 -5.36 -29.40
C GLY C 321 -13.36 -5.66 -28.37
N ASP C 322 -14.19 -6.64 -28.71
CA ASP C 322 -15.42 -6.93 -27.99
C ASP C 322 -15.11 -7.84 -26.81
N VAL C 323 -14.76 -7.22 -25.67
CA VAL C 323 -14.22 -7.92 -24.51
C VAL C 323 -14.61 -7.14 -23.27
N VAL C 324 -15.19 -7.83 -22.29
CA VAL C 324 -15.54 -7.17 -21.03
C VAL C 324 -14.80 -7.89 -19.91
N PRO C 325 -14.54 -7.21 -18.79
CA PRO C 325 -13.71 -7.83 -17.73
C PRO C 325 -14.27 -9.15 -17.21
N LYS C 326 -15.59 -9.26 -17.05
CA LYS C 326 -16.18 -10.49 -16.51
C LYS C 326 -15.74 -11.72 -17.31
N ASP C 327 -15.78 -11.62 -18.65
CA ASP C 327 -15.38 -12.75 -19.48
C ASP C 327 -13.90 -13.06 -19.31
N VAL C 328 -13.06 -12.02 -19.36
CA VAL C 328 -11.63 -12.18 -19.07
C VAL C 328 -11.43 -12.90 -17.74
N ASN C 329 -12.04 -12.39 -16.66
CA ASN C 329 -11.81 -12.98 -15.34
C ASN C 329 -12.20 -14.45 -15.31
N ALA C 330 -13.32 -14.82 -15.97
CA ALA C 330 -13.72 -16.23 -16.02
C ALA C 330 -12.73 -17.07 -16.82
N ALA C 331 -12.29 -16.57 -17.98
CA ALA C 331 -11.34 -17.30 -18.81
C ALA C 331 -10.03 -17.53 -18.08
N ILE C 332 -9.56 -16.52 -17.36
CA ILE C 332 -8.32 -16.65 -16.58
C ILE C 332 -8.47 -17.71 -15.49
N ALA C 333 -9.60 -17.68 -14.76
CA ALA C 333 -9.81 -18.61 -13.67
C ALA C 333 -9.79 -20.06 -14.13
N THR C 334 -10.27 -20.35 -15.34
CA THR C 334 -10.22 -21.74 -15.77
C THR C 334 -8.84 -22.12 -16.30
N ILE C 335 -8.10 -21.15 -16.88
CA ILE C 335 -6.74 -21.43 -17.35
C ILE C 335 -5.83 -21.77 -16.19
N LYS C 336 -6.03 -21.14 -15.03
CA LYS C 336 -5.14 -21.39 -13.90
C LYS C 336 -5.25 -22.84 -13.44
N THR C 337 -6.48 -23.33 -13.27
CA THR C 337 -6.66 -24.71 -12.83
C THR C 337 -6.15 -25.70 -13.87
N LYS C 338 -6.31 -25.38 -15.16
CA LYS C 338 -6.10 -26.35 -16.23
C LYS C 338 -4.75 -26.23 -16.92
N ARG C 339 -3.87 -25.34 -16.48
CA ARG C 339 -2.68 -25.00 -17.24
C ARG C 339 -1.42 -25.01 -16.36
N SER C 340 -0.28 -25.08 -17.06
CA SER C 340 1.04 -25.25 -16.44
C SER C 340 1.68 -23.87 -16.28
N ILE C 341 1.32 -23.18 -15.18
CA ILE C 341 1.66 -21.75 -15.02
C ILE C 341 2.31 -21.56 -13.65
N GLN C 342 3.63 -21.75 -13.58
CA GLN C 342 4.38 -21.61 -12.34
C GLN C 342 5.14 -20.30 -12.32
N PHE C 343 4.91 -19.50 -11.28
CA PHE C 343 5.59 -18.22 -11.05
C PHE C 343 6.79 -18.42 -10.13
N VAL C 344 7.85 -17.62 -10.34
CA VAL C 344 8.95 -17.54 -9.38
C VAL C 344 8.37 -17.17 -8.00
N ASP C 345 9.07 -17.52 -6.94
CA ASP C 345 8.44 -17.35 -5.62
C ASP C 345 8.46 -15.91 -5.15
N TRP C 346 9.09 -15.01 -5.89
CA TRP C 346 9.25 -13.64 -5.43
C TRP C 346 8.35 -12.65 -6.18
N CYS C 347 7.39 -13.11 -6.98
CA CYS C 347 6.46 -12.11 -7.49
C CYS C 347 5.04 -12.62 -7.46
N PRO C 348 4.07 -11.72 -7.32
CA PRO C 348 2.65 -12.13 -7.25
C PRO C 348 2.22 -12.82 -8.53
N THR C 349 1.21 -13.68 -8.42
CA THR C 349 0.79 -14.51 -9.54
C THR C 349 -0.38 -13.93 -10.34
N GLY C 350 -0.86 -12.74 -10.02
CA GLY C 350 -1.94 -12.16 -10.81
C GLY C 350 -1.54 -11.92 -12.25
N PHE C 351 -2.56 -11.80 -13.10
CA PHE C 351 -2.40 -11.43 -14.50
C PHE C 351 -2.84 -9.99 -14.68
N LYS C 352 -2.01 -9.17 -15.28
CA LYS C 352 -2.41 -7.80 -15.54
C LYS C 352 -3.12 -7.69 -16.89
N VAL C 353 -4.24 -6.98 -16.90
CA VAL C 353 -5.22 -6.99 -17.98
C VAL C 353 -5.43 -5.59 -18.51
N GLY C 354 -5.38 -5.43 -19.82
CA GLY C 354 -5.85 -4.23 -20.46
C GLY C 354 -6.81 -4.62 -21.57
N ILE C 355 -7.78 -3.73 -21.79
CA ILE C 355 -8.81 -3.92 -22.80
C ILE C 355 -8.93 -2.62 -23.59
N ASN C 356 -8.68 -2.70 -24.89
CA ASN C 356 -8.89 -1.63 -25.85
C ASN C 356 -10.09 -1.99 -26.70
N TYR C 357 -11.08 -1.11 -26.79
CA TYR C 357 -12.33 -1.54 -27.40
C TYR C 357 -12.34 -1.43 -28.92
N GLN C 358 -11.42 -0.66 -29.52
CA GLN C 358 -11.32 -0.63 -30.96
C GLN C 358 -10.91 -2.01 -31.44
N PRO C 359 -11.67 -2.64 -32.34
CA PRO C 359 -11.39 -4.05 -32.73
C PRO C 359 -10.27 -4.12 -33.73
N PRO C 360 -9.66 -5.29 -33.90
CA PRO C 360 -8.51 -5.38 -34.80
C PRO C 360 -8.95 -5.12 -36.23
N THR C 361 -8.03 -4.55 -37.00
CA THR C 361 -8.28 -4.35 -38.41
C THR C 361 -7.39 -5.30 -39.18
N VAL C 362 -7.72 -5.49 -40.45
CA VAL C 362 -6.83 -6.24 -41.29
C VAL C 362 -6.63 -5.42 -42.55
N VAL C 363 -5.50 -5.68 -43.19
CA VAL C 363 -5.09 -5.01 -44.40
C VAL C 363 -5.72 -5.75 -45.57
N PRO C 364 -6.26 -5.02 -46.55
CA PRO C 364 -6.83 -5.66 -47.75
C PRO C 364 -5.92 -6.73 -48.33
N GLY C 365 -6.54 -7.81 -48.81
CA GLY C 365 -5.76 -8.86 -49.44
C GLY C 365 -4.78 -9.52 -48.50
N GLY C 366 -5.03 -9.42 -47.21
CA GLY C 366 -4.28 -10.20 -46.26
C GLY C 366 -4.88 -11.58 -46.11
N ASP C 367 -4.19 -12.40 -45.34
CA ASP C 367 -4.67 -13.73 -45.06
C ASP C 367 -5.37 -13.86 -43.71
N LEU C 368 -5.15 -12.93 -42.77
CA LEU C 368 -5.84 -12.95 -41.48
C LEU C 368 -7.33 -12.70 -41.64
N ALA C 369 -8.14 -13.51 -40.97
CA ALA C 369 -9.56 -13.19 -40.87
C ALA C 369 -9.73 -11.93 -40.04
N LYS C 370 -10.67 -11.08 -40.46
CA LYS C 370 -11.09 -9.98 -39.60
C LYS C 370 -11.98 -10.54 -38.49
N VAL C 371 -11.57 -10.34 -37.24
CA VAL C 371 -12.25 -10.93 -36.09
C VAL C 371 -12.76 -9.84 -35.14
N GLN C 372 -13.69 -10.24 -34.27
CA GLN C 372 -14.30 -9.30 -33.32
C GLN C 372 -13.46 -9.01 -32.09
N ARG C 373 -12.52 -9.90 -31.73
CA ARG C 373 -11.74 -9.70 -30.52
C ARG C 373 -10.40 -10.40 -30.66
N ALA C 374 -9.35 -9.79 -30.10
CA ALA C 374 -8.02 -10.37 -30.17
C ALA C 374 -7.31 -10.13 -28.85
N VAL C 375 -6.20 -10.84 -28.64
CA VAL C 375 -5.43 -10.68 -27.41
C VAL C 375 -3.97 -10.85 -27.75
N CYS C 376 -3.14 -9.98 -27.18
CA CYS C 376 -1.71 -10.20 -27.13
C CYS C 376 -1.32 -10.41 -25.67
N MET C 377 -0.71 -11.53 -25.38
CA MET C 377 -0.16 -11.78 -24.06
C MET C 377 1.32 -11.44 -24.07
N LEU C 378 1.76 -10.70 -23.07
CA LEU C 378 3.17 -10.39 -22.85
C LEU C 378 3.53 -11.01 -21.51
N SER C 379 4.40 -12.00 -21.55
CA SER C 379 4.85 -12.61 -20.32
C SER C 379 6.37 -12.52 -20.22
N ASN C 380 6.85 -12.50 -18.99
CA ASN C 380 8.27 -12.60 -18.70
C ASN C 380 8.48 -13.99 -18.08
N THR C 381 9.04 -14.90 -18.89
CA THR C 381 9.40 -16.25 -18.49
C THR C 381 10.90 -16.45 -18.69
N THR C 382 11.47 -17.25 -17.79
CA THR C 382 12.82 -17.75 -17.97
C THR C 382 13.00 -18.52 -19.27
N ALA C 383 11.93 -19.06 -19.86
CA ALA C 383 12.09 -19.89 -21.06
C ALA C 383 12.62 -19.10 -22.26
N ILE C 384 12.38 -17.78 -22.32
CA ILE C 384 12.89 -17.04 -23.46
C ILE C 384 14.40 -17.18 -23.56
N ALA C 385 15.08 -17.48 -22.45
CA ALA C 385 16.51 -17.71 -22.47
C ALA C 385 16.91 -18.85 -23.41
N GLU C 386 16.00 -19.78 -23.71
CA GLU C 386 16.32 -20.82 -24.70
C GLU C 386 16.74 -20.22 -26.03
N ALA C 387 16.13 -19.10 -26.41
CA ALA C 387 16.47 -18.49 -27.69
C ALA C 387 17.89 -17.92 -27.66
N TRP C 388 18.31 -17.36 -26.53
CA TRP C 388 19.72 -17.01 -26.35
C TRP C 388 20.60 -18.25 -26.43
N ALA C 389 20.22 -19.33 -25.73
CA ALA C 389 21.01 -20.56 -25.77
C ALA C 389 21.21 -21.05 -27.21
N ARG C 390 20.13 -21.09 -28.01
CA ARG C 390 20.28 -21.59 -29.38
C ARG C 390 21.26 -20.72 -30.17
N LEU C 391 21.12 -19.39 -30.06
CA LEU C 391 21.99 -18.50 -30.82
C LEU C 391 23.43 -18.56 -30.31
N ASP C 392 23.62 -18.65 -28.99
CA ASP C 392 24.96 -18.79 -28.44
C ASP C 392 25.62 -20.07 -28.90
N HIS C 393 24.86 -21.16 -29.03
CA HIS C 393 25.46 -22.39 -29.53
C HIS C 393 25.97 -22.22 -30.96
N LYS C 394 25.14 -21.64 -31.86
CA LYS C 394 25.58 -21.40 -33.24
C LYS C 394 26.80 -20.48 -33.28
N PHE C 395 26.83 -19.48 -32.42
CA PHE C 395 27.98 -18.60 -32.33
C PHE C 395 29.26 -19.35 -31.96
N ASP C 396 29.17 -20.26 -30.95
CA ASP C 396 30.35 -21.01 -30.49
C ASP C 396 30.87 -21.97 -31.57
N LEU C 397 29.97 -22.62 -32.31
CA LEU C 397 30.46 -23.54 -33.33
C LEU C 397 31.42 -22.84 -34.29
N MET C 398 31.04 -21.63 -34.72
CA MET C 398 31.83 -20.91 -35.70
C MET C 398 33.02 -20.20 -35.06
N TYR C 399 32.83 -19.63 -33.87
CA TYR C 399 33.90 -18.85 -33.28
C TYR C 399 35.06 -19.73 -32.82
N ALA C 400 34.78 -20.98 -32.45
CA ALA C 400 35.84 -21.87 -32.02
C ALA C 400 36.88 -22.07 -33.11
N LYS C 401 36.45 -22.07 -34.39
CA LYS C 401 37.35 -22.10 -35.54
C LYS C 401 37.60 -20.72 -36.14
N ARG C 402 37.13 -19.66 -35.49
CA ARG C 402 37.21 -18.28 -36.01
C ARG C 402 36.65 -18.12 -37.42
N ALA C 403 35.78 -19.00 -37.88
CA ALA C 403 35.17 -18.86 -39.19
C ALA C 403 34.59 -17.46 -39.40
N PHE C 404 34.94 -16.84 -40.53
CA PHE C 404 34.39 -15.54 -40.96
C PHE C 404 34.87 -14.38 -40.09
N VAL C 405 35.62 -14.66 -39.01
CA VAL C 405 36.04 -13.61 -38.11
C VAL C 405 36.93 -12.57 -38.81
N HIS C 406 37.63 -12.97 -39.89
CA HIS C 406 38.48 -12.04 -40.63
C HIS C 406 37.67 -10.92 -41.30
N TRP C 407 36.41 -11.19 -41.71
CA TRP C 407 35.58 -10.12 -42.28
C TRP C 407 35.35 -9.01 -41.28
N TYR C 408 35.26 -9.35 -40.00
CA TYR C 408 35.02 -8.35 -38.97
C TYR C 408 36.32 -7.65 -38.60
N VAL C 409 37.41 -8.42 -38.47
CA VAL C 409 38.71 -7.85 -38.10
C VAL C 409 39.21 -6.92 -39.21
N GLY C 410 39.02 -7.30 -40.49
CA GLY C 410 39.36 -6.41 -41.60
C GLY C 410 38.65 -5.07 -41.53
N GLU C 411 37.45 -5.02 -40.92
CA GLU C 411 36.74 -3.77 -40.76
C GLU C 411 37.11 -3.01 -39.49
N GLY C 412 38.13 -3.47 -38.75
CA GLY C 412 38.65 -2.75 -37.59
C GLY C 412 38.29 -3.34 -36.23
N MET C 413 37.50 -4.41 -36.16
CA MET C 413 37.13 -5.02 -34.88
C MET C 413 38.22 -5.96 -34.38
N GLU C 414 38.23 -6.19 -33.08
CA GLU C 414 39.17 -7.12 -32.45
C GLU C 414 38.43 -8.34 -31.90
N GLU C 415 39.16 -9.44 -31.81
CA GLU C 415 38.59 -10.67 -31.27
C GLU C 415 38.04 -10.46 -29.86
N GLY C 416 38.69 -9.62 -29.05
CA GLY C 416 38.20 -9.35 -27.71
C GLY C 416 36.79 -8.82 -27.67
N GLU C 417 36.33 -8.15 -28.74
CA GLU C 417 34.93 -7.73 -28.79
C GLU C 417 34.02 -8.93 -28.94
N PHE C 418 34.45 -9.96 -29.68
CA PHE C 418 33.66 -11.18 -29.80
C PHE C 418 33.54 -11.90 -28.47
N SER C 419 34.68 -12.12 -27.79
CA SER C 419 34.62 -12.87 -26.54
C SER C 419 33.92 -12.06 -25.48
N GLU C 420 34.13 -10.75 -25.48
CA GLU C 420 33.45 -9.89 -24.52
C GLU C 420 31.93 -9.97 -24.71
N ALA C 421 31.48 -9.83 -25.96
CA ALA C 421 30.05 -10.00 -26.27
C ALA C 421 29.55 -11.39 -25.87
N ARG C 422 30.32 -12.44 -26.17
CA ARG C 422 29.86 -13.78 -25.83
C ARG C 422 29.79 -14.01 -24.33
N GLU C 423 30.68 -13.38 -23.55
CA GLU C 423 30.63 -13.54 -22.09
C GLU C 423 29.43 -12.82 -21.50
N ASP C 424 29.06 -11.69 -22.09
CA ASP C 424 27.87 -10.99 -21.65
C ASP C 424 26.64 -11.87 -21.86
N MET C 425 26.60 -12.60 -22.99
CA MET C 425 25.51 -13.55 -23.26
C MET C 425 25.54 -14.74 -22.29
N ALA C 426 26.73 -15.28 -21.99
CA ALA C 426 26.82 -16.31 -20.97
C ALA C 426 26.27 -15.80 -19.65
N ALA C 427 26.69 -14.60 -19.24
CA ALA C 427 26.19 -14.01 -18.00
C ALA C 427 24.69 -13.76 -18.07
N LEU C 428 24.16 -13.41 -19.25
CA LEU C 428 22.72 -13.19 -19.37
C LEU C 428 21.95 -14.50 -19.21
N GLU C 429 22.43 -15.59 -19.82
CA GLU C 429 21.79 -16.89 -19.64
C GLU C 429 21.82 -17.32 -18.16
N LYS C 430 22.91 -16.98 -17.47
CA LYS C 430 23.03 -17.26 -16.03
C LYS C 430 22.05 -16.41 -15.21
N ASP C 431 21.89 -15.12 -15.56
CA ASP C 431 20.86 -14.29 -14.92
C ASP C 431 19.47 -14.92 -15.03
N TYR C 432 19.13 -15.40 -16.23
CA TYR C 432 17.86 -16.08 -16.40
C TYR C 432 17.77 -17.35 -15.55
N GLU C 433 18.88 -18.05 -15.34
CA GLU C 433 18.87 -19.15 -14.38
C GLU C 433 18.60 -18.65 -12.96
N GLU C 434 19.35 -17.64 -12.53
CA GLU C 434 19.26 -17.26 -11.12
C GLU C 434 17.89 -16.67 -10.77
N VAL C 435 17.26 -15.91 -11.67
CA VAL C 435 15.98 -15.34 -11.27
C VAL C 435 14.96 -16.42 -11.02
N GLY C 436 15.16 -17.62 -11.57
CA GLY C 436 14.22 -18.70 -11.44
C GLY C 436 14.44 -19.63 -10.26
N VAL C 437 15.54 -19.48 -9.54
CA VAL C 437 15.76 -20.28 -8.34
C VAL C 437 14.90 -19.73 -7.21
N ASP C 438 14.41 -20.64 -6.35
CA ASP C 438 13.66 -20.23 -5.17
C ASP C 438 14.54 -19.46 -4.19
N SER C 439 13.91 -18.59 -3.40
CA SER C 439 14.57 -17.84 -2.34
C SER C 439 14.87 -18.76 -1.15
N VAL C 440 15.47 -18.16 -0.10
CA VAL C 440 15.95 -18.90 1.06
C VAL C 440 15.55 -18.22 2.37
N MET D 1 22.87 2.17 -58.01
CA MET D 1 23.47 1.10 -58.81
C MET D 1 24.77 0.60 -58.18
N ARG D 2 25.02 -0.70 -58.30
CA ARG D 2 26.24 -1.34 -57.82
C ARG D 2 26.95 -1.86 -59.07
N GLU D 3 28.00 -1.18 -59.50
CA GLU D 3 28.64 -1.52 -60.77
C GLU D 3 29.75 -2.55 -60.56
N ILE D 4 29.88 -3.47 -61.52
CA ILE D 4 31.04 -4.32 -61.63
C ILE D 4 31.80 -3.89 -62.87
N VAL D 5 33.12 -3.84 -62.76
CA VAL D 5 34.00 -3.66 -63.90
C VAL D 5 34.49 -5.04 -64.32
N HIS D 6 34.33 -5.36 -65.59
CA HIS D 6 34.70 -6.65 -66.15
C HIS D 6 36.02 -6.53 -66.90
N ILE D 7 36.90 -7.53 -66.72
CA ILE D 7 38.22 -7.54 -67.36
C ILE D 7 38.44 -8.89 -68.01
N GLN D 8 38.83 -8.88 -69.29
CA GLN D 8 39.21 -10.07 -70.03
C GLN D 8 40.67 -9.95 -70.45
N ALA D 9 41.51 -10.93 -70.09
CA ALA D 9 42.89 -10.95 -70.54
C ALA D 9 43.23 -12.26 -71.22
N GLY D 10 44.01 -12.18 -72.32
CA GLY D 10 44.68 -13.32 -72.89
C GLY D 10 43.82 -14.12 -73.82
N GLN D 11 44.45 -15.15 -74.41
CA GLN D 11 43.74 -16.06 -75.29
C GLN D 11 42.45 -16.54 -74.61
N CYS D 12 42.57 -17.43 -73.61
CA CYS D 12 41.35 -17.97 -73.02
C CYS D 12 40.48 -16.87 -72.43
N GLY D 13 41.10 -15.87 -71.81
CA GLY D 13 40.34 -14.84 -71.13
C GLY D 13 39.30 -14.18 -72.02
N ASN D 14 39.68 -13.82 -73.25
CA ASN D 14 38.80 -13.05 -74.11
C ASN D 14 37.71 -13.90 -74.77
N GLN D 15 38.02 -15.15 -75.11
CA GLN D 15 37.01 -16.01 -75.74
C GLN D 15 35.86 -16.30 -74.77
N ILE D 16 36.16 -16.69 -73.52
CA ILE D 16 35.05 -16.96 -72.61
C ILE D 16 34.39 -15.66 -72.15
N GLY D 17 35.12 -14.54 -72.18
CA GLY D 17 34.48 -13.26 -71.95
C GLY D 17 33.45 -12.90 -73.01
N ALA D 18 33.75 -13.17 -74.28
CA ALA D 18 32.80 -12.85 -75.35
C ALA D 18 31.49 -13.60 -75.16
N LYS D 19 31.56 -14.91 -74.88
CA LYS D 19 30.33 -15.69 -74.78
C LYS D 19 29.54 -15.33 -73.52
N PHE D 20 30.21 -14.86 -72.47
CA PHE D 20 29.47 -14.37 -71.31
C PHE D 20 28.59 -13.19 -71.71
N TRP D 21 29.17 -12.20 -72.39
CA TRP D 21 28.42 -11.00 -72.80
C TRP D 21 27.33 -11.32 -73.81
N GLU D 22 27.55 -12.30 -74.69
CA GLU D 22 26.47 -12.72 -75.58
C GLU D 22 25.30 -13.30 -74.78
N VAL D 23 25.59 -14.16 -73.81
CA VAL D 23 24.54 -14.89 -73.11
C VAL D 23 23.73 -13.95 -72.22
N ILE D 24 24.40 -13.07 -71.48
CA ILE D 24 23.65 -12.17 -70.59
C ILE D 24 23.03 -11.02 -71.39
N SER D 25 23.64 -10.58 -72.49
CA SER D 25 23.00 -9.60 -73.35
C SER D 25 21.65 -10.12 -73.83
N ASP D 26 21.60 -11.40 -74.19
CA ASP D 26 20.36 -12.02 -74.61
C ASP D 26 19.36 -12.15 -73.46
N GLU D 27 19.83 -12.60 -72.29
CA GLU D 27 18.94 -12.72 -71.14
C GLU D 27 18.38 -11.37 -70.72
N HIS D 28 19.14 -10.29 -70.91
CA HIS D 28 18.73 -8.94 -70.56
C HIS D 28 18.07 -8.19 -71.72
N GLY D 29 17.93 -8.81 -72.89
CA GLY D 29 17.25 -8.17 -74.00
C GLY D 29 18.01 -7.01 -74.61
N ILE D 30 19.27 -7.25 -74.97
CA ILE D 30 20.15 -6.23 -75.53
C ILE D 30 20.84 -6.83 -76.74
N ASP D 31 20.63 -6.24 -77.91
CA ASP D 31 21.11 -6.81 -79.16
C ASP D 31 22.55 -6.36 -79.38
N PRO D 32 23.17 -6.74 -80.50
CA PRO D 32 24.57 -6.38 -80.73
C PRO D 32 24.79 -4.88 -80.90
N THR D 33 23.72 -4.10 -80.88
CA THR D 33 23.83 -2.65 -81.03
C THR D 33 23.64 -1.91 -79.72
N GLY D 34 23.48 -2.61 -78.59
CA GLY D 34 23.27 -1.96 -77.32
C GLY D 34 21.87 -1.42 -77.12
N SER D 35 20.90 -1.82 -77.94
CA SER D 35 19.53 -1.37 -77.82
C SER D 35 18.71 -2.40 -77.07
N TYR D 36 17.79 -1.93 -76.24
CA TYR D 36 16.96 -2.82 -75.44
C TYR D 36 15.72 -3.21 -76.25
N HIS D 37 15.68 -4.45 -76.71
CA HIS D 37 14.51 -5.05 -77.34
C HIS D 37 14.09 -6.25 -76.52
N GLY D 38 13.61 -5.97 -75.29
CA GLY D 38 13.28 -7.01 -74.34
C GLY D 38 11.80 -7.01 -74.00
N ASP D 39 11.39 -8.11 -73.35
CA ASP D 39 9.98 -8.30 -73.03
C ASP D 39 9.61 -7.67 -71.69
N SER D 40 10.28 -8.07 -70.62
CA SER D 40 9.91 -7.72 -69.26
C SER D 40 10.85 -6.69 -68.66
N ASP D 41 10.34 -5.90 -67.72
CA ASP D 41 11.10 -4.85 -67.06
C ASP D 41 12.09 -5.38 -66.03
N LEU D 42 12.04 -6.68 -65.74
CA LEU D 42 13.02 -7.28 -64.83
C LEU D 42 14.38 -7.41 -65.49
N GLN D 43 14.46 -7.30 -66.82
CA GLN D 43 15.76 -7.35 -67.47
C GLN D 43 16.54 -6.07 -67.26
N LEU D 44 15.87 -4.98 -66.89
CA LEU D 44 16.51 -3.68 -66.75
C LEU D 44 16.63 -3.21 -65.31
N GLU D 45 15.95 -3.88 -64.37
CA GLU D 45 16.03 -3.50 -62.96
C GLU D 45 17.48 -3.32 -62.51
N ARG D 46 18.28 -4.37 -62.65
CA ARG D 46 19.69 -4.35 -62.27
C ARG D 46 20.61 -4.35 -63.50
N ILE D 47 20.15 -3.73 -64.59
CA ILE D 47 20.93 -3.75 -65.83
C ILE D 47 22.24 -2.99 -65.67
N ASN D 48 22.28 -2.01 -64.77
CA ASN D 48 23.41 -1.13 -64.52
C ASN D 48 24.58 -1.84 -63.84
N VAL D 49 24.40 -3.08 -63.40
CA VAL D 49 25.48 -3.82 -62.76
C VAL D 49 26.58 -4.16 -63.76
N TYR D 50 26.19 -4.51 -65.00
CA TYR D 50 27.15 -4.86 -66.03
C TYR D 50 27.14 -3.91 -67.22
N TYR D 51 26.30 -2.89 -67.22
CA TYR D 51 26.14 -2.06 -68.41
C TYR D 51 26.16 -0.59 -68.04
N ASN D 52 26.87 0.19 -68.85
CA ASN D 52 26.72 1.64 -68.85
C ASN D 52 25.56 2.04 -69.75
N GLU D 53 24.90 3.12 -69.40
CA GLU D 53 23.79 3.63 -70.19
C GLU D 53 24.32 4.77 -71.04
N ALA D 54 24.43 4.51 -72.35
CA ALA D 54 24.70 5.56 -73.31
C ALA D 54 23.36 6.06 -73.86
N THR D 55 23.22 7.38 -73.97
CA THR D 55 22.00 7.92 -74.54
C THR D 55 21.90 7.53 -76.02
N GLY D 56 20.71 7.74 -76.58
CA GLY D 56 20.25 6.86 -77.62
C GLY D 56 19.78 5.54 -77.06
N ASN D 57 19.43 5.54 -75.76
CA ASN D 57 19.24 4.35 -74.93
C ASN D 57 20.09 3.18 -75.41
N LYS D 58 21.41 3.33 -75.29
CA LYS D 58 22.37 2.30 -75.62
C LYS D 58 23.02 1.81 -74.33
N TYR D 59 22.96 0.51 -74.09
CA TYR D 59 23.65 -0.11 -72.96
C TYR D 59 24.96 -0.70 -73.45
N VAL D 60 26.07 -0.22 -72.90
CA VAL D 60 27.41 -0.60 -73.32
C VAL D 60 28.02 -1.45 -72.22
N PRO D 61 28.53 -2.64 -72.52
CA PRO D 61 29.18 -3.43 -71.48
C PRO D 61 30.26 -2.61 -70.78
N ARG D 62 30.33 -2.77 -69.45
CA ARG D 62 31.43 -2.16 -68.69
C ARG D 62 32.58 -3.16 -68.66
N ALA D 63 33.14 -3.40 -69.85
CA ALA D 63 34.11 -4.46 -70.06
C ALA D 63 35.40 -3.89 -70.64
N ILE D 64 36.52 -4.42 -70.18
CA ILE D 64 37.87 -4.01 -70.59
C ILE D 64 38.53 -5.20 -71.24
N LEU D 65 38.82 -5.11 -72.54
CA LEU D 65 39.38 -6.23 -73.30
C LEU D 65 40.89 -6.04 -73.44
N VAL D 66 41.66 -7.04 -72.98
CA VAL D 66 43.11 -6.92 -72.85
C VAL D 66 43.79 -8.15 -73.45
N ASP D 67 44.89 -7.93 -74.18
CA ASP D 67 45.76 -9.00 -74.65
C ASP D 67 47.07 -8.45 -75.20
N LEU D 68 48.14 -9.19 -75.00
CA LEU D 68 49.48 -8.87 -75.49
C LEU D 68 49.68 -9.23 -76.97
N GLU D 69 48.61 -9.61 -77.68
CA GLU D 69 48.68 -10.02 -79.07
C GLU D 69 47.37 -9.59 -79.71
N PRO D 70 47.41 -8.88 -80.84
CA PRO D 70 46.19 -8.30 -81.40
C PRO D 70 45.25 -9.31 -82.01
N GLY D 71 45.69 -10.54 -82.25
CA GLY D 71 44.86 -11.50 -82.97
C GLY D 71 43.54 -11.76 -82.28
N THR D 72 43.63 -12.14 -81.00
CA THR D 72 42.43 -12.40 -80.20
C THR D 72 41.51 -11.18 -80.16
N MET D 73 42.09 -9.98 -80.09
CA MET D 73 41.32 -8.74 -80.17
C MET D 73 40.45 -8.70 -81.43
N ASP D 74 41.09 -8.69 -82.61
CA ASP D 74 40.36 -8.50 -83.86
C ASP D 74 39.25 -9.53 -84.03
N SER D 75 39.42 -10.74 -83.50
CA SER D 75 38.38 -11.75 -83.58
C SER D 75 37.12 -11.34 -82.79
N VAL D 76 37.30 -10.71 -81.61
CA VAL D 76 36.15 -10.31 -80.80
C VAL D 76 35.32 -9.27 -81.54
N ARG D 77 35.99 -8.27 -82.14
CA ARG D 77 35.29 -7.23 -82.89
C ARG D 77 34.37 -7.84 -83.95
N SER D 78 34.90 -8.74 -84.78
CA SER D 78 34.08 -9.36 -85.82
C SER D 78 33.12 -10.39 -85.26
N GLY D 79 33.30 -10.81 -84.01
CA GLY D 79 32.42 -11.78 -83.39
C GLY D 79 31.01 -11.24 -83.20
N PRO D 80 30.10 -12.12 -82.81
CA PRO D 80 28.73 -11.67 -82.49
C PRO D 80 28.74 -10.73 -81.29
N PHE D 81 28.28 -9.50 -81.51
CA PHE D 81 28.24 -8.45 -80.48
C PHE D 81 29.53 -7.65 -80.45
N GLY D 82 30.45 -7.90 -81.37
CA GLY D 82 31.73 -7.22 -81.31
C GLY D 82 31.62 -5.71 -81.25
N GLN D 83 30.58 -5.16 -81.89
CA GLN D 83 30.37 -3.72 -81.95
C GLN D 83 29.53 -3.20 -80.78
N ILE D 84 29.33 -3.99 -79.74
CA ILE D 84 28.70 -3.46 -78.53
C ILE D 84 29.73 -3.00 -77.51
N PHE D 85 30.98 -3.43 -77.64
CA PHE D 85 32.02 -3.02 -76.72
C PHE D 85 32.55 -1.64 -77.08
N ARG D 86 32.79 -0.83 -76.05
CA ARG D 86 33.41 0.48 -76.22
C ARG D 86 34.73 0.33 -76.95
N PRO D 87 34.92 1.00 -78.10
CA PRO D 87 36.17 0.80 -78.87
C PRO D 87 37.42 1.16 -78.10
N ASP D 88 37.38 2.26 -77.33
CA ASP D 88 38.51 2.64 -76.50
C ASP D 88 38.84 1.59 -75.44
N ASN D 89 37.92 0.67 -75.14
CA ASN D 89 38.17 -0.30 -74.08
C ASN D 89 38.95 -1.51 -74.55
N PHE D 90 39.37 -1.55 -75.82
CA PHE D 90 40.33 -2.55 -76.29
C PHE D 90 41.74 -2.04 -75.98
N VAL D 91 42.54 -2.88 -75.34
CA VAL D 91 43.94 -2.57 -75.04
C VAL D 91 44.76 -3.80 -75.43
N PHE D 92 45.49 -3.70 -76.54
CA PHE D 92 46.25 -4.82 -77.06
C PHE D 92 47.71 -4.43 -77.25
N GLY D 93 48.59 -5.40 -77.09
CA GLY D 93 49.99 -5.26 -77.41
C GLY D 93 50.31 -5.85 -78.77
N GLN D 94 51.59 -6.18 -78.97
CA GLN D 94 52.05 -6.81 -80.20
C GLN D 94 52.93 -8.02 -79.87
N SER D 95 53.93 -7.80 -79.00
CA SER D 95 54.94 -8.83 -78.77
C SER D 95 54.30 -10.17 -78.42
N GLY D 96 53.19 -10.15 -77.68
CA GLY D 96 52.61 -11.37 -77.17
C GLY D 96 53.38 -11.86 -75.95
N ALA D 97 52.91 -12.98 -75.40
CA ALA D 97 53.51 -13.58 -74.21
C ALA D 97 54.12 -14.96 -74.44
N GLY D 98 53.90 -15.57 -75.60
CA GLY D 98 54.51 -16.87 -75.87
C GLY D 98 54.32 -17.87 -74.74
N ASN D 99 53.13 -17.89 -74.13
CA ASN D 99 52.79 -18.84 -73.07
C ASN D 99 53.78 -18.80 -71.90
N ASN D 100 54.40 -17.64 -71.67
CA ASN D 100 55.42 -17.48 -70.63
C ASN D 100 54.87 -16.55 -69.54
N TRP D 101 54.58 -17.13 -68.36
CA TRP D 101 54.01 -16.34 -67.26
C TRP D 101 54.89 -15.13 -66.91
N ALA D 102 56.21 -15.28 -66.96
CA ALA D 102 57.09 -14.15 -66.63
C ALA D 102 57.00 -13.04 -67.67
N LYS D 103 56.66 -13.37 -68.91
CA LYS D 103 56.44 -12.33 -69.93
C LYS D 103 55.13 -11.60 -69.68
N GLY D 104 54.11 -12.32 -69.20
CA GLY D 104 52.86 -11.66 -68.87
C GLY D 104 52.96 -10.80 -67.63
N HIS D 105 53.75 -11.25 -66.64
CA HIS D 105 53.72 -10.65 -65.31
C HIS D 105 54.77 -9.56 -65.14
N TYR D 106 56.00 -9.83 -65.55
CA TYR D 106 57.13 -8.98 -65.21
C TYR D 106 57.59 -8.07 -66.34
N THR D 107 57.60 -8.55 -67.58
CA THR D 107 58.27 -7.77 -68.62
C THR D 107 57.28 -7.21 -69.63
N GLU D 108 56.83 -8.04 -70.58
CA GLU D 108 55.89 -7.59 -71.60
C GLU D 108 54.60 -7.04 -70.99
N GLY D 109 53.98 -7.82 -70.09
CA GLY D 109 52.75 -7.37 -69.48
C GLY D 109 52.93 -6.10 -68.67
N ALA D 110 54.10 -5.94 -68.02
CA ALA D 110 54.39 -4.75 -67.24
C ALA D 110 54.47 -3.50 -68.11
N GLU D 111 54.85 -3.66 -69.39
CA GLU D 111 54.88 -2.54 -70.31
C GLU D 111 53.49 -2.15 -70.76
N LEU D 112 52.60 -3.12 -70.89
CA LEU D 112 51.23 -2.83 -71.31
C LEU D 112 50.30 -2.57 -70.13
N VAL D 113 50.68 -2.92 -68.89
CA VAL D 113 49.74 -2.91 -67.77
C VAL D 113 49.27 -1.49 -67.46
N ASP D 114 50.19 -0.52 -67.48
CA ASP D 114 49.80 0.84 -67.11
C ASP D 114 48.81 1.43 -68.12
N SER D 115 48.76 0.89 -69.34
CA SER D 115 47.77 1.25 -70.35
C SER D 115 46.38 0.66 -70.07
N VAL D 116 46.32 -0.56 -69.54
CA VAL D 116 45.05 -1.12 -69.09
C VAL D 116 44.55 -0.37 -67.86
N LEU D 117 45.45 -0.05 -66.92
CA LEU D 117 45.03 0.64 -65.70
C LEU D 117 44.36 1.96 -66.01
N ASP D 118 44.77 2.63 -67.08
CA ASP D 118 44.14 3.89 -67.44
C ASP D 118 42.66 3.67 -67.77
N VAL D 119 42.35 2.58 -68.48
CA VAL D 119 40.98 2.25 -68.85
C VAL D 119 40.16 1.83 -67.62
N VAL D 120 40.76 1.06 -66.71
CA VAL D 120 40.04 0.72 -65.49
C VAL D 120 39.55 1.98 -64.79
N ARG D 121 40.41 3.01 -64.68
CA ARG D 121 40.04 4.20 -63.92
C ARG D 121 38.89 4.95 -64.57
N LYS D 122 38.87 5.04 -65.89
CA LYS D 122 37.76 5.74 -66.55
C LYS D 122 36.43 5.05 -66.25
N GLU D 123 36.40 3.72 -66.37
CA GLU D 123 35.18 3.00 -66.04
C GLU D 123 34.89 3.06 -64.55
N SER D 124 35.92 3.05 -63.70
CA SER D 124 35.70 3.06 -62.26
C SER D 124 35.26 4.42 -61.75
N GLU D 125 35.98 5.50 -62.08
CA GLU D 125 35.57 6.80 -61.55
C GLU D 125 34.17 7.21 -62.03
N SER D 126 33.67 6.56 -63.08
CA SER D 126 32.33 6.81 -63.62
C SER D 126 31.25 5.97 -62.94
N CYS D 127 31.56 5.32 -61.82
CA CYS D 127 30.65 4.41 -61.13
C CYS D 127 30.00 5.12 -59.96
N ASP D 128 28.67 5.02 -59.89
CA ASP D 128 27.98 5.52 -58.70
C ASP D 128 28.47 4.81 -57.44
N CYS D 129 28.59 3.47 -57.49
CA CYS D 129 29.01 2.71 -56.31
C CYS D 129 29.65 1.41 -56.75
N LEU D 130 30.96 1.47 -57.02
CA LEU D 130 31.73 0.33 -57.54
C LEU D 130 31.76 -0.89 -56.61
N GLN D 131 31.15 -2.01 -57.02
CA GLN D 131 31.28 -3.25 -56.26
C GLN D 131 32.72 -3.74 -56.25
N GLY D 132 33.34 -3.76 -57.40
CA GLY D 132 34.62 -4.37 -57.60
C GLY D 132 34.71 -4.89 -59.03
N PHE D 133 35.51 -5.94 -59.19
CA PHE D 133 36.00 -6.36 -60.49
C PHE D 133 35.82 -7.86 -60.66
N GLN D 134 35.70 -8.29 -61.91
CA GLN D 134 35.79 -9.70 -62.22
C GLN D 134 36.71 -9.87 -63.43
N LEU D 135 37.69 -10.77 -63.27
CA LEU D 135 38.65 -11.11 -64.31
C LEU D 135 38.27 -12.44 -64.92
N THR D 136 38.34 -12.54 -66.25
CA THR D 136 38.30 -13.83 -66.92
C THR D 136 39.66 -14.10 -67.55
N HIS D 137 40.12 -15.34 -67.44
CA HIS D 137 41.44 -15.67 -67.96
C HIS D 137 41.72 -17.15 -67.77
N SER D 138 42.71 -17.64 -68.50
CA SER D 138 43.33 -18.92 -68.23
C SER D 138 44.47 -18.76 -67.23
N LEU D 139 44.84 -19.85 -66.58
CA LEU D 139 46.06 -19.90 -65.79
C LEU D 139 47.21 -20.62 -66.51
N GLY D 140 47.00 -21.08 -67.76
CA GLY D 140 48.00 -21.85 -68.47
C GLY D 140 48.77 -21.11 -69.55
N GLY D 141 48.15 -20.13 -70.21
CA GLY D 141 48.82 -19.31 -71.21
C GLY D 141 49.72 -18.29 -70.55
N GLY D 142 49.98 -17.18 -71.23
CA GLY D 142 50.90 -16.21 -70.68
C GLY D 142 50.26 -14.89 -70.32
N THR D 143 49.43 -14.36 -71.22
CA THR D 143 48.81 -13.06 -70.95
C THR D 143 47.75 -13.17 -69.87
N GLY D 144 46.91 -14.20 -69.96
CA GLY D 144 45.83 -14.34 -68.99
C GLY D 144 46.34 -14.61 -67.58
N SER D 145 47.30 -15.52 -67.45
CA SER D 145 47.81 -15.89 -66.13
C SER D 145 48.75 -14.84 -65.57
N GLY D 146 49.74 -14.41 -66.36
CA GLY D 146 50.76 -13.52 -65.86
C GLY D 146 50.34 -12.07 -65.76
N MET D 147 49.90 -11.51 -66.88
CA MET D 147 49.44 -10.12 -66.85
C MET D 147 48.09 -10.02 -66.17
N GLY D 148 47.28 -11.08 -66.27
CA GLY D 148 46.03 -11.13 -65.52
C GLY D 148 46.23 -11.02 -64.02
N THR D 149 47.24 -11.73 -63.49
CA THR D 149 47.54 -11.60 -62.07
C THR D 149 48.37 -10.38 -61.74
N LEU D 150 49.14 -9.85 -62.70
CA LEU D 150 49.77 -8.55 -62.48
C LEU D 150 48.72 -7.45 -62.37
N LEU D 151 47.70 -7.51 -63.24
CA LEU D 151 46.67 -6.47 -63.23
C LEU D 151 45.78 -6.59 -61.98
N ILE D 152 45.63 -7.80 -61.44
CA ILE D 152 44.94 -7.94 -60.17
C ILE D 152 45.67 -7.18 -59.08
N SER D 153 46.97 -7.46 -58.91
CA SER D 153 47.67 -6.84 -57.80
C SER D 153 47.72 -5.32 -57.98
N LYS D 154 47.85 -4.86 -59.22
CA LYS D 154 47.84 -3.41 -59.49
C LYS D 154 46.48 -2.80 -59.15
N ILE D 155 45.40 -3.46 -59.57
CA ILE D 155 44.06 -2.94 -59.29
C ILE D 155 43.77 -2.97 -57.79
N ARG D 156 44.32 -3.96 -57.08
CA ARG D 156 44.12 -4.03 -55.64
C ARG D 156 44.86 -2.91 -54.90
N GLU D 157 46.01 -2.49 -55.43
CA GLU D 157 46.73 -1.35 -54.86
C GLU D 157 45.89 -0.07 -54.94
N GLU D 158 45.15 0.08 -56.02
CA GLU D 158 44.37 1.30 -56.25
C GLU D 158 42.97 1.23 -55.70
N TYR D 159 42.43 0.03 -55.46
CA TYR D 159 41.09 -0.16 -54.90
C TYR D 159 41.13 -1.27 -53.86
N PRO D 160 41.90 -1.10 -52.79
CA PRO D 160 42.06 -2.21 -51.83
C PRO D 160 40.75 -2.57 -51.13
N ASP D 161 39.76 -1.68 -51.13
CA ASP D 161 38.47 -1.93 -50.51
C ASP D 161 37.39 -2.31 -51.52
N ARG D 162 37.78 -2.82 -52.68
CA ARG D 162 36.82 -3.38 -53.61
C ARG D 162 37.02 -4.89 -53.67
N ILE D 163 35.98 -5.59 -54.11
CA ILE D 163 36.05 -7.05 -54.20
C ILE D 163 36.71 -7.42 -55.53
N MET D 164 37.67 -8.34 -55.48
CA MET D 164 38.36 -8.85 -56.66
C MET D 164 37.91 -10.30 -56.89
N ASN D 165 37.23 -10.53 -58.02
CA ASN D 165 36.59 -11.80 -58.33
C ASN D 165 37.13 -12.29 -59.68
N THR D 166 37.61 -13.54 -59.74
CA THR D 166 38.18 -14.03 -60.98
C THR D 166 37.50 -15.34 -61.38
N PHE D 167 37.33 -15.51 -62.70
CA PHE D 167 36.97 -16.79 -63.33
C PHE D 167 38.25 -17.34 -63.95
N SER D 168 38.85 -18.32 -63.30
CA SER D 168 40.18 -18.79 -63.66
C SER D 168 40.05 -20.15 -64.31
N VAL D 169 40.53 -20.26 -65.56
CA VAL D 169 40.51 -21.52 -66.28
C VAL D 169 41.83 -22.24 -66.01
N MET D 170 41.73 -23.49 -65.68
CA MET D 170 42.84 -24.29 -65.20
C MET D 170 43.24 -25.32 -66.24
N PRO D 171 44.55 -25.53 -66.41
CA PRO D 171 45.02 -26.38 -67.51
C PRO D 171 44.90 -27.88 -67.22
N SER D 172 44.41 -28.60 -68.22
CA SER D 172 44.43 -30.05 -68.23
C SER D 172 45.35 -30.55 -69.34
N PRO D 173 46.15 -31.59 -69.08
CA PRO D 173 46.88 -32.25 -70.17
C PRO D 173 45.96 -32.86 -71.21
N LYS D 174 44.68 -32.98 -70.91
CA LYS D 174 43.67 -33.47 -71.84
C LYS D 174 43.20 -32.39 -72.80
N VAL D 175 43.63 -31.14 -72.59
CA VAL D 175 43.10 -30.02 -73.37
C VAL D 175 44.23 -29.30 -74.09
N SER D 176 45.40 -29.19 -73.44
CA SER D 176 46.55 -28.54 -74.05
C SER D 176 47.82 -29.34 -73.77
N ASP D 177 48.67 -29.41 -74.80
CA ASP D 177 49.96 -30.09 -74.69
C ASP D 177 51.08 -29.15 -74.31
N THR D 178 50.84 -27.84 -74.28
CA THR D 178 51.87 -26.88 -73.92
C THR D 178 52.49 -27.29 -72.59
N VAL D 179 53.75 -27.73 -72.63
CA VAL D 179 54.29 -28.50 -71.50
C VAL D 179 54.47 -27.62 -70.27
N VAL D 180 54.64 -26.31 -70.46
CA VAL D 180 54.98 -25.38 -69.38
C VAL D 180 53.74 -24.93 -68.59
N GLU D 181 52.62 -25.63 -68.75
CA GLU D 181 51.37 -25.15 -68.18
C GLU D 181 51.29 -25.37 -66.67
N PRO D 182 51.83 -26.47 -66.12
CA PRO D 182 51.84 -26.59 -64.65
C PRO D 182 52.69 -25.54 -63.97
N TYR D 183 53.62 -24.90 -64.70
CA TYR D 183 54.36 -23.77 -64.15
C TYR D 183 53.50 -22.52 -64.06
N ASN D 184 52.89 -22.14 -65.18
CA ASN D 184 52.09 -20.92 -65.22
C ASN D 184 50.96 -20.98 -64.20
N ALA D 185 50.23 -22.09 -64.17
CA ALA D 185 49.11 -22.21 -63.24
C ALA D 185 49.58 -22.12 -61.79
N THR D 186 50.69 -22.78 -61.44
CA THR D 186 51.16 -22.71 -60.06
C THR D 186 51.62 -21.30 -59.70
N LEU D 187 52.18 -20.55 -60.66
CA LEU D 187 52.66 -19.22 -60.35
C LEU D 187 51.51 -18.23 -60.17
N SER D 188 50.44 -18.36 -60.96
CA SER D 188 49.31 -17.47 -60.76
C SER D 188 48.46 -17.89 -59.57
N VAL D 189 48.33 -19.20 -59.30
CA VAL D 189 47.63 -19.63 -58.09
C VAL D 189 48.29 -19.02 -56.85
N HIS D 190 49.63 -18.99 -56.85
CA HIS D 190 50.35 -18.28 -55.79
C HIS D 190 49.85 -16.86 -55.66
N GLN D 191 49.55 -16.20 -56.79
CA GLN D 191 49.02 -14.82 -56.77
C GLN D 191 47.55 -14.76 -56.37
N LEU D 192 46.73 -15.71 -56.88
CA LEU D 192 45.30 -15.71 -56.56
C LEU D 192 45.04 -15.94 -55.07
N VAL D 193 45.92 -16.67 -54.38
CA VAL D 193 45.68 -16.92 -52.96
C VAL D 193 45.88 -15.65 -52.14
N GLU D 194 46.72 -14.72 -52.60
CA GLU D 194 47.02 -13.53 -51.82
C GLU D 194 46.13 -12.34 -52.17
N ASN D 195 45.59 -12.30 -53.37
CA ASN D 195 45.11 -11.04 -53.94
C ASN D 195 43.70 -11.05 -54.49
N THR D 196 43.01 -12.20 -54.53
CA THR D 196 41.60 -12.16 -54.85
C THR D 196 40.74 -12.49 -53.63
N ASP D 197 39.47 -12.12 -53.74
CA ASP D 197 38.46 -12.43 -52.75
C ASP D 197 37.61 -13.64 -53.10
N GLU D 198 37.41 -13.91 -54.39
CA GLU D 198 36.61 -15.05 -54.84
C GLU D 198 37.16 -15.52 -56.19
N THR D 199 37.38 -16.83 -56.33
CA THR D 199 37.81 -17.41 -57.60
C THR D 199 36.96 -18.62 -57.93
N TYR D 200 36.23 -18.53 -59.04
CA TYR D 200 35.56 -19.67 -59.62
C TYR D 200 36.58 -20.53 -60.37
N CYS D 201 36.77 -21.76 -59.90
CA CYS D 201 37.71 -22.67 -60.52
C CYS D 201 37.04 -23.35 -61.70
N ILE D 202 37.38 -22.89 -62.90
CA ILE D 202 36.82 -23.43 -64.14
C ILE D 202 37.88 -24.36 -64.70
N ASP D 203 37.74 -25.65 -64.44
CA ASP D 203 38.78 -26.64 -64.74
C ASP D 203 38.54 -27.25 -66.13
N ASN D 204 39.46 -26.98 -67.06
CA ASN D 204 39.34 -27.56 -68.40
C ASN D 204 39.28 -29.09 -68.36
N GLU D 205 39.97 -29.70 -67.39
CA GLU D 205 39.94 -31.15 -67.24
C GLU D 205 38.55 -31.67 -66.90
N ALA D 206 37.75 -30.88 -66.17
CA ALA D 206 36.36 -31.24 -65.94
C ALA D 206 35.48 -30.96 -67.16
N LEU D 207 35.67 -29.80 -67.80
CA LEU D 207 34.93 -29.49 -69.01
C LEU D 207 35.20 -30.52 -70.10
N TYR D 208 36.45 -30.98 -70.24
CA TYR D 208 36.72 -32.04 -71.20
C TYR D 208 36.02 -33.33 -70.78
N ASP D 209 36.17 -33.73 -69.52
CA ASP D 209 35.50 -34.95 -69.05
C ASP D 209 33.99 -34.86 -69.15
N ILE D 210 33.42 -33.65 -69.08
CA ILE D 210 31.98 -33.53 -69.24
C ILE D 210 31.59 -33.73 -70.70
N CYS D 211 32.29 -33.03 -71.61
CA CYS D 211 31.94 -33.09 -73.03
C CYS D 211 32.06 -34.51 -73.57
N PHE D 212 33.08 -35.25 -73.13
CA PHE D 212 33.37 -36.56 -73.68
C PHE D 212 32.47 -37.64 -73.07
N ARG D 213 32.38 -37.69 -71.75
CA ARG D 213 31.67 -38.76 -71.05
C ARG D 213 30.18 -38.50 -70.98
N THR D 214 29.77 -37.28 -70.59
CA THR D 214 28.36 -36.97 -70.52
C THR D 214 27.82 -36.55 -71.89
N LEU D 215 28.30 -35.43 -72.41
CA LEU D 215 27.82 -34.95 -73.71
C LEU D 215 28.21 -35.87 -74.87
N LYS D 216 29.22 -36.72 -74.67
CA LYS D 216 29.63 -37.69 -75.69
C LYS D 216 30.17 -36.97 -76.93
N LEU D 217 31.29 -36.29 -76.72
CA LEU D 217 32.04 -35.62 -77.79
C LEU D 217 33.44 -36.22 -77.83
N THR D 218 33.71 -37.01 -78.88
CA THR D 218 35.01 -37.66 -78.97
C THR D 218 36.13 -36.64 -79.10
N THR D 219 35.90 -35.57 -79.88
CA THR D 219 36.86 -34.48 -80.03
C THR D 219 36.16 -33.19 -79.61
N PRO D 220 36.13 -32.87 -78.31
CA PRO D 220 35.53 -31.60 -77.89
C PRO D 220 36.44 -30.43 -78.22
N THR D 221 35.83 -29.39 -78.77
CA THR D 221 36.52 -28.19 -79.19
C THR D 221 36.52 -27.15 -78.07
N TYR D 222 37.40 -26.16 -78.18
CA TYR D 222 37.30 -25.04 -77.26
C TYR D 222 35.92 -24.40 -77.33
N GLY D 223 35.23 -24.52 -78.46
CA GLY D 223 33.85 -24.07 -78.52
C GLY D 223 32.90 -24.90 -77.70
N ASP D 224 33.13 -26.22 -77.62
CA ASP D 224 32.34 -27.08 -76.75
C ASP D 224 32.55 -26.75 -75.28
N LEU D 225 33.82 -26.62 -74.88
CA LEU D 225 34.14 -26.31 -73.50
C LEU D 225 33.48 -25.00 -73.08
N ASN D 226 33.54 -23.98 -73.94
CA ASN D 226 33.08 -22.65 -73.55
C ASN D 226 31.56 -22.58 -73.47
N HIS D 227 30.85 -23.51 -74.11
CA HIS D 227 29.40 -23.64 -73.89
C HIS D 227 29.09 -23.94 -72.42
N LEU D 228 29.83 -24.89 -71.82
CA LEU D 228 29.66 -25.18 -70.40
C LEU D 228 30.02 -23.97 -69.55
N VAL D 229 31.04 -23.21 -69.97
CA VAL D 229 31.49 -22.06 -69.19
C VAL D 229 30.47 -20.93 -69.23
N SER D 230 29.99 -20.59 -70.43
CA SER D 230 28.99 -19.53 -70.53
C SER D 230 27.75 -19.85 -69.68
N ALA D 231 27.28 -21.09 -69.71
CA ALA D 231 26.12 -21.47 -68.91
C ALA D 231 26.42 -21.35 -67.43
N THR D 232 27.66 -21.60 -67.03
CA THR D 232 28.04 -21.52 -65.62
C THR D 232 28.18 -20.07 -65.17
N MET D 233 28.80 -19.23 -66.01
CA MET D 233 28.97 -17.83 -65.64
C MET D 233 27.63 -17.10 -65.60
N SER D 234 26.72 -17.45 -66.51
CA SER D 234 25.37 -16.91 -66.39
C SER D 234 24.69 -17.39 -65.11
N GLY D 235 24.89 -18.66 -64.75
CA GLY D 235 24.34 -19.18 -63.52
C GLY D 235 24.78 -18.38 -62.32
N VAL D 236 26.10 -18.25 -62.11
CA VAL D 236 26.61 -17.72 -60.85
C VAL D 236 26.55 -16.20 -60.78
N THR D 237 26.15 -15.52 -61.86
CA THR D 237 25.92 -14.08 -61.82
C THR D 237 24.43 -13.74 -61.87
N THR D 238 23.55 -14.74 -61.94
CA THR D 238 22.10 -14.52 -61.91
C THR D 238 21.67 -13.67 -60.71
N CYS D 239 22.25 -13.93 -59.54
CA CYS D 239 21.88 -13.15 -58.36
C CYS D 239 22.38 -11.71 -58.44
N LEU D 240 23.43 -11.44 -59.24
CA LEU D 240 23.87 -10.06 -59.40
C LEU D 240 23.01 -9.29 -60.39
N ARG D 241 22.37 -9.98 -61.35
CA ARG D 241 21.75 -9.34 -62.49
C ARG D 241 20.24 -9.19 -62.38
N PHE D 242 19.57 -9.98 -61.55
CA PHE D 242 18.13 -9.82 -61.46
C PHE D 242 17.71 -9.54 -60.02
N PRO D 243 16.60 -8.85 -59.83
CA PRO D 243 16.16 -8.47 -58.48
C PRO D 243 16.13 -9.67 -57.55
N GLY D 244 16.66 -9.49 -56.34
CA GLY D 244 16.71 -10.60 -55.41
C GLY D 244 17.34 -10.22 -54.09
N GLN D 245 17.34 -11.18 -53.17
CA GLN D 245 17.70 -10.97 -51.78
C GLN D 245 19.14 -11.39 -51.45
N LEU D 246 19.46 -12.67 -51.62
CA LEU D 246 20.69 -13.22 -51.07
C LEU D 246 21.82 -13.27 -52.10
N ASN D 247 23.01 -12.84 -51.67
CA ASN D 247 24.19 -12.66 -52.53
C ASN D 247 23.92 -11.72 -53.70
N ALA D 248 23.11 -10.68 -53.44
CA ALA D 248 22.79 -9.67 -54.44
C ALA D 248 24.02 -8.91 -54.94
N ASP D 249 25.19 -9.12 -54.33
CA ASP D 249 26.38 -8.35 -54.68
C ASP D 249 27.62 -9.14 -54.25
N LEU D 250 28.77 -8.73 -54.80
CA LEU D 250 30.01 -9.49 -54.66
C LEU D 250 30.52 -9.55 -53.22
N ARG D 251 30.27 -8.53 -52.41
CA ARG D 251 30.77 -8.57 -51.04
C ARG D 251 29.96 -9.53 -50.18
N LYS D 252 28.63 -9.55 -50.36
CA LYS D 252 27.78 -10.47 -49.62
C LYS D 252 28.06 -11.91 -50.03
N LEU D 253 28.37 -12.15 -51.30
CA LEU D 253 28.80 -13.49 -51.67
C LEU D 253 30.06 -13.88 -50.92
N ALA D 254 31.08 -13.03 -50.97
CA ALA D 254 32.34 -13.30 -50.26
C ALA D 254 32.09 -13.57 -48.76
N VAL D 255 31.31 -12.71 -48.10
CA VAL D 255 31.06 -12.88 -46.67
C VAL D 255 30.40 -14.22 -46.37
N ASN D 256 29.45 -14.65 -47.22
CA ASN D 256 28.75 -15.91 -46.97
C ASN D 256 29.56 -17.14 -47.36
N MET D 257 30.46 -17.02 -48.35
CA MET D 257 31.18 -18.14 -48.94
C MET D 257 32.59 -18.35 -48.40
N VAL D 258 33.25 -17.32 -47.87
CA VAL D 258 34.68 -17.44 -47.56
C VAL D 258 34.91 -17.39 -46.05
N PRO D 259 34.92 -18.56 -45.38
CA PRO D 259 35.17 -18.56 -43.93
C PRO D 259 36.61 -18.19 -43.55
N PHE D 260 37.57 -18.28 -44.47
CA PHE D 260 38.97 -17.98 -44.19
C PHE D 260 39.55 -17.36 -45.46
N PRO D 261 40.26 -16.23 -45.37
CA PRO D 261 40.55 -15.46 -46.59
C PRO D 261 41.18 -16.27 -47.72
N ARG D 262 42.10 -17.20 -47.39
CA ARG D 262 42.80 -17.97 -48.43
C ARG D 262 41.92 -19.04 -49.08
N LEU D 263 40.92 -19.55 -48.37
CA LEU D 263 40.06 -20.63 -48.87
C LEU D 263 38.87 -20.03 -49.62
N HIS D 264 39.20 -19.44 -50.78
CA HIS D 264 38.23 -18.70 -51.58
C HIS D 264 38.15 -19.24 -53.00
N PHE D 265 38.52 -20.51 -53.20
CA PHE D 265 38.47 -21.15 -54.52
C PHE D 265 37.24 -22.05 -54.59
N PHE D 266 36.35 -21.73 -55.52
CA PHE D 266 35.02 -22.32 -55.56
C PHE D 266 34.93 -23.37 -56.66
N MET D 267 34.19 -24.43 -56.37
CA MET D 267 33.85 -25.49 -57.32
C MET D 267 32.47 -25.19 -57.88
N PRO D 268 32.33 -24.85 -59.16
CA PRO D 268 31.01 -24.57 -59.73
C PRO D 268 30.34 -25.83 -60.27
N GLY D 269 29.01 -25.78 -60.31
CA GLY D 269 28.23 -26.89 -60.81
C GLY D 269 27.02 -26.36 -61.55
N PHE D 270 26.50 -27.20 -62.45
CA PHE D 270 25.38 -26.82 -63.29
C PHE D 270 24.56 -28.07 -63.59
N ALA D 271 23.25 -27.88 -63.77
CA ALA D 271 22.29 -28.91 -64.17
C ALA D 271 21.12 -28.22 -64.86
N PRO D 272 20.53 -28.84 -65.89
CA PRO D 272 20.95 -30.08 -66.55
C PRO D 272 22.13 -29.84 -67.51
N LEU D 273 22.91 -30.87 -67.84
CA LEU D 273 23.91 -30.77 -68.90
C LEU D 273 23.47 -31.57 -70.13
N LEU D 284 13.44 -31.89 -66.63
CA LEU D 284 13.91 -32.19 -65.28
C LEU D 284 12.94 -31.73 -64.19
N THR D 285 12.84 -32.54 -63.13
CA THR D 285 12.06 -32.22 -61.96
C THR D 285 12.92 -31.52 -60.91
N VAL D 286 12.26 -30.96 -59.87
CA VAL D 286 13.00 -30.27 -58.81
C VAL D 286 13.87 -31.21 -58.02
N PRO D 287 13.47 -32.47 -57.74
CA PRO D 287 14.40 -33.40 -57.08
C PRO D 287 15.57 -33.82 -57.95
N GLU D 288 15.33 -34.04 -59.25
CA GLU D 288 16.42 -34.40 -60.16
C GLU D 288 17.41 -33.26 -60.30
N LEU D 289 16.92 -32.03 -60.49
CA LEU D 289 17.78 -30.86 -60.53
C LEU D 289 18.67 -30.80 -59.29
N THR D 290 18.07 -30.97 -58.11
CA THR D 290 18.84 -30.88 -56.86
C THR D 290 19.89 -31.99 -56.77
N GLN D 291 19.51 -33.22 -57.12
CA GLN D 291 20.45 -34.34 -57.04
C GLN D 291 21.59 -34.18 -58.04
N GLN D 292 21.27 -33.75 -59.26
CA GLN D 292 22.28 -33.57 -60.30
C GLN D 292 23.27 -32.47 -59.94
N MET D 293 22.77 -31.30 -59.54
CA MET D 293 23.63 -30.16 -59.26
C MET D 293 24.59 -30.44 -58.11
N PHE D 294 24.34 -31.48 -57.32
CA PHE D 294 25.25 -31.92 -56.26
C PHE D 294 26.12 -33.10 -56.67
N ASP D 295 25.85 -33.70 -57.83
CA ASP D 295 26.60 -34.86 -58.32
C ASP D 295 27.96 -34.44 -58.84
N SER D 296 28.97 -35.27 -58.55
CA SER D 296 30.31 -35.00 -59.06
C SER D 296 30.33 -34.78 -60.56
N LYS D 297 29.44 -35.44 -61.30
CA LYS D 297 29.45 -35.37 -62.76
C LYS D 297 29.02 -34.00 -63.30
N ASN D 298 28.34 -33.18 -62.49
CA ASN D 298 27.93 -31.85 -62.93
C ASN D 298 28.87 -30.76 -62.42
N MET D 299 29.94 -31.11 -61.70
CA MET D 299 30.92 -30.13 -61.23
C MET D 299 31.83 -29.68 -62.37
N MET D 300 32.18 -28.39 -62.36
CA MET D 300 33.12 -27.79 -63.29
C MET D 300 34.53 -27.72 -62.72
N ALA D 301 34.78 -28.33 -61.57
CA ALA D 301 36.09 -28.27 -60.94
C ALA D 301 36.84 -29.58 -60.96
N ALA D 302 36.22 -30.69 -61.37
CA ALA D 302 36.92 -31.98 -61.50
C ALA D 302 37.46 -32.44 -60.14
N CYS D 303 36.59 -32.39 -59.15
CA CYS D 303 36.86 -32.89 -57.80
C CYS D 303 35.59 -33.58 -57.36
N ASP D 304 35.72 -34.72 -56.66
CA ASP D 304 34.55 -35.39 -56.12
C ASP D 304 34.21 -34.80 -54.75
N PRO D 305 33.05 -34.18 -54.57
CA PRO D 305 32.72 -33.65 -53.24
C PRO D 305 32.72 -34.73 -52.14
N ARG D 306 32.35 -35.96 -52.45
CA ARG D 306 32.36 -36.99 -51.42
C ARG D 306 33.76 -37.36 -50.95
N HIS D 307 34.80 -36.71 -51.49
CA HIS D 307 36.16 -36.85 -51.00
C HIS D 307 36.56 -35.70 -50.09
N GLY D 308 35.63 -34.82 -49.75
CA GLY D 308 35.89 -33.71 -48.86
C GLY D 308 34.63 -33.33 -48.09
N ARG D 309 34.56 -32.06 -47.69
CA ARG D 309 33.42 -31.53 -46.95
C ARG D 309 33.15 -30.11 -47.43
N TYR D 310 31.88 -29.75 -47.49
CA TYR D 310 31.49 -28.38 -47.83
C TYR D 310 31.65 -27.44 -46.63
N LEU D 311 32.53 -26.44 -46.77
CA LEU D 311 32.49 -25.31 -45.85
C LEU D 311 31.20 -24.51 -46.03
N THR D 312 30.91 -24.12 -47.27
CA THR D 312 29.75 -23.30 -47.62
C THR D 312 29.28 -23.67 -49.03
N VAL D 313 28.00 -23.46 -49.29
CA VAL D 313 27.42 -23.75 -50.60
C VAL D 313 26.37 -22.69 -50.93
N ALA D 314 26.32 -22.33 -52.21
CA ALA D 314 25.27 -21.49 -52.76
C ALA D 314 24.61 -22.24 -53.93
N ALA D 315 23.29 -22.28 -53.94
CA ALA D 315 22.52 -22.97 -54.97
C ALA D 315 21.54 -21.97 -55.60
N ILE D 316 21.63 -21.76 -56.91
CA ILE D 316 20.70 -20.88 -57.63
C ILE D 316 19.82 -21.73 -58.54
N PHE D 317 18.51 -21.74 -58.27
CA PHE D 317 17.53 -22.37 -59.15
C PHE D 317 16.91 -21.29 -60.04
N ARG D 318 16.72 -21.63 -61.33
CA ARG D 318 16.19 -20.70 -62.31
C ARG D 318 15.02 -21.34 -63.05
N GLY D 319 13.94 -20.59 -63.18
CA GLY D 319 12.73 -21.09 -63.79
C GLY D 319 11.54 -20.95 -62.87
N ARG D 320 10.41 -21.43 -63.37
CA ARG D 320 9.16 -21.48 -62.61
C ARG D 320 9.03 -22.87 -62.00
N MET D 321 8.97 -22.91 -60.67
CA MET D 321 8.95 -24.15 -59.91
C MET D 321 8.44 -23.81 -58.52
N SER D 322 7.98 -24.83 -57.80
CA SER D 322 7.44 -24.60 -56.45
C SER D 322 8.60 -24.26 -55.51
N MET D 323 8.49 -23.13 -54.80
CA MET D 323 9.54 -22.81 -53.84
C MET D 323 9.44 -23.70 -52.60
N LYS D 324 8.22 -24.05 -52.19
CA LYS D 324 8.06 -25.09 -51.18
C LYS D 324 8.82 -26.36 -51.57
N GLU D 325 8.73 -26.75 -52.84
CA GLU D 325 9.42 -27.96 -53.26
C GLU D 325 10.94 -27.80 -53.19
N VAL D 326 11.46 -26.64 -53.63
CA VAL D 326 12.91 -26.41 -53.59
C VAL D 326 13.42 -26.44 -52.16
N ASP D 327 12.70 -25.78 -51.24
CA ASP D 327 13.03 -25.79 -49.81
C ASP D 327 13.14 -27.21 -49.28
N GLU D 328 12.14 -28.04 -49.55
CA GLU D 328 12.13 -29.41 -49.05
C GLU D 328 13.25 -30.24 -49.68
N GLN D 329 13.47 -30.10 -50.99
CA GLN D 329 14.57 -30.84 -51.62
C GLN D 329 15.95 -30.41 -51.10
N MET D 330 16.13 -29.13 -50.77
CA MET D 330 17.45 -28.71 -50.29
C MET D 330 17.68 -29.14 -48.85
N LEU D 331 16.61 -29.14 -48.04
CA LEU D 331 16.64 -29.82 -46.74
C LEU D 331 16.94 -31.31 -46.90
N ASN D 332 16.32 -31.94 -47.91
CA ASN D 332 16.51 -33.37 -48.13
C ASN D 332 18.00 -33.69 -48.35
N VAL D 333 18.65 -32.96 -49.26
CA VAL D 333 20.03 -33.28 -49.65
C VAL D 333 21.00 -33.03 -48.50
N GLN D 334 20.74 -32.04 -47.65
CA GLN D 334 21.61 -31.86 -46.50
C GLN D 334 21.41 -32.98 -45.47
N ASN D 335 20.17 -33.35 -45.21
CA ASN D 335 19.87 -34.43 -44.28
C ASN D 335 20.57 -35.72 -44.69
N LYS D 336 20.35 -36.17 -45.93
CA LYS D 336 20.90 -37.43 -46.38
C LYS D 336 22.38 -37.36 -46.71
N ASN D 337 22.97 -36.17 -46.85
CA ASN D 337 24.40 -36.03 -47.09
C ASN D 337 25.08 -35.28 -45.96
N SER D 338 24.62 -35.47 -44.73
CA SER D 338 25.00 -34.55 -43.65
C SER D 338 26.49 -34.62 -43.34
N SER D 339 27.10 -35.80 -43.50
CA SER D 339 28.51 -35.97 -43.15
C SER D 339 29.43 -35.20 -44.09
N TYR D 340 28.92 -34.66 -45.20
CA TYR D 340 29.72 -33.95 -46.18
C TYR D 340 29.59 -32.43 -46.07
N PHE D 341 28.92 -31.93 -45.04
CA PHE D 341 28.92 -30.50 -44.71
C PHE D 341 29.58 -30.35 -43.34
N VAL D 342 30.47 -29.37 -43.19
CA VAL D 342 31.10 -29.19 -41.88
C VAL D 342 30.03 -28.80 -40.86
N GLU D 343 30.12 -29.43 -39.68
CA GLU D 343 29.10 -29.18 -38.68
C GLU D 343 29.33 -27.91 -37.86
N TRP D 344 30.54 -27.32 -37.92
CA TRP D 344 30.85 -26.12 -37.13
C TRP D 344 30.51 -24.82 -37.87
N ILE D 345 29.91 -24.91 -39.04
CA ILE D 345 29.31 -23.76 -39.71
C ILE D 345 27.83 -24.06 -39.91
N PRO D 346 26.97 -23.67 -38.97
CA PRO D 346 25.53 -23.96 -39.11
C PRO D 346 24.93 -23.21 -40.28
N ASN D 347 23.97 -23.86 -40.93
CA ASN D 347 23.19 -23.21 -41.98
C ASN D 347 24.08 -22.68 -43.10
N ASN D 348 25.01 -23.52 -43.55
CA ASN D 348 26.03 -23.09 -44.48
C ASN D 348 25.65 -23.35 -45.93
N VAL D 349 24.38 -23.61 -46.19
CA VAL D 349 23.83 -23.81 -47.54
C VAL D 349 22.69 -22.81 -47.74
N LYS D 350 22.89 -21.82 -48.60
CA LYS D 350 21.81 -20.91 -48.96
C LYS D 350 21.37 -21.20 -50.38
N THR D 351 20.10 -20.98 -50.67
CA THR D 351 19.59 -21.17 -52.02
C THR D 351 18.77 -19.98 -52.46
N ALA D 352 18.83 -19.70 -53.75
CA ALA D 352 18.06 -18.63 -54.39
C ALA D 352 17.25 -19.23 -55.53
N VAL D 353 16.08 -18.65 -55.78
CA VAL D 353 15.27 -18.96 -56.96
C VAL D 353 15.05 -17.67 -57.72
N CYS D 354 15.47 -17.65 -58.98
CA CYS D 354 15.17 -16.56 -59.91
C CYS D 354 14.22 -17.09 -60.99
N ASP D 355 13.30 -16.22 -61.43
CA ASP D 355 12.21 -16.68 -62.30
C ASP D 355 12.63 -16.91 -63.75
N ILE D 356 13.55 -16.12 -64.28
CA ILE D 356 13.92 -16.26 -65.69
C ILE D 356 14.93 -17.38 -65.86
N PRO D 357 14.61 -18.46 -66.58
CA PRO D 357 15.60 -19.50 -66.83
C PRO D 357 16.58 -19.04 -67.89
N PRO D 358 17.75 -19.68 -68.00
CA PRO D 358 18.63 -19.40 -69.13
C PRO D 358 17.89 -19.65 -70.44
N ARG D 359 18.43 -19.12 -71.54
CA ARG D 359 17.86 -19.46 -72.84
C ARG D 359 17.89 -20.97 -73.02
N GLY D 360 16.89 -21.48 -73.74
CA GLY D 360 16.88 -22.89 -74.08
C GLY D 360 16.30 -23.83 -73.03
N LEU D 361 16.59 -23.56 -71.75
CA LEU D 361 16.15 -24.42 -70.66
C LEU D 361 14.89 -23.84 -70.02
N LYS D 362 14.04 -24.74 -69.51
CA LYS D 362 12.89 -24.34 -68.70
C LYS D 362 13.21 -24.29 -67.21
N MET D 363 14.13 -25.14 -66.77
CA MET D 363 14.53 -25.21 -65.38
C MET D 363 16.01 -25.53 -65.31
N SER D 364 16.77 -24.65 -64.68
CA SER D 364 18.20 -24.88 -64.50
C SER D 364 18.54 -24.70 -63.02
N ALA D 365 19.68 -25.24 -62.64
CA ALA D 365 20.20 -25.07 -61.30
C ALA D 365 21.70 -24.79 -61.42
N THR D 366 22.18 -23.79 -60.70
CA THR D 366 23.61 -23.51 -60.64
C THR D 366 24.10 -23.59 -59.21
N PHE D 367 25.23 -24.28 -59.05
CA PHE D 367 25.78 -24.67 -57.77
C PHE D 367 27.13 -24.02 -57.59
N ILE D 368 27.37 -23.38 -56.45
CA ILE D 368 28.65 -22.79 -56.08
C ILE D 368 29.10 -23.40 -54.76
N GLY D 369 30.18 -24.16 -54.79
CA GLY D 369 30.67 -24.86 -53.62
C GLY D 369 32.06 -24.41 -53.20
N ASN D 370 32.24 -24.24 -51.90
CA ASN D 370 33.54 -24.11 -51.26
C ASN D 370 33.75 -25.43 -50.52
N SER D 371 34.40 -26.37 -51.19
CA SER D 371 34.61 -27.71 -50.69
C SER D 371 36.09 -27.98 -50.44
N THR D 372 36.42 -28.63 -49.32
CA THR D 372 37.81 -29.01 -49.10
C THR D 372 38.32 -30.01 -50.13
N ALA D 373 37.45 -30.54 -51.00
CA ALA D 373 37.87 -31.45 -52.06
C ALA D 373 38.51 -30.71 -53.24
N ILE D 374 38.40 -29.38 -53.28
CA ILE D 374 39.15 -28.59 -54.25
C ILE D 374 40.64 -28.86 -54.12
N GLN D 375 41.10 -29.40 -52.99
CA GLN D 375 42.52 -29.73 -52.89
C GLN D 375 42.90 -30.78 -53.94
N GLU D 376 41.94 -31.62 -54.35
CA GLU D 376 42.20 -32.58 -55.41
C GLU D 376 42.67 -31.89 -56.67
N LEU D 377 42.07 -30.74 -56.99
CA LEU D 377 42.46 -29.96 -58.17
C LEU D 377 43.85 -29.35 -58.01
N PHE D 378 44.17 -28.83 -56.82
CA PHE D 378 45.48 -28.26 -56.60
C PHE D 378 46.57 -29.32 -56.52
N LYS D 379 46.23 -30.55 -56.12
CA LYS D 379 47.23 -31.60 -56.03
C LYS D 379 47.60 -32.18 -57.39
N ARG D 380 46.64 -32.21 -58.32
CA ARG D 380 46.91 -32.59 -59.70
C ARG D 380 47.87 -31.60 -60.36
N ILE D 381 47.73 -30.31 -60.05
CA ILE D 381 48.66 -29.32 -60.59
C ILE D 381 50.00 -29.42 -59.87
N SER D 382 50.00 -29.55 -58.54
CA SER D 382 51.25 -29.61 -57.82
C SER D 382 52.11 -30.77 -58.29
N GLU D 383 51.48 -31.90 -58.65
CA GLU D 383 52.24 -33.07 -59.04
C GLU D 383 52.88 -32.88 -60.41
N GLN D 384 52.19 -32.18 -61.32
CA GLN D 384 52.77 -31.86 -62.62
C GLN D 384 53.84 -30.79 -62.49
N PHE D 385 53.66 -29.85 -61.56
CA PHE D 385 54.68 -28.82 -61.34
C PHE D 385 56.01 -29.47 -60.97
N THR D 386 56.01 -30.31 -59.93
CA THR D 386 57.26 -30.85 -59.42
C THR D 386 57.89 -31.89 -60.34
N ALA D 387 57.09 -32.52 -61.22
CA ALA D 387 57.66 -33.42 -62.20
C ALA D 387 58.65 -32.69 -63.09
N MET D 388 58.39 -31.41 -63.35
CA MET D 388 59.32 -30.58 -64.10
C MET D 388 60.34 -29.91 -63.20
N PHE D 389 59.87 -29.28 -62.11
CA PHE D 389 60.75 -28.47 -61.27
C PHE D 389 61.94 -29.26 -60.73
N ARG D 390 61.71 -30.51 -60.30
CA ARG D 390 62.81 -31.31 -59.76
C ARG D 390 63.88 -31.60 -60.81
N ARG D 391 63.53 -31.50 -62.09
CA ARG D 391 64.48 -31.57 -63.20
C ARG D 391 65.02 -30.19 -63.60
N LYS D 392 64.43 -29.10 -63.08
CA LYS D 392 64.74 -27.74 -63.54
C LYS D 392 64.40 -27.57 -65.02
N ALA D 393 63.40 -28.30 -65.50
CA ALA D 393 62.99 -28.26 -66.89
C ALA D 393 62.34 -26.93 -67.24
N PHE D 394 62.83 -26.29 -68.29
CA PHE D 394 62.28 -25.06 -68.89
C PHE D 394 62.45 -23.84 -68.01
N LEU D 395 63.27 -23.93 -66.95
CA LEU D 395 63.52 -22.78 -66.09
C LEU D 395 64.17 -21.62 -66.84
N HIS D 396 64.80 -21.89 -68.00
CA HIS D 396 65.45 -20.81 -68.72
C HIS D 396 64.44 -19.82 -69.29
N TRP D 397 63.26 -20.30 -69.73
CA TRP D 397 62.23 -19.37 -70.18
C TRP D 397 61.85 -18.37 -69.10
N TYR D 398 62.18 -18.67 -67.84
CA TYR D 398 61.81 -17.86 -66.68
C TYR D 398 62.98 -17.10 -66.08
N THR D 399 64.10 -17.79 -65.77
CA THR D 399 65.28 -17.07 -65.33
C THR D 399 65.72 -16.05 -66.37
N GLY D 400 65.44 -16.32 -67.64
CA GLY D 400 65.78 -15.37 -68.70
C GLY D 400 64.98 -14.09 -68.64
N GLU D 401 63.79 -14.13 -68.05
CA GLU D 401 63.02 -12.91 -67.84
C GLU D 401 63.40 -12.19 -66.57
N GLY D 402 64.31 -12.75 -65.78
CA GLY D 402 64.78 -12.13 -64.57
C GLY D 402 64.33 -12.80 -63.29
N MET D 403 63.73 -13.99 -63.36
CA MET D 403 63.12 -14.61 -62.20
C MET D 403 64.14 -15.44 -61.43
N ASP D 404 64.04 -15.38 -60.11
CA ASP D 404 64.80 -16.19 -59.19
C ASP D 404 64.22 -17.61 -59.13
N GLU D 405 65.06 -18.56 -58.72
CA GLU D 405 64.61 -19.95 -58.64
C GLU D 405 63.73 -20.19 -57.42
N MET D 406 64.07 -19.58 -56.28
CA MET D 406 63.26 -19.77 -55.09
C MET D 406 61.91 -19.06 -55.16
N GLU D 407 61.67 -18.32 -56.24
CA GLU D 407 60.32 -17.83 -56.53
C GLU D 407 59.41 -18.97 -56.98
N PHE D 408 59.95 -19.96 -57.67
CA PHE D 408 59.21 -21.19 -57.95
C PHE D 408 59.02 -22.01 -56.69
N THR D 409 60.05 -22.08 -55.85
CA THR D 409 59.95 -22.82 -54.60
C THR D 409 58.84 -22.27 -53.73
N GLU D 410 58.65 -20.95 -53.76
CA GLU D 410 57.69 -20.27 -52.90
C GLU D 410 56.26 -20.45 -53.41
N ALA D 411 56.05 -20.26 -54.71
CA ALA D 411 54.76 -20.62 -55.29
C ALA D 411 54.39 -22.05 -54.95
N GLU D 412 55.36 -22.97 -55.07
CA GLU D 412 55.12 -24.35 -54.71
C GLU D 412 54.66 -24.47 -53.25
N SER D 413 55.49 -24.01 -52.31
CA SER D 413 55.19 -24.27 -50.91
C SER D 413 53.91 -23.55 -50.46
N ASN D 414 53.59 -22.40 -51.08
CA ASN D 414 52.34 -21.71 -50.77
C ASN D 414 51.13 -22.54 -51.20
N MET D 415 51.19 -23.14 -52.39
CA MET D 415 50.06 -23.96 -52.85
C MET D 415 49.98 -25.26 -52.06
N ASN D 416 51.14 -25.86 -51.73
CA ASN D 416 51.12 -26.98 -50.80
C ASN D 416 50.48 -26.58 -49.48
N ASP D 417 50.67 -25.33 -49.07
CA ASP D 417 50.06 -24.83 -47.82
C ASP D 417 48.56 -24.69 -47.96
N LEU D 418 48.09 -24.21 -49.11
CA LEU D 418 46.65 -24.11 -49.37
C LEU D 418 45.98 -25.48 -49.27
N VAL D 419 46.65 -26.52 -49.78
CA VAL D 419 46.12 -27.87 -49.67
C VAL D 419 46.14 -28.35 -48.22
N SER D 420 47.17 -27.99 -47.45
CA SER D 420 47.20 -28.44 -46.05
C SER D 420 46.08 -27.79 -45.26
N GLU D 421 45.72 -26.56 -45.62
CA GLU D 421 44.69 -25.87 -44.86
C GLU D 421 43.30 -26.38 -45.21
N TYR D 422 43.07 -26.75 -46.47
CA TYR D 422 41.84 -27.45 -46.80
C TYR D 422 41.74 -28.76 -46.02
N GLN D 423 42.83 -29.53 -45.97
CA GLN D 423 42.83 -30.76 -45.18
C GLN D 423 42.59 -30.47 -43.71
N GLN D 424 43.11 -29.35 -43.21
CA GLN D 424 42.98 -29.03 -41.79
C GLN D 424 41.51 -28.84 -41.40
N TYR D 425 40.74 -28.14 -42.24
CA TYR D 425 39.34 -27.88 -41.92
C TYR D 425 38.42 -29.03 -42.32
N GLN D 426 38.85 -29.89 -43.24
CA GLN D 426 38.09 -31.10 -43.53
C GLN D 426 38.13 -32.06 -42.34
N ASP D 427 39.27 -32.12 -41.64
CA ASP D 427 39.48 -33.00 -40.50
C ASP D 427 38.94 -32.43 -39.20
N ALA D 428 38.61 -31.14 -39.17
CA ALA D 428 38.15 -30.48 -37.95
C ALA D 428 36.75 -30.95 -37.57
N THR D 429 36.50 -30.99 -36.25
CA THR D 429 35.21 -31.36 -35.67
C THR D 429 34.74 -30.30 -34.68
N ALA D 430 33.44 -30.35 -34.37
CA ALA D 430 32.86 -29.45 -33.36
C ALA D 430 33.37 -29.77 -31.95
N ASP D 431 33.32 -31.03 -31.55
CA ASP D 431 33.72 -31.39 -30.17
C ASP D 431 35.23 -31.66 -30.10
N MET E 4 -33.42 16.78 72.88
CA MET E 4 -33.24 17.46 71.59
C MET E 4 -33.38 18.98 71.72
N GLU E 5 -32.26 19.70 71.65
CA GLU E 5 -32.15 21.10 72.05
C GLU E 5 -32.20 22.03 70.85
N VAL E 6 -33.08 23.04 70.89
CA VAL E 6 -33.22 24.04 69.82
C VAL E 6 -32.63 25.36 70.29
N ILE E 7 -31.92 26.05 69.39
CA ILE E 7 -31.11 27.20 69.77
C ILE E 7 -31.08 28.21 68.64
N GLU E 8 -30.66 29.43 68.99
CA GLU E 8 -30.37 30.50 68.03
C GLU E 8 -31.48 30.67 66.99
N LEU E 9 -32.72 30.64 67.47
CA LEU E 9 -33.87 30.91 66.61
C LEU E 9 -33.84 32.38 66.16
N ASN E 10 -33.65 32.61 64.86
CA ASN E 10 -33.75 33.93 64.23
C ASN E 10 -34.96 33.94 63.31
N LYS E 11 -35.84 34.93 63.49
CA LYS E 11 -37.05 35.08 62.68
C LYS E 11 -37.03 36.40 61.93
N CYS E 12 -37.61 36.38 60.74
CA CYS E 12 -37.84 37.61 59.98
C CYS E 12 -38.98 37.34 59.01
N THR E 13 -39.31 38.35 58.21
CA THR E 13 -40.45 38.24 57.32
C THR E 13 -40.23 37.21 56.22
N SER E 14 -38.98 36.87 55.87
CA SER E 14 -38.71 35.92 54.78
C SER E 14 -38.74 34.47 55.23
N GLY E 15 -38.50 34.22 56.52
CA GLY E 15 -38.41 32.88 57.05
C GLY E 15 -37.75 32.93 58.42
N GLN E 16 -37.29 31.76 58.87
CA GLN E 16 -36.55 31.66 60.12
C GLN E 16 -35.50 30.57 60.01
N SER E 17 -34.50 30.66 60.89
CA SER E 17 -33.42 29.68 60.94
C SER E 17 -33.10 29.42 62.39
N PHE E 18 -32.39 28.32 62.63
CA PHE E 18 -32.14 27.84 63.99
C PHE E 18 -31.25 26.60 63.91
N GLU E 19 -30.87 26.05 65.06
CA GLU E 19 -29.96 24.90 65.13
C GLU E 19 -30.49 23.94 66.18
N VAL E 20 -30.49 22.65 65.86
CA VAL E 20 -30.97 21.62 66.78
C VAL E 20 -29.82 20.66 67.07
N ILE E 21 -29.47 20.56 68.35
CA ILE E 21 -28.47 19.61 68.84
C ILE E 21 -29.19 18.37 69.37
N LEU E 22 -28.84 17.20 68.83
CA LEU E 22 -29.35 15.93 69.35
C LEU E 22 -28.40 15.28 70.34
N LYS E 23 -27.19 15.82 70.50
CA LYS E 23 -26.14 15.14 71.26
C LYS E 23 -24.85 15.94 71.19
N PRO E 24 -24.22 16.25 72.32
CA PRO E 24 -22.93 16.96 72.30
C PRO E 24 -21.83 16.06 71.73
N PRO E 25 -20.66 16.63 71.45
CA PRO E 25 -19.52 15.79 71.00
C PRO E 25 -19.08 14.78 72.07
N SER E 26 -18.31 13.79 71.64
CA SER E 26 -17.83 12.71 72.51
C SER E 26 -16.29 12.62 72.59
N ASP E 42 0.20 30.02 50.08
CA ASP E 42 -0.12 29.85 48.66
C ASP E 42 1.03 30.34 47.77
N PRO E 43 1.04 29.91 46.51
CA PRO E 43 2.09 30.35 45.57
C PRO E 43 1.86 31.79 45.09
N SER E 44 2.95 32.42 44.65
CA SER E 44 2.95 33.82 44.27
C SER E 44 2.76 33.97 42.76
N LEU E 45 2.47 35.21 42.33
CA LEU E 45 2.34 35.48 40.91
C LEU E 45 3.59 35.03 40.15
N GLU E 46 4.77 35.34 40.68
CA GLU E 46 5.99 35.04 39.95
C GLU E 46 6.25 33.53 39.86
N GLU E 47 5.82 32.75 40.85
CA GLU E 47 5.95 31.30 40.75
C GLU E 47 5.02 30.73 39.66
N ILE E 48 3.74 31.12 39.70
CA ILE E 48 2.81 30.82 38.60
C ILE E 48 3.46 31.13 37.26
N GLN E 49 4.13 32.28 37.16
CA GLN E 49 4.68 32.72 35.89
C GLN E 49 5.84 31.85 35.43
N LYS E 50 6.71 31.45 36.36
CA LYS E 50 7.73 30.45 36.04
C LYS E 50 7.09 29.17 35.50
N LYS E 51 6.17 28.57 36.25
CA LYS E 51 5.58 27.29 35.88
C LYS E 51 4.97 27.33 34.48
N LEU E 52 4.16 28.36 34.20
CA LEU E 52 3.59 28.56 32.86
C LEU E 52 4.68 28.76 31.81
N GLU E 53 5.68 29.59 32.11
CA GLU E 53 6.72 29.84 31.12
C GLU E 53 7.66 28.65 30.95
N ALA E 54 7.88 27.86 32.01
CA ALA E 54 8.58 26.59 31.84
C ALA E 54 7.82 25.67 30.87
N ALA E 55 6.50 25.58 31.03
CA ALA E 55 5.70 24.75 30.14
C ALA E 55 5.79 25.23 28.70
N GLU E 56 5.80 26.55 28.48
CA GLU E 56 5.88 27.06 27.11
C GLU E 56 7.25 26.78 26.49
N GLU E 57 8.31 26.81 27.29
CA GLU E 57 9.64 26.47 26.79
C GLU E 57 9.70 25.00 26.38
N ARG E 58 9.10 24.11 27.18
CA ARG E 58 9.11 22.69 26.81
C ARG E 58 8.36 22.45 25.51
N ARG E 59 7.27 23.19 25.27
CA ARG E 59 6.61 23.13 23.97
C ARG E 59 7.53 23.62 22.87
N LYS E 60 8.28 24.70 23.12
CA LYS E 60 9.18 25.22 22.09
C LYS E 60 10.34 24.28 21.80
N TYR E 61 10.90 23.63 22.85
CA TYR E 61 11.91 22.61 22.60
C TYR E 61 11.37 21.50 21.72
N GLN E 62 10.26 20.89 22.12
CA GLN E 62 9.65 19.83 21.32
C GLN E 62 9.41 20.26 19.89
N GLU E 63 8.99 21.51 19.70
CA GLU E 63 8.64 21.93 18.36
C GLU E 63 9.88 22.20 17.50
N ALA E 64 10.94 22.72 18.11
CA ALA E 64 12.18 22.94 17.40
C ALA E 64 12.83 21.61 17.03
N GLU E 65 12.68 20.60 17.87
CA GLU E 65 13.13 19.26 17.52
C GLU E 65 12.40 18.71 16.29
N LEU E 66 11.07 18.91 16.24
CA LEU E 66 10.34 18.51 15.05
C LEU E 66 10.87 19.24 13.81
N LEU E 67 11.08 20.56 13.90
CA LEU E 67 11.55 21.33 12.76
C LEU E 67 12.96 20.94 12.35
N LYS E 68 13.83 20.65 13.34
CA LYS E 68 15.16 20.13 13.02
C LYS E 68 15.05 18.82 12.25
N HIS E 69 14.17 17.92 12.70
CA HIS E 69 13.98 16.64 12.02
C HIS E 69 13.40 16.82 10.61
N LEU E 70 12.43 17.72 10.45
CA LEU E 70 11.90 17.98 9.12
C LEU E 70 12.94 18.62 8.22
N ALA E 71 13.86 19.41 8.78
CA ALA E 71 14.94 20.00 7.99
C ALA E 71 15.92 18.93 7.51
N GLU E 72 16.19 17.92 8.35
CA GLU E 72 16.98 16.76 7.92
C GLU E 72 16.35 16.08 6.71
N LYS E 73 15.01 15.93 6.73
CA LYS E 73 14.34 15.29 5.60
C LYS E 73 14.49 16.10 4.32
N ARG E 74 14.51 17.44 4.41
CA ARG E 74 14.78 18.26 3.23
C ARG E 74 16.17 17.98 2.65
N GLU E 75 17.20 17.89 3.50
CA GLU E 75 18.53 17.63 2.94
C GLU E 75 18.57 16.28 2.27
N HIS E 76 17.90 15.28 2.87
CA HIS E 76 17.80 13.97 2.26
C HIS E 76 17.07 14.04 0.92
N GLU E 77 16.00 14.84 0.83
CA GLU E 77 15.29 15.01 -0.43
C GLU E 77 16.19 15.63 -1.51
N ARG E 78 16.99 16.64 -1.17
CA ARG E 78 17.83 17.15 -2.26
C ARG E 78 18.99 16.20 -2.58
N GLU E 79 19.48 15.41 -1.62
CA GLU E 79 20.50 14.42 -1.94
C GLU E 79 19.97 13.39 -2.93
N VAL E 80 18.74 12.90 -2.72
CA VAL E 80 18.19 11.88 -3.61
C VAL E 80 18.11 12.40 -5.05
N ILE E 81 17.57 13.61 -5.24
CA ILE E 81 17.43 14.15 -6.57
C ILE E 81 18.79 14.52 -7.17
N GLN E 82 19.74 15.00 -6.35
CA GLN E 82 21.11 15.17 -6.84
C GLN E 82 21.70 13.83 -7.28
N LYS E 83 21.35 12.73 -6.59
CA LYS E 83 21.92 11.44 -6.96
C LYS E 83 21.35 10.93 -8.28
N ALA E 84 20.04 11.05 -8.48
CA ALA E 84 19.45 10.69 -9.76
C ALA E 84 20.10 11.47 -10.92
N ILE E 85 20.27 12.79 -10.74
CA ILE E 85 20.92 13.60 -11.75
C ILE E 85 22.35 13.11 -11.98
N GLU E 86 23.10 12.94 -10.89
CA GLU E 86 24.49 12.50 -10.98
C GLU E 86 24.61 11.14 -11.67
N GLU E 87 23.62 10.26 -11.47
CA GLU E 87 23.71 8.96 -12.12
C GLU E 87 23.34 9.04 -13.59
N ASN E 88 22.30 9.80 -13.95
CA ASN E 88 21.99 9.96 -15.37
C ASN E 88 23.17 10.58 -16.11
N ASN E 89 23.82 11.59 -15.51
CA ASN E 89 24.95 12.26 -16.15
C ASN E 89 26.12 11.31 -16.34
N ASN E 90 26.42 10.50 -15.31
CA ASN E 90 27.54 9.58 -15.38
C ASN E 90 27.31 8.51 -16.44
N PHE E 91 26.07 8.05 -16.58
CA PHE E 91 25.70 7.11 -17.63
C PHE E 91 25.88 7.72 -19.01
N ILE E 92 25.36 8.94 -19.22
CA ILE E 92 25.56 9.61 -20.50
C ILE E 92 27.06 9.80 -20.78
N LYS E 93 27.80 10.24 -19.76
CA LYS E 93 29.23 10.49 -19.92
C LYS E 93 29.99 9.23 -20.32
N MET E 94 29.70 8.12 -19.64
CA MET E 94 30.45 6.88 -19.88
C MET E 94 30.10 6.28 -21.24
N ALA E 95 28.81 6.31 -21.60
CA ALA E 95 28.43 5.93 -22.95
C ALA E 95 29.14 6.79 -23.99
N LYS E 96 29.22 8.10 -23.73
CA LYS E 96 29.90 8.99 -24.66
C LYS E 96 31.38 8.61 -24.82
N GLU E 97 32.05 8.26 -23.73
CA GLU E 97 33.48 7.96 -23.79
C GLU E 97 33.73 6.54 -24.28
N LYS E 98 32.86 5.59 -23.94
CA LYS E 98 32.96 4.24 -24.48
C LYS E 98 32.92 4.28 -26.00
N LEU E 99 32.01 5.10 -26.54
CA LEU E 99 31.82 5.17 -27.98
C LEU E 99 33.01 5.81 -28.69
N ALA E 100 33.47 6.96 -28.21
CA ALA E 100 34.63 7.61 -28.83
C ALA E 100 35.86 6.72 -28.73
N GLN E 101 35.98 5.96 -27.64
CA GLN E 101 37.08 5.01 -27.56
C GLN E 101 36.96 3.91 -28.63
N LYS E 102 35.75 3.35 -28.82
CA LYS E 102 35.56 2.30 -29.82
C LYS E 102 35.77 2.85 -31.23
N MET E 103 35.23 4.02 -31.53
CA MET E 103 35.34 4.52 -32.90
C MET E 103 36.79 4.84 -33.27
N GLU E 104 37.59 5.28 -32.28
CA GLU E 104 39.01 5.60 -32.50
C GLU E 104 39.86 4.34 -32.67
N SER E 105 39.68 3.36 -31.77
CA SER E 105 40.39 2.09 -31.91
C SER E 105 40.03 1.36 -33.20
N ASN E 106 38.77 1.48 -33.66
CA ASN E 106 38.35 0.81 -34.88
C ASN E 106 38.95 1.48 -36.13
N LYS E 107 39.06 2.81 -36.12
CA LYS E 107 39.71 3.53 -37.21
C LYS E 107 41.20 3.17 -37.29
N GLU E 108 41.92 3.23 -36.16
CA GLU E 108 43.30 2.76 -36.17
C GLU E 108 43.43 1.36 -36.76
N ASN E 109 42.60 0.43 -36.26
CA ASN E 109 42.69 -0.95 -36.72
C ASN E 109 42.43 -1.06 -38.22
N ARG E 110 41.34 -0.47 -38.69
CA ARG E 110 41.03 -0.60 -40.11
C ARG E 110 42.15 -0.01 -40.96
N GLU E 111 42.69 1.13 -40.52
CA GLU E 111 43.78 1.76 -41.25
C GLU E 111 45.04 0.91 -41.21
N ALA E 112 45.31 0.24 -40.09
CA ALA E 112 46.51 -0.56 -40.03
C ALA E 112 46.40 -1.80 -40.93
N HIS E 113 45.21 -2.41 -41.03
CA HIS E 113 45.08 -3.57 -41.91
C HIS E 113 45.18 -3.16 -43.38
N LEU E 114 44.67 -1.98 -43.74
CA LEU E 114 44.84 -1.49 -45.11
C LEU E 114 46.29 -1.13 -45.39
N ALA E 115 46.95 -0.42 -44.47
CA ALA E 115 48.33 -0.02 -44.69
C ALA E 115 49.23 -1.23 -44.85
N ALA E 116 48.96 -2.30 -44.10
CA ALA E 116 49.74 -3.53 -44.25
C ALA E 116 49.47 -4.21 -45.57
N MET E 117 48.27 -4.05 -46.12
CA MET E 117 47.94 -4.61 -47.41
C MET E 117 48.66 -3.87 -48.52
N LEU E 118 48.66 -2.53 -48.45
CA LEU E 118 49.40 -1.73 -49.42
C LEU E 118 50.90 -1.96 -49.28
N GLU E 119 51.41 -2.04 -48.06
CA GLU E 119 52.84 -2.23 -47.87
C GLU E 119 53.35 -3.46 -48.61
N ARG E 120 52.59 -4.55 -48.62
CA ARG E 120 53.10 -5.76 -49.27
C ARG E 120 52.78 -5.81 -50.76
N LEU E 121 51.74 -5.11 -51.22
CA LEU E 121 51.56 -4.90 -52.65
C LEU E 121 52.70 -4.02 -53.20
N GLN E 122 53.16 -3.06 -52.40
CA GLN E 122 54.27 -2.21 -52.81
C GLN E 122 55.61 -2.93 -52.74
N GLU E 123 55.71 -3.95 -51.89
CA GLU E 123 56.85 -4.86 -51.98
C GLU E 123 56.82 -5.64 -53.29
N LYS E 124 55.63 -6.00 -53.78
CA LYS E 124 55.54 -6.66 -55.08
C LYS E 124 56.13 -5.81 -56.20
N ASP E 125 56.04 -4.48 -56.07
CA ASP E 125 56.59 -3.58 -57.09
C ASP E 125 58.11 -3.45 -56.97
N LYS E 126 58.63 -3.49 -55.74
CA LYS E 126 60.08 -3.50 -55.55
C LYS E 126 60.71 -4.78 -56.08
N HIS E 127 60.00 -5.91 -55.93
CA HIS E 127 60.44 -7.18 -56.50
C HIS E 127 60.27 -7.23 -58.01
N ALA E 128 59.30 -6.48 -58.56
CA ALA E 128 59.17 -6.40 -60.01
C ALA E 128 60.26 -5.53 -60.62
N GLU E 129 60.74 -4.51 -59.89
CA GLU E 129 61.96 -3.81 -60.31
C GLU E 129 63.15 -4.75 -60.25
N GLU E 130 63.31 -5.47 -59.14
CA GLU E 130 64.46 -6.36 -58.99
C GLU E 130 64.54 -7.39 -60.11
N VAL E 131 63.37 -7.84 -60.61
CA VAL E 131 63.34 -8.91 -61.60
C VAL E 131 63.65 -8.36 -63.00
N ARG E 132 63.15 -7.16 -63.31
CA ARG E 132 63.48 -6.53 -64.58
C ARG E 132 64.93 -6.07 -64.61
N LYS E 133 65.49 -5.72 -63.46
CA LYS E 133 66.91 -5.36 -63.37
C LYS E 133 67.80 -6.57 -63.65
N ASN E 134 67.35 -7.77 -63.27
CA ASN E 134 68.16 -8.96 -63.55
C ASN E 134 68.19 -9.29 -65.02
N LYS E 135 67.08 -9.08 -65.74
CA LYS E 135 67.04 -9.45 -67.16
C LYS E 135 67.90 -8.54 -68.03
N GLU E 136 68.25 -7.35 -67.56
CA GLU E 136 69.25 -6.55 -68.26
C GLU E 136 70.66 -6.88 -67.79
N LEU E 137 70.84 -6.94 -66.47
CA LEU E 137 72.12 -7.37 -65.89
C LEU E 137 72.64 -8.65 -66.54
N LYS E 138 71.76 -9.62 -66.78
CA LYS E 138 72.11 -10.87 -67.45
C LYS E 138 71.96 -10.77 -68.97
N GLU E 139 72.35 -9.65 -69.57
CA GLU E 139 72.29 -9.52 -71.03
C GLU E 139 72.95 -8.23 -71.50
N MET F 1 -27.28 -13.53 28.19
CA MET F 1 -26.09 -14.11 28.81
C MET F 1 -25.50 -13.17 29.84
N TYR F 2 -25.70 -13.51 31.11
CA TYR F 2 -25.19 -12.69 32.19
C TYR F 2 -23.69 -12.88 32.37
N THR F 3 -23.07 -11.95 33.10
CA THR F 3 -21.63 -11.95 33.31
C THR F 3 -21.31 -11.85 34.80
N PHE F 4 -20.21 -12.49 35.18
CA PHE F 4 -19.77 -12.44 36.56
C PHE F 4 -18.25 -12.53 36.64
N VAL F 5 -17.71 -11.91 37.68
CA VAL F 5 -16.28 -11.96 38.01
C VAL F 5 -16.13 -12.66 39.36
N VAL F 6 -14.94 -13.22 39.57
CA VAL F 6 -14.60 -13.96 40.77
C VAL F 6 -13.38 -13.29 41.39
N ARG F 7 -13.49 -12.88 42.65
CA ARG F 7 -12.41 -12.16 43.32
C ARG F 7 -11.99 -12.79 44.64
N ASP F 8 -12.50 -13.98 44.97
CA ASP F 8 -12.11 -14.71 46.18
C ASP F 8 -11.87 -16.15 45.78
N GLU F 9 -10.65 -16.45 45.33
CA GLU F 9 -10.31 -17.81 44.91
C GLU F 9 -10.38 -18.81 46.05
N ASN F 10 -10.29 -18.36 47.30
CA ASN F 10 -10.24 -19.25 48.45
C ASN F 10 -11.62 -19.68 48.94
N SER F 11 -12.67 -19.47 48.15
CA SER F 11 -14.04 -19.67 48.62
C SER F 11 -14.55 -21.00 48.07
N SER F 12 -14.75 -21.97 48.97
CA SER F 12 -15.31 -23.25 48.56
C SER F 12 -16.75 -23.09 48.08
N VAL F 13 -17.55 -22.33 48.83
CA VAL F 13 -18.95 -22.14 48.47
C VAL F 13 -19.07 -21.50 47.09
N TYR F 14 -18.34 -20.41 46.83
CA TYR F 14 -18.54 -19.74 45.56
C TYR F 14 -17.67 -20.33 44.44
N ALA F 15 -16.62 -21.09 44.78
CA ALA F 15 -16.04 -21.97 43.77
C ALA F 15 -17.10 -22.87 43.15
N GLU F 16 -18.04 -23.36 43.98
CA GLU F 16 -19.15 -24.16 43.47
C GLU F 16 -20.14 -23.30 42.71
N VAL F 17 -20.48 -22.12 43.24
CA VAL F 17 -21.51 -21.28 42.64
C VAL F 17 -21.11 -20.87 41.23
N SER F 18 -19.83 -20.57 41.03
CA SER F 18 -19.38 -20.16 39.70
C SER F 18 -19.39 -21.33 38.73
N ARG F 19 -19.05 -22.54 39.19
CA ARG F 19 -19.11 -23.70 38.30
C ARG F 19 -20.56 -24.01 37.92
N LEU F 20 -21.49 -23.84 38.86
CA LEU F 20 -22.90 -24.03 38.56
C LEU F 20 -23.38 -22.99 37.54
N LEU F 21 -23.02 -21.72 37.75
CA LEU F 21 -23.44 -20.66 36.83
C LEU F 21 -22.97 -20.94 35.41
N LEU F 22 -21.68 -21.20 35.24
CA LEU F 22 -21.13 -21.47 33.91
C LEU F 22 -21.86 -22.60 33.21
N ALA F 23 -22.23 -23.65 33.96
CA ALA F 23 -22.87 -24.82 33.39
C ALA F 23 -24.35 -24.64 33.09
N THR F 24 -24.93 -23.46 33.31
CA THR F 24 -26.29 -23.20 32.83
C THR F 24 -26.29 -22.68 31.40
N GLY F 25 -25.11 -22.47 30.82
CA GLY F 25 -24.98 -21.93 29.48
C GLY F 25 -25.37 -20.48 29.33
N GLN F 26 -25.90 -19.86 30.38
CA GLN F 26 -26.36 -18.47 30.32
C GLN F 26 -25.54 -17.52 31.19
N TRP F 27 -24.39 -17.96 31.69
CA TRP F 27 -23.48 -17.10 32.43
C TRP F 27 -22.08 -17.26 31.87
N LYS F 28 -21.40 -16.14 31.68
CA LYS F 28 -20.01 -16.13 31.25
C LYS F 28 -19.17 -15.40 32.28
N ARG F 29 -18.03 -15.99 32.61
CA ARG F 29 -17.15 -15.43 33.62
C ARG F 29 -16.11 -14.53 32.95
N LEU F 30 -15.86 -13.37 33.55
CA LEU F 30 -14.92 -12.37 33.05
C LEU F 30 -13.65 -12.39 33.89
N ARG F 31 -12.68 -11.57 33.49
CA ARG F 31 -11.49 -11.38 34.30
C ARG F 31 -11.81 -10.53 35.51
N LYS F 32 -11.08 -10.78 36.60
CA LYS F 32 -11.44 -10.20 37.89
C LYS F 32 -11.53 -8.67 37.84
N ASP F 33 -10.78 -8.04 36.93
CA ASP F 33 -10.67 -6.59 36.84
C ASP F 33 -11.55 -5.97 35.76
N ASN F 34 -12.42 -6.76 35.14
CA ASN F 34 -13.34 -6.26 34.11
C ASN F 34 -14.57 -5.69 34.79
N PRO F 35 -14.93 -4.42 34.55
CA PRO F 35 -16.00 -3.79 35.34
C PRO F 35 -17.40 -4.01 34.80
N ARG F 36 -17.54 -4.63 33.63
CA ARG F 36 -18.84 -4.87 33.00
C ARG F 36 -19.42 -6.21 33.42
N PHE F 37 -19.48 -6.45 34.73
CA PHE F 37 -20.07 -7.65 35.29
C PHE F 37 -21.48 -7.37 35.79
N ASN F 38 -22.32 -8.40 35.75
CA ASN F 38 -23.59 -8.33 36.46
C ASN F 38 -23.42 -8.69 37.93
N LEU F 39 -22.53 -9.64 38.21
CA LEU F 39 -22.41 -10.26 39.53
C LEU F 39 -20.96 -10.24 39.96
N MET F 40 -20.71 -9.77 41.17
CA MET F 40 -19.39 -9.82 41.77
C MET F 40 -19.43 -10.84 42.90
N LEU F 41 -18.72 -11.96 42.71
CA LEU F 41 -18.40 -12.84 43.83
C LEU F 41 -17.10 -12.28 44.40
N GLY F 42 -17.23 -11.46 45.45
CA GLY F 42 -16.16 -10.56 45.85
C GLY F 42 -15.16 -11.15 46.84
N GLU F 43 -14.10 -10.39 47.05
CA GLU F 43 -13.08 -10.72 48.02
C GLU F 43 -13.58 -10.43 49.44
N ARG F 44 -12.92 -11.03 50.42
CA ARG F 44 -13.34 -10.91 51.82
C ARG F 44 -12.96 -9.56 52.42
N ASN F 45 -11.78 -9.03 52.10
CA ASN F 45 -11.25 -7.83 52.75
C ASN F 45 -11.24 -6.66 51.75
N ARG F 46 -11.72 -5.51 52.21
CA ARG F 46 -11.68 -4.27 51.42
C ARG F 46 -12.39 -4.44 50.08
N LEU F 47 -13.49 -5.18 50.08
CA LEU F 47 -14.30 -5.28 48.88
C LEU F 47 -14.72 -3.88 48.44
N PRO F 48 -14.53 -3.52 47.17
CA PRO F 48 -14.80 -2.13 46.69
C PRO F 48 -16.27 -1.81 46.46
N PHE F 49 -17.04 -1.70 47.55
CA PHE F 49 -18.47 -1.44 47.42
C PHE F 49 -18.74 -0.08 46.76
N GLY F 50 -17.79 0.86 46.83
CA GLY F 50 -17.94 2.18 46.24
C GLY F 50 -17.81 2.26 44.72
N ARG F 51 -17.29 1.21 44.09
CA ARG F 51 -17.24 1.14 42.64
C ARG F 51 -18.41 0.35 42.04
N LEU F 52 -19.37 -0.08 42.85
CA LEU F 52 -20.47 -0.88 42.33
C LEU F 52 -21.68 -0.01 41.99
N GLY F 53 -22.48 -0.47 41.02
CA GLY F 53 -23.68 0.23 40.64
C GLY F 53 -23.47 1.55 39.93
N HIS F 54 -22.32 1.75 39.28
CA HIS F 54 -22.08 2.89 38.40
C HIS F 54 -21.80 2.47 36.98
N GLU F 55 -22.30 1.30 36.56
CA GLU F 55 -22.15 0.81 35.20
C GLU F 55 -23.46 1.02 34.44
N PRO F 56 -23.59 2.06 33.62
CA PRO F 56 -24.85 2.24 32.89
C PRO F 56 -25.17 1.01 32.05
N GLY F 57 -26.39 0.51 32.19
CA GLY F 57 -26.80 -0.68 31.49
C GLY F 57 -26.43 -1.99 32.15
N LEU F 58 -26.14 -1.99 33.45
CA LEU F 58 -25.77 -3.21 34.17
C LEU F 58 -26.44 -3.19 35.54
N VAL F 59 -27.46 -4.03 35.70
CA VAL F 59 -27.87 -4.44 37.04
C VAL F 59 -26.69 -5.16 37.68
N GLN F 60 -26.25 -4.68 38.83
CA GLN F 60 -25.10 -5.24 39.51
C GLN F 60 -25.49 -5.76 40.89
N LEU F 61 -24.89 -6.89 41.26
CA LEU F 61 -25.22 -7.67 42.45
C LEU F 61 -23.92 -8.23 42.97
N VAL F 62 -23.79 -8.27 44.29
CA VAL F 62 -22.58 -8.77 44.93
C VAL F 62 -22.99 -9.69 46.08
N ASN F 63 -22.13 -10.66 46.40
CA ASN F 63 -22.43 -11.64 47.44
C ASN F 63 -21.99 -11.20 48.84
N TYR F 64 -21.95 -9.90 49.12
CA TYR F 64 -21.72 -9.42 50.48
C TYR F 64 -22.55 -8.17 50.77
N TYR F 65 -22.92 -8.04 52.04
CA TYR F 65 -23.59 -6.86 52.58
C TYR F 65 -22.55 -5.96 53.23
N ARG F 66 -22.31 -4.80 52.62
CA ARG F 66 -21.55 -3.74 53.27
C ARG F 66 -22.15 -3.45 54.65
N GLY F 67 -21.28 -3.38 55.67
CA GLY F 67 -21.70 -3.20 57.03
C GLY F 67 -22.01 -4.47 57.82
N ALA F 68 -22.00 -5.64 57.17
CA ALA F 68 -22.37 -6.86 57.88
C ALA F 68 -21.27 -7.38 58.79
N ASP F 69 -20.06 -6.82 58.70
CA ASP F 69 -19.00 -7.22 59.62
C ASP F 69 -19.34 -6.90 61.06
N LYS F 70 -20.17 -5.87 61.28
CA LYS F 70 -20.52 -5.51 62.65
C LYS F 70 -21.25 -6.64 63.36
N LEU F 71 -21.77 -7.61 62.61
CA LEU F 71 -22.35 -8.83 63.16
C LEU F 71 -21.32 -9.96 63.26
N CYS F 72 -20.35 -9.99 62.35
CA CYS F 72 -19.43 -11.12 62.18
C CYS F 72 -18.03 -10.83 62.71
N ARG F 73 -17.93 -10.03 63.76
CA ARG F 73 -16.68 -9.78 64.47
C ARG F 73 -16.94 -9.98 65.95
N LYS F 74 -16.13 -10.81 66.61
CA LYS F 74 -16.35 -11.10 68.02
C LYS F 74 -16.60 -9.81 68.79
N ALA F 75 -15.70 -8.83 68.65
CA ALA F 75 -15.84 -7.59 69.41
C ALA F 75 -17.01 -6.72 68.89
N SER F 76 -17.23 -6.71 67.57
CA SER F 76 -18.31 -5.89 67.02
C SER F 76 -19.67 -6.44 67.40
N LEU F 77 -19.84 -7.77 67.38
CA LEU F 77 -21.12 -8.37 67.79
C LEU F 77 -21.45 -8.02 69.24
N VAL F 78 -20.44 -7.99 70.11
CA VAL F 78 -20.66 -7.58 71.50
C VAL F 78 -21.18 -6.14 71.56
N LYS F 79 -20.47 -5.22 70.90
CA LYS F 79 -20.91 -3.82 70.95
C LYS F 79 -22.30 -3.64 70.36
N LEU F 80 -22.66 -4.45 69.34
CA LEU F 80 -23.96 -4.32 68.71
C LEU F 80 -25.08 -4.87 69.60
N ILE F 81 -24.78 -5.90 70.39
CA ILE F 81 -25.81 -6.47 71.26
C ILE F 81 -25.98 -5.65 72.54
N LYS F 82 -24.91 -5.03 73.04
CA LYS F 82 -25.01 -4.23 74.25
C LYS F 82 -25.61 -2.85 74.03
N THR F 83 -25.56 -2.31 72.80
CA THR F 83 -25.95 -0.94 72.56
C THR F 83 -27.20 -0.76 71.71
N SER F 84 -27.75 -1.84 71.14
CA SER F 84 -28.96 -1.72 70.33
C SER F 84 -30.18 -2.01 71.18
N PRO F 85 -31.13 -1.08 71.31
CA PRO F 85 -32.35 -1.38 72.10
C PRO F 85 -33.11 -2.61 71.61
N GLU F 86 -33.00 -2.94 70.31
CA GLU F 86 -33.68 -4.13 69.77
C GLU F 86 -33.18 -5.40 70.45
N LEU F 87 -31.91 -5.41 70.86
CA LEU F 87 -31.25 -6.51 71.53
C LEU F 87 -30.84 -5.97 72.89
N SER F 88 -31.69 -6.16 73.90
CA SER F 88 -31.43 -5.56 75.19
C SER F 88 -30.07 -5.98 75.72
N GLU F 89 -29.55 -5.20 76.66
CA GLU F 89 -28.36 -5.60 77.41
C GLU F 89 -28.48 -7.05 77.85
N SER F 90 -29.70 -7.45 78.21
CA SER F 90 -30.04 -8.85 78.49
C SER F 90 -30.79 -9.38 77.27
N CYS F 91 -30.09 -10.16 76.43
CA CYS F 91 -30.75 -10.85 75.33
C CYS F 91 -31.36 -12.17 75.79
N THR F 92 -30.80 -12.76 76.84
CA THR F 92 -31.23 -14.06 77.34
C THR F 92 -30.73 -15.17 76.43
N TRP F 93 -30.27 -14.83 75.22
CA TRP F 93 -29.65 -15.80 74.33
C TRP F 93 -28.21 -15.46 73.95
N PHE F 94 -27.68 -14.36 74.43
CA PHE F 94 -26.27 -14.14 74.17
C PHE F 94 -25.47 -14.28 75.46
N PRO F 95 -24.34 -14.98 75.43
CA PRO F 95 -23.53 -15.10 76.65
C PRO F 95 -22.89 -13.76 77.01
N GLU F 96 -22.78 -13.52 78.33
CA GLU F 96 -22.18 -12.30 78.84
C GLU F 96 -20.78 -12.10 78.29
N SER F 97 -20.49 -10.89 77.79
CA SER F 97 -19.26 -10.64 77.06
C SER F 97 -18.77 -9.22 77.29
N TYR F 98 -17.46 -9.02 77.14
CA TYR F 98 -16.81 -7.73 77.30
C TYR F 98 -15.64 -7.64 76.33
N VAL F 99 -15.36 -6.43 75.83
CA VAL F 99 -14.27 -6.19 74.90
C VAL F 99 -13.15 -5.51 75.67
N ILE F 100 -12.16 -6.29 76.10
CA ILE F 100 -10.98 -5.79 76.78
C ILE F 100 -9.87 -5.65 75.75
N TYR F 101 -9.21 -4.48 75.75
CA TYR F 101 -8.10 -4.23 74.84
C TYR F 101 -6.78 -4.61 75.49
N PRO F 102 -5.73 -4.87 74.70
CA PRO F 102 -4.40 -5.05 75.28
C PRO F 102 -3.46 -3.87 75.07
N THR F 103 -3.21 -3.11 76.13
CA THR F 103 -2.03 -2.23 76.20
C THR F 103 -1.21 -2.75 77.36
N VAL F 130 -15.64 -2.92 82.42
CA VAL F 130 -16.49 -3.36 83.54
C VAL F 130 -16.44 -4.88 83.67
N PHE F 131 -15.41 -5.51 83.12
CA PHE F 131 -15.32 -6.96 83.20
C PHE F 131 -15.08 -7.42 84.63
N LEU F 132 -14.19 -6.73 85.36
CA LEU F 132 -13.89 -7.14 86.74
C LEU F 132 -15.09 -6.98 87.66
N ALA F 133 -15.96 -6.01 87.39
CA ALA F 133 -17.14 -5.80 88.22
C ALA F 133 -18.03 -7.04 88.26
N ALA F 134 -18.09 -7.80 87.16
CA ALA F 134 -18.94 -8.98 87.08
C ALA F 134 -18.27 -10.23 87.63
N TYR F 135 -17.01 -10.47 87.24
CA TYR F 135 -16.28 -11.63 87.75
C TYR F 135 -16.24 -11.61 89.28
N ASN F 136 -16.06 -10.43 89.89
CA ASN F 136 -16.13 -10.33 91.34
C ASN F 136 -17.47 -10.82 91.86
N ARG F 137 -18.56 -10.43 91.19
CA ARG F 137 -19.89 -10.91 91.56
C ARG F 137 -19.92 -12.42 91.74
N ARG F 138 -19.13 -13.14 90.94
CA ARG F 138 -19.07 -14.59 91.06
C ARG F 138 -18.24 -15.04 92.26
N ARG F 139 -17.40 -14.17 92.83
CA ARG F 139 -16.78 -14.50 94.11
C ARG F 139 -17.79 -14.47 95.24
N GLU F 140 -18.93 -13.81 95.04
CA GLU F 140 -19.98 -13.78 96.07
C GLU F 140 -20.61 -15.15 96.27
N GLY F 141 -21.04 -15.78 95.17
CA GLY F 141 -21.63 -17.10 95.24
C GLY F 141 -20.73 -18.24 94.81
N ARG F 142 -19.46 -17.97 94.53
CA ARG F 142 -18.54 -18.96 93.96
C ARG F 142 -19.22 -19.78 92.87
N GLU F 143 -20.06 -19.14 92.05
CA GLU F 143 -20.67 -19.80 90.91
C GLU F 143 -19.61 -20.11 89.85
N GLY F 144 -20.05 -20.68 88.75
CA GLY F 144 -19.15 -20.91 87.64
C GLY F 144 -18.39 -19.65 87.27
N ASN F 145 -17.12 -19.80 86.89
CA ASN F 145 -16.32 -18.64 86.50
C ASN F 145 -15.34 -19.03 85.40
N VAL F 146 -15.76 -19.90 84.51
CA VAL F 146 -14.97 -20.21 83.33
C VAL F 146 -15.38 -19.26 82.21
N TRP F 147 -14.40 -18.74 81.49
CA TRP F 147 -14.64 -17.80 80.40
C TRP F 147 -13.86 -18.32 79.18
N ILE F 148 -13.69 -17.46 78.16
CA ILE F 148 -13.03 -17.87 76.92
C ILE F 148 -12.59 -16.63 76.12
N ALA F 149 -11.76 -16.84 75.10
CA ALA F 149 -11.13 -15.77 74.31
C ALA F 149 -11.98 -15.24 73.14
N LEU F 161 -7.24 -20.75 75.25
CA LEU F 161 -7.98 -19.50 75.38
C LEU F 161 -8.84 -19.49 76.66
N ILE F 162 -9.24 -20.70 77.13
CA ILE F 162 -10.10 -20.86 78.31
C ILE F 162 -9.25 -20.79 79.57
N SER F 163 -9.88 -20.40 80.68
CA SER F 163 -9.23 -20.32 82.00
C SER F 163 -10.30 -20.34 83.08
N SER F 164 -9.87 -20.12 84.33
CA SER F 164 -10.75 -20.01 85.50
C SER F 164 -10.50 -18.77 86.35
N GLU F 165 -9.26 -18.29 86.46
CA GLU F 165 -8.98 -17.05 87.15
C GLU F 165 -8.81 -15.93 86.13
N ALA F 166 -9.22 -14.71 86.49
CA ALA F 166 -9.17 -13.62 85.53
C ALA F 166 -7.76 -13.38 85.05
N SER F 167 -6.78 -13.42 85.96
CA SER F 167 -5.40 -13.08 85.58
C SER F 167 -4.87 -14.03 84.51
N GLU F 168 -5.18 -15.32 84.63
CA GLU F 168 -4.69 -16.29 83.65
C GLU F 168 -5.04 -15.87 82.22
N LEU F 169 -6.24 -15.32 82.03
CA LEU F 169 -6.73 -14.93 80.70
C LEU F 169 -6.27 -13.54 80.30
N LEU F 170 -6.41 -12.54 81.19
CA LEU F 170 -6.04 -11.17 80.85
C LEU F 170 -4.59 -11.06 80.40
N ASP F 171 -3.69 -11.85 80.98
CA ASP F 171 -2.31 -11.92 80.51
C ASP F 171 -2.22 -12.52 79.10
N PHE F 172 -3.23 -13.27 78.68
CA PHE F 172 -3.24 -13.91 77.36
C PHE F 172 -3.67 -12.93 76.27
N ILE F 173 -4.59 -12.01 76.58
CA ILE F 173 -5.00 -11.02 75.57
C ILE F 173 -3.90 -9.98 75.36
N ASP F 174 -3.07 -9.73 76.39
CA ASP F 174 -1.94 -8.83 76.25
C ASP F 174 -0.71 -9.53 75.65
N GLU F 175 -0.63 -10.86 75.76
CA GLU F 175 0.42 -11.61 75.08
C GLU F 175 0.16 -11.75 73.59
N GLN F 176 -1.09 -11.63 73.14
CA GLN F 176 -1.42 -11.67 71.72
C GLN F 176 -1.31 -10.29 71.06
N GLY F 177 -1.69 -9.22 71.78
CA GLY F 177 -1.50 -7.86 71.33
C GLY F 177 -2.72 -7.20 70.74
N GLN F 178 -3.68 -7.97 70.23
CA GLN F 178 -4.87 -7.44 69.59
C GLN F 178 -6.08 -7.48 70.52
N VAL F 179 -7.17 -6.86 70.07
CA VAL F 179 -8.42 -6.85 70.81
C VAL F 179 -8.97 -8.27 70.89
N HIS F 180 -9.18 -8.75 72.11
CA HIS F 180 -9.91 -9.98 72.33
C HIS F 180 -11.24 -9.64 73.00
N VAL F 181 -12.14 -10.61 72.97
CA VAL F 181 -13.41 -10.51 73.68
C VAL F 181 -13.50 -11.70 74.62
N ILE F 182 -13.88 -11.44 75.87
CA ILE F 182 -13.96 -12.48 76.88
C ILE F 182 -15.43 -12.73 77.22
N GLN F 183 -15.74 -13.99 77.52
CA GLN F 183 -17.14 -14.43 77.48
C GLN F 183 -17.36 -15.56 78.47
N LYS F 184 -18.57 -15.59 79.03
CA LYS F 184 -18.94 -16.63 79.99
C LYS F 184 -18.98 -17.99 79.30
N TYR F 185 -18.11 -18.90 79.75
CA TYR F 185 -18.12 -20.27 79.25
C TYR F 185 -19.35 -20.99 79.77
N LEU F 186 -19.97 -21.81 78.93
CA LEU F 186 -21.20 -22.52 79.26
C LEU F 186 -20.79 -23.83 79.91
N GLU F 187 -20.70 -23.81 81.24
CA GLU F 187 -20.10 -24.89 82.00
C GLU F 187 -20.95 -26.15 82.02
N LYS F 188 -22.25 -26.05 81.70
CA LYS F 188 -23.14 -27.20 81.66
C LYS F 188 -23.74 -27.31 80.27
N PRO F 189 -22.97 -27.80 79.29
CA PRO F 189 -23.52 -28.00 77.95
C PRO F 189 -24.33 -29.28 77.86
N LEU F 190 -25.23 -29.30 76.88
CA LEU F 190 -25.92 -30.54 76.55
C LEU F 190 -24.92 -31.55 76.01
N LEU F 191 -24.95 -32.77 76.55
CA LEU F 191 -23.99 -33.80 76.16
C LEU F 191 -24.71 -34.94 75.45
N LEU F 192 -24.20 -35.32 74.28
CA LEU F 192 -24.75 -36.45 73.54
C LEU F 192 -24.28 -37.76 74.16
N GLU F 193 -25.21 -38.66 74.38
CA GLU F 193 -24.92 -40.02 74.83
C GLU F 193 -25.27 -41.00 73.69
N PRO F 194 -24.41 -41.99 73.41
CA PRO F 194 -23.21 -42.40 74.14
C PRO F 194 -21.98 -41.53 73.85
N GLY F 195 -21.24 -41.12 74.88
CA GLY F 195 -20.00 -40.39 74.67
C GLY F 195 -19.73 -39.31 75.68
N HIS F 196 -20.79 -38.70 76.22
CA HIS F 196 -20.68 -37.54 77.09
C HIS F 196 -19.89 -36.41 76.42
N ARG F 197 -20.41 -35.94 75.29
CA ARG F 197 -19.65 -35.10 74.35
C ARG F 197 -20.33 -33.76 74.12
N LYS F 198 -19.52 -32.71 74.01
CA LYS F 198 -19.94 -31.36 73.69
C LYS F 198 -20.20 -31.23 72.19
N PHE F 199 -20.85 -30.12 71.79
CA PHE F 199 -21.12 -29.89 70.37
C PHE F 199 -21.60 -28.46 70.17
N ASP F 200 -21.51 -27.99 68.93
CA ASP F 200 -22.12 -26.74 68.50
C ASP F 200 -22.92 -26.98 67.22
N ILE F 201 -23.82 -26.05 66.92
CA ILE F 201 -24.72 -26.14 65.77
C ILE F 201 -24.40 -24.99 64.80
N ARG F 202 -24.06 -25.34 63.56
CA ARG F 202 -23.89 -24.37 62.49
C ARG F 202 -25.16 -24.34 61.63
N SER F 203 -25.78 -23.17 61.54
CA SER F 203 -26.91 -22.91 60.65
C SER F 203 -26.47 -21.97 59.55
N TRP F 204 -26.80 -22.29 58.31
CA TRP F 204 -26.48 -21.43 57.17
C TRP F 204 -27.70 -20.60 56.82
N VAL F 205 -27.54 -19.29 56.84
CA VAL F 205 -28.61 -18.36 56.56
C VAL F 205 -28.23 -17.54 55.34
N LEU F 206 -29.13 -17.48 54.35
CA LEU F 206 -28.96 -16.68 53.15
C LEU F 206 -29.92 -15.51 53.18
N VAL F 207 -29.41 -14.31 52.94
CA VAL F 207 -30.18 -13.08 52.93
C VAL F 207 -30.09 -12.50 51.53
N ASP F 208 -31.23 -12.42 50.83
CA ASP F 208 -31.24 -12.04 49.43
C ASP F 208 -31.34 -10.52 49.27
N HIS F 209 -31.39 -10.06 48.02
CA HIS F 209 -31.38 -8.62 47.74
C HIS F 209 -32.60 -7.91 48.28
N LEU F 210 -33.70 -8.63 48.53
CA LEU F 210 -34.92 -8.06 49.10
C LEU F 210 -34.94 -8.11 50.62
N TYR F 211 -33.87 -8.62 51.25
CA TYR F 211 -33.78 -8.84 52.70
C TYR F 211 -34.75 -9.91 53.20
N ASN F 212 -35.08 -10.87 52.34
CA ASN F 212 -35.64 -12.12 52.82
C ASN F 212 -34.56 -12.90 53.58
N ILE F 213 -34.94 -13.46 54.72
CA ILE F 213 -34.03 -14.24 55.55
C ILE F 213 -34.38 -15.70 55.33
N TYR F 214 -33.49 -16.44 54.66
CA TYR F 214 -33.70 -17.84 54.28
C TYR F 214 -32.76 -18.71 55.09
N LEU F 215 -33.32 -19.58 55.94
CA LEU F 215 -32.54 -20.48 56.77
C LEU F 215 -32.48 -21.84 56.08
N TYR F 216 -31.30 -22.25 55.67
CA TYR F 216 -31.13 -23.58 55.12
C TYR F 216 -31.60 -24.61 56.12
N ARG F 217 -32.40 -25.57 55.64
CA ARG F 217 -33.03 -26.53 56.53
C ARG F 217 -32.07 -27.59 57.05
N GLU F 218 -30.93 -27.80 56.38
CA GLU F 218 -29.89 -28.71 56.84
C GLU F 218 -28.93 -27.96 57.76
N GLY F 219 -28.97 -28.24 59.04
CA GLY F 219 -27.92 -27.83 59.95
C GLY F 219 -26.90 -28.94 60.12
N VAL F 220 -25.78 -28.59 60.75
CA VAL F 220 -24.79 -29.59 61.15
C VAL F 220 -24.44 -29.37 62.61
N LEU F 221 -24.33 -30.47 63.36
CA LEU F 221 -23.69 -30.48 64.65
C LEU F 221 -22.22 -30.83 64.48
N ARG F 222 -21.34 -30.04 65.09
CA ARG F 222 -19.90 -30.26 65.04
C ARG F 222 -19.48 -30.69 66.44
N THR F 223 -19.37 -32.01 66.64
CA THR F 223 -19.24 -32.63 67.96
C THR F 223 -17.78 -32.87 68.35
N SER F 224 -17.55 -32.97 69.66
CA SER F 224 -16.25 -33.36 70.20
C SER F 224 -16.24 -34.87 70.42
N SER F 225 -15.31 -35.56 69.74
CA SER F 225 -15.15 -36.99 69.97
C SER F 225 -14.71 -37.28 71.39
N GLU F 226 -14.05 -36.32 72.03
CA GLU F 226 -13.55 -36.47 73.39
C GLU F 226 -14.70 -36.33 74.40
N PRO F 227 -14.82 -37.24 75.36
CA PRO F 227 -15.83 -37.05 76.42
C PRO F 227 -15.57 -35.78 77.21
N TYR F 228 -16.59 -34.94 77.31
CA TYR F 228 -16.45 -33.67 78.02
C TYR F 228 -16.08 -33.92 79.48
N ASN F 229 -15.22 -33.06 80.02
CA ASN F 229 -15.00 -33.03 81.46
C ASN F 229 -14.52 -31.63 81.83
N SER F 230 -15.01 -31.13 82.96
CA SER F 230 -14.81 -29.74 83.36
C SER F 230 -13.67 -29.57 84.37
N ALA F 231 -12.68 -30.46 84.35
CA ALA F 231 -11.54 -30.37 85.24
C ALA F 231 -10.30 -29.77 84.56
N ASN F 232 -9.92 -30.30 83.41
CA ASN F 232 -8.76 -29.80 82.65
C ASN F 232 -9.28 -29.03 81.43
N PHE F 233 -9.20 -27.70 81.51
CA PHE F 233 -9.54 -26.86 80.37
C PHE F 233 -8.39 -26.77 79.37
N GLN F 234 -7.15 -26.69 79.87
CA GLN F 234 -5.98 -26.61 78.99
C GLN F 234 -5.90 -27.79 78.02
N ASP F 235 -6.69 -28.85 78.24
CA ASP F 235 -6.82 -29.93 77.28
C ASP F 235 -8.08 -29.69 76.44
N LYS F 236 -7.98 -28.63 75.61
CA LYS F 236 -9.13 -28.11 74.88
C LYS F 236 -9.30 -28.84 73.54
N THR F 237 -9.46 -30.16 73.63
CA THR F 237 -9.95 -30.96 72.52
C THR F 237 -11.42 -31.30 72.65
N CYS F 238 -11.91 -31.40 73.89
CA CYS F 238 -13.30 -31.66 74.19
C CYS F 238 -14.08 -30.39 74.53
N HIS F 239 -13.39 -29.24 74.54
CA HIS F 239 -14.04 -27.94 74.77
C HIS F 239 -14.22 -27.18 73.46
N LEU F 240 -13.14 -26.97 72.71
CA LEU F 240 -13.21 -26.33 71.40
C LEU F 240 -13.73 -27.34 70.39
N THR F 241 -14.97 -27.14 69.94
CA THR F 241 -15.67 -28.08 69.06
C THR F 241 -15.50 -27.73 67.59
N ASN F 242 -14.35 -27.20 67.20
CA ASN F 242 -14.12 -26.83 65.81
C ASN F 242 -13.54 -28.00 65.06
N HIS F 243 -13.96 -28.14 63.80
CA HIS F 243 -13.59 -29.32 63.01
C HIS F 243 -12.07 -29.46 62.91
N CYS F 244 -11.36 -28.35 62.67
CA CYS F 244 -9.91 -28.40 62.57
C CYS F 244 -9.29 -28.86 63.88
N ILE F 245 -9.65 -28.19 64.98
CA ILE F 245 -9.15 -28.57 66.30
C ILE F 245 -9.28 -30.06 66.54
N GLN F 246 -10.22 -30.73 65.85
CA GLN F 246 -10.32 -32.19 65.89
C GLN F 246 -9.58 -32.78 64.68
N LYS F 247 -8.27 -32.59 64.69
CA LYS F 247 -7.38 -33.16 63.69
C LYS F 247 -6.76 -34.41 64.29
N TYR F 256 -17.94 -41.81 66.57
CA TYR F 256 -19.37 -41.97 66.73
C TYR F 256 -20.12 -41.65 65.44
N GLU F 257 -19.68 -40.59 64.77
CA GLU F 257 -20.29 -40.18 63.52
C GLU F 257 -19.19 -39.65 62.61
N GLU F 258 -19.46 -39.70 61.30
CA GLU F 258 -18.42 -39.42 60.33
C GLU F 258 -18.06 -37.94 60.33
N GLY F 259 -16.75 -37.65 60.33
CA GLY F 259 -16.25 -36.30 60.30
C GLY F 259 -16.56 -35.46 61.52
N ASN F 260 -16.86 -36.11 62.66
CA ASN F 260 -17.31 -35.40 63.87
C ASN F 260 -18.52 -34.50 63.58
N GLU F 261 -19.31 -34.87 62.57
CA GLU F 261 -20.45 -34.08 62.12
C GLU F 261 -21.70 -34.95 62.18
N MET F 262 -22.70 -34.49 62.92
CA MET F 262 -24.00 -35.15 63.00
C MET F 262 -25.05 -34.20 62.45
N PHE F 263 -25.67 -34.59 61.34
CA PHE F 263 -26.65 -33.79 60.64
C PHE F 263 -27.98 -33.81 61.39
N PHE F 264 -28.96 -33.04 60.91
CA PHE F 264 -30.19 -32.85 61.69
C PHE F 264 -31.04 -34.13 61.75
N GLU F 265 -30.93 -35.00 60.75
CA GLU F 265 -31.70 -36.24 60.77
C GLU F 265 -31.39 -37.04 62.03
N GLU F 266 -30.11 -37.30 62.28
CA GLU F 266 -29.72 -38.09 63.45
C GLU F 266 -30.06 -37.37 64.76
N PHE F 267 -29.74 -36.07 64.83
CA PHE F 267 -29.86 -35.34 66.09
C PHE F 267 -31.33 -35.24 66.52
N ASN F 268 -32.24 -35.02 65.58
CA ASN F 268 -33.65 -34.99 65.93
C ASN F 268 -34.11 -36.35 66.43
N GLN F 269 -33.59 -37.43 65.84
CA GLN F 269 -33.91 -38.79 66.29
C GLN F 269 -33.39 -39.03 67.71
N TYR F 270 -32.16 -38.58 68.00
CA TYR F 270 -31.61 -38.69 69.35
C TYR F 270 -32.46 -37.93 70.37
N LEU F 271 -32.84 -36.68 70.05
CA LEU F 271 -33.66 -35.89 70.96
C LEU F 271 -34.99 -36.59 71.25
N MET F 272 -35.59 -37.22 70.24
CA MET F 272 -36.83 -37.94 70.44
C MET F 272 -36.62 -39.13 71.39
N ASP F 273 -35.57 -39.92 71.13
CA ASP F 273 -35.34 -41.14 71.89
C ASP F 273 -34.85 -40.84 73.30
N ALA F 274 -33.93 -39.88 73.43
CA ALA F 274 -33.29 -39.59 74.71
C ALA F 274 -34.05 -38.58 75.56
N LEU F 275 -34.71 -37.59 74.94
CA LEU F 275 -35.34 -36.49 75.66
C LEU F 275 -36.83 -36.32 75.41
N ASN F 276 -37.42 -37.10 74.50
CA ASN F 276 -38.86 -37.09 74.22
C ASN F 276 -39.31 -35.83 73.49
N THR F 277 -38.40 -35.06 72.92
CA THR F 277 -38.77 -33.86 72.18
C THR F 277 -38.21 -33.94 70.76
N THR F 278 -38.42 -32.86 70.02
CA THR F 278 -38.01 -32.76 68.63
C THR F 278 -36.99 -31.65 68.48
N LEU F 279 -36.23 -31.71 67.38
CA LEU F 279 -35.29 -30.63 67.09
C LEU F 279 -36.02 -29.31 66.88
N GLU F 280 -37.15 -29.33 66.16
CA GLU F 280 -37.92 -28.10 65.92
C GLU F 280 -38.35 -27.46 67.23
N ASN F 281 -38.99 -28.24 68.11
CA ASN F 281 -39.52 -27.65 69.34
C ASN F 281 -38.40 -27.17 70.27
N SER F 282 -37.46 -28.07 70.60
CA SER F 282 -36.51 -27.80 71.67
C SER F 282 -35.41 -26.79 71.29
N ILE F 283 -35.02 -26.70 70.01
CA ILE F 283 -33.86 -25.90 69.64
C ILE F 283 -34.12 -24.96 68.46
N LEU F 284 -34.85 -25.44 67.45
CA LEU F 284 -34.91 -24.71 66.18
C LEU F 284 -35.79 -23.47 66.28
N LEU F 285 -36.87 -23.52 67.05
CA LEU F 285 -37.61 -22.29 67.34
C LEU F 285 -36.67 -21.19 67.81
N GLN F 286 -35.85 -21.48 68.82
CA GLN F 286 -34.95 -20.46 69.37
C GLN F 286 -33.94 -19.98 68.33
N ILE F 287 -33.44 -20.90 67.50
CA ILE F 287 -32.46 -20.54 66.48
C ILE F 287 -33.08 -19.57 65.48
N LYS F 288 -34.29 -19.87 65.01
CA LYS F 288 -34.96 -18.99 64.08
C LYS F 288 -35.22 -17.64 64.71
N HIS F 289 -35.51 -17.62 66.02
CA HIS F 289 -35.69 -16.35 66.72
C HIS F 289 -34.40 -15.55 66.77
N ILE F 290 -33.26 -16.21 67.04
CA ILE F 290 -31.99 -15.49 67.10
C ILE F 290 -31.58 -14.97 65.72
N ILE F 291 -31.70 -15.80 64.68
CA ILE F 291 -31.34 -15.37 63.34
C ILE F 291 -32.15 -14.14 62.95
N ARG F 292 -33.48 -14.21 63.12
CA ARG F 292 -34.34 -13.11 62.75
C ARG F 292 -34.01 -11.85 63.55
N SER F 293 -33.71 -12.00 64.85
CA SER F 293 -33.47 -10.83 65.69
C SER F 293 -32.18 -10.13 65.27
N CYS F 294 -31.09 -10.88 65.12
CA CYS F 294 -29.84 -10.28 64.68
C CYS F 294 -29.99 -9.56 63.34
N LEU F 295 -30.58 -10.25 62.36
CA LEU F 295 -30.65 -9.67 61.02
C LEU F 295 -31.65 -8.54 60.96
N MET F 296 -32.74 -8.59 61.73
CA MET F 296 -33.65 -7.45 61.78
C MET F 296 -32.98 -6.25 62.43
N CYS F 297 -32.05 -6.47 63.36
CA CYS F 297 -31.39 -5.36 64.02
C CYS F 297 -30.61 -4.52 63.02
N ILE F 298 -29.69 -5.13 62.28
CA ILE F 298 -28.80 -4.40 61.38
C ILE F 298 -29.45 -4.02 60.05
N GLU F 299 -30.72 -4.38 59.83
CA GLU F 299 -31.32 -4.18 58.51
C GLU F 299 -31.30 -2.72 58.04
N PRO F 300 -31.60 -1.73 58.87
CA PRO F 300 -31.53 -0.35 58.36
C PRO F 300 -30.12 0.08 57.98
N ALA F 301 -29.09 -0.52 58.59
CA ALA F 301 -27.71 -0.13 58.31
C ALA F 301 -27.12 -0.79 57.06
N ILE F 302 -27.69 -1.90 56.58
CA ILE F 302 -27.01 -2.62 55.50
C ILE F 302 -27.92 -2.92 54.31
N SER F 303 -29.22 -2.67 54.45
CA SER F 303 -30.16 -2.98 53.39
C SER F 303 -29.80 -2.26 52.08
N THR F 304 -29.92 -2.95 50.95
CA THR F 304 -29.65 -2.35 49.64
C THR F 304 -30.92 -2.14 48.81
N LYS F 305 -32.05 -1.89 49.47
CA LYS F 305 -33.35 -1.80 48.81
C LYS F 305 -33.45 -0.59 47.88
N HIS F 306 -32.99 0.58 48.32
CA HIS F 306 -33.08 1.78 47.50
C HIS F 306 -31.71 2.23 46.99
N LEU F 307 -30.77 1.29 46.91
CA LEU F 307 -29.39 1.52 46.58
C LEU F 307 -29.14 1.17 45.11
N HIS F 308 -28.06 1.74 44.56
CA HIS F 308 -27.72 1.61 43.12
C HIS F 308 -27.04 0.29 42.78
N TYR F 309 -26.59 -0.49 43.76
CA TYR F 309 -26.19 -1.87 43.57
C TYR F 309 -26.93 -2.70 44.63
N GLN F 310 -26.81 -4.02 44.53
CA GLN F 310 -27.53 -4.88 45.44
C GLN F 310 -26.63 -5.95 46.03
N SER F 311 -26.96 -6.33 47.27
CA SER F 311 -26.22 -7.35 48.00
C SER F 311 -27.14 -8.49 48.41
N PHE F 312 -26.57 -9.69 48.42
CA PHE F 312 -27.01 -10.81 49.23
C PHE F 312 -25.78 -11.28 50.02
N GLN F 313 -26.01 -12.17 50.99
CA GLN F 313 -24.88 -12.78 51.69
C GLN F 313 -25.32 -14.07 52.39
N LEU F 314 -24.42 -15.08 52.34
CA LEU F 314 -24.54 -16.30 53.11
C LEU F 314 -23.85 -16.09 54.45
N PHE F 315 -24.56 -16.36 55.54
CA PHE F 315 -24.01 -16.33 56.88
C PHE F 315 -23.98 -17.75 57.44
N GLY F 316 -23.01 -18.00 58.31
CA GLY F 316 -23.06 -19.17 59.15
C GLY F 316 -23.22 -18.74 60.60
N PHE F 317 -24.33 -19.14 61.23
CA PHE F 317 -24.61 -18.84 62.63
C PHE F 317 -24.19 -20.03 63.48
N ASP F 318 -23.44 -19.76 64.55
CA ASP F 318 -22.90 -20.80 65.41
C ASP F 318 -23.62 -20.76 66.75
N PHE F 319 -24.28 -21.86 67.12
CA PHE F 319 -25.08 -21.95 68.34
C PHE F 319 -24.53 -23.02 69.28
N MET F 320 -25.07 -23.01 70.49
CA MET F 320 -24.63 -23.87 71.59
C MET F 320 -25.84 -24.16 72.47
N VAL F 321 -26.22 -25.43 72.58
CA VAL F 321 -27.42 -25.82 73.32
C VAL F 321 -26.98 -26.31 74.70
N ASP F 322 -27.50 -25.68 75.76
CA ASP F 322 -27.17 -26.11 77.12
C ASP F 322 -28.06 -27.28 77.54
N GLU F 323 -27.90 -27.72 78.79
CA GLU F 323 -28.53 -28.97 79.23
C GLU F 323 -30.03 -28.83 79.47
N GLU F 324 -30.55 -27.60 79.60
CA GLU F 324 -31.99 -27.37 79.66
C GLU F 324 -32.61 -27.15 78.29
N LEU F 325 -31.89 -27.46 77.20
CA LEU F 325 -32.39 -27.27 75.84
C LEU F 325 -32.64 -25.80 75.56
N LYS F 326 -31.76 -24.97 76.08
CA LYS F 326 -31.70 -23.57 75.74
C LYS F 326 -30.61 -23.35 74.70
N VAL F 327 -30.88 -22.45 73.74
CA VAL F 327 -29.97 -22.21 72.62
C VAL F 327 -29.24 -20.89 72.85
N TRP F 328 -27.92 -20.91 72.68
CA TRP F 328 -27.11 -19.71 72.82
C TRP F 328 -26.40 -19.41 71.51
N LEU F 329 -26.21 -18.13 71.23
CA LEU F 329 -25.46 -17.68 70.07
C LEU F 329 -24.00 -17.49 70.46
N ILE F 330 -23.10 -18.12 69.71
CA ILE F 330 -21.67 -18.01 69.97
C ILE F 330 -21.10 -16.89 69.12
N GLU F 331 -21.09 -17.10 67.80
CA GLU F 331 -20.54 -16.16 66.84
C GLU F 331 -21.36 -16.21 65.55
N VAL F 332 -21.17 -15.20 64.70
CA VAL F 332 -21.75 -15.17 63.36
C VAL F 332 -20.59 -15.07 62.39
N ASN F 333 -20.48 -16.06 61.49
CA ASN F 333 -19.38 -16.12 60.52
C ASN F 333 -19.87 -15.58 59.19
N GLY F 334 -19.20 -14.54 58.68
CA GLY F 334 -19.63 -13.85 57.47
C GLY F 334 -19.17 -14.45 56.17
N ALA F 335 -18.26 -15.42 56.22
CA ALA F 335 -17.71 -16.07 55.02
C ALA F 335 -17.60 -17.56 55.34
N PRO F 336 -18.73 -18.22 55.56
CA PRO F 336 -18.70 -19.59 56.08
C PRO F 336 -18.50 -20.63 54.99
N ALA F 337 -17.87 -21.74 55.38
CA ALA F 337 -17.81 -22.93 54.57
C ALA F 337 -18.99 -23.84 54.88
N CYS F 338 -19.22 -24.82 54.01
CA CYS F 338 -20.35 -25.74 54.12
C CYS F 338 -19.85 -27.17 54.30
N ALA F 339 -20.73 -28.03 54.80
CA ALA F 339 -20.41 -29.45 54.94
C ALA F 339 -20.47 -30.14 53.58
N GLN F 340 -19.59 -31.13 53.39
CA GLN F 340 -19.41 -31.73 52.06
C GLN F 340 -20.70 -32.32 51.52
N LYS F 341 -21.45 -33.05 52.34
CA LYS F 341 -22.70 -33.65 51.88
C LYS F 341 -23.70 -32.58 51.41
N LEU F 342 -23.58 -31.35 51.92
CA LEU F 342 -24.57 -30.31 51.65
C LEU F 342 -24.09 -29.22 50.70
N TYR F 343 -22.90 -29.35 50.11
CA TYR F 343 -22.42 -28.35 49.16
C TYR F 343 -23.29 -28.30 47.91
N ALA F 344 -23.58 -29.46 47.32
CA ALA F 344 -24.46 -29.51 46.17
C ALA F 344 -25.75 -28.72 46.44
N GLU F 345 -26.51 -29.17 47.44
CA GLU F 345 -27.84 -28.60 47.65
C GLU F 345 -27.77 -27.10 47.95
N LEU F 346 -26.84 -26.68 48.82
CA LEU F 346 -26.83 -25.29 49.25
C LEU F 346 -26.34 -24.34 48.15
N CYS F 347 -25.29 -24.72 47.41
CA CYS F 347 -24.82 -23.82 46.36
C CYS F 347 -25.82 -23.71 45.22
N GLN F 348 -26.51 -24.79 44.89
CA GLN F 348 -27.62 -24.69 43.96
C GLN F 348 -28.69 -23.71 44.48
N GLY F 349 -28.96 -23.75 45.79
CA GLY F 349 -30.00 -22.90 46.34
C GLY F 349 -29.62 -21.44 46.42
N ILE F 350 -28.32 -21.15 46.54
CA ILE F 350 -27.87 -19.77 46.39
C ILE F 350 -28.21 -19.26 44.99
N VAL F 351 -27.93 -20.07 43.96
CA VAL F 351 -28.22 -19.67 42.59
C VAL F 351 -29.71 -19.41 42.43
N ASP F 352 -30.55 -20.35 42.88
CA ASP F 352 -31.99 -20.19 42.73
C ASP F 352 -32.48 -18.90 43.36
N VAL F 353 -32.01 -18.59 44.57
CA VAL F 353 -32.69 -17.63 45.44
C VAL F 353 -32.03 -16.26 45.41
N ALA F 354 -30.69 -16.20 45.40
CA ALA F 354 -29.98 -14.92 45.44
C ALA F 354 -29.58 -14.39 44.07
N ILE F 355 -29.28 -15.28 43.12
CA ILE F 355 -28.71 -14.88 41.83
C ILE F 355 -29.78 -14.88 40.74
N SER F 356 -30.35 -16.05 40.44
CA SER F 356 -31.39 -16.15 39.43
C SER F 356 -32.62 -15.33 39.78
N SER F 357 -32.82 -15.05 41.07
CA SER F 357 -33.88 -14.15 41.49
C SER F 357 -33.74 -12.78 40.86
N VAL F 358 -32.51 -12.36 40.55
CA VAL F 358 -32.23 -11.04 40.01
C VAL F 358 -32.00 -11.14 38.51
N PHE F 359 -31.44 -12.26 38.06
CA PHE F 359 -31.10 -12.50 36.66
C PHE F 359 -31.73 -13.81 36.24
N PRO F 360 -32.98 -13.78 35.77
CA PRO F 360 -33.70 -15.03 35.51
C PRO F 360 -33.22 -15.72 34.23
N LEU F 361 -33.46 -17.03 34.17
CA LEU F 361 -32.98 -17.84 33.06
C LEU F 361 -34.13 -18.16 32.10
N ALA F 362 -33.99 -19.24 31.33
CA ALA F 362 -35.00 -19.68 30.36
C ALA F 362 -36.32 -20.06 31.06
N THR F 372 -41.12 -27.91 48.43
CA THR F 372 -40.42 -27.75 47.16
C THR F 372 -39.02 -27.15 47.33
N SER F 373 -38.83 -26.33 48.37
CA SER F 373 -37.63 -25.54 48.56
C SER F 373 -36.79 -26.07 49.73
N ILE F 374 -35.51 -25.65 49.76
CA ILE F 374 -34.55 -26.08 50.76
C ILE F 374 -34.38 -25.06 51.88
N PHE F 375 -35.08 -23.92 51.83
CA PHE F 375 -34.94 -22.88 52.83
C PHE F 375 -36.24 -22.68 53.59
N ILE F 376 -36.10 -22.29 54.85
CA ILE F 376 -37.21 -21.76 55.63
C ILE F 376 -37.10 -20.24 55.57
N LYS F 377 -38.16 -19.59 55.11
CA LYS F 377 -38.23 -18.13 55.14
C LYS F 377 -38.56 -17.69 56.55
N LEU F 378 -37.70 -16.87 57.16
CA LEU F 378 -37.92 -16.35 58.49
C LEU F 378 -38.71 -15.04 58.36
N HIS F 379 -39.97 -15.07 58.78
CA HIS F 379 -40.95 -14.04 58.47
C HIS F 379 -40.84 -12.89 59.48
N HIS F 380 -40.46 -11.72 58.99
CA HIS F 380 -40.27 -10.53 59.82
C HIS F 380 -41.31 -9.45 59.55
PG GTP G . -13.23 22.38 26.60
O1G GTP G . -12.50 21.06 26.62
O2G GTP G . -14.44 22.27 25.69
O3G GTP G . -12.32 23.47 26.09
O3B GTP G . -13.72 22.73 28.09
PB GTP G . -15.28 22.85 28.43
O1B GTP G . -15.44 23.47 29.80
O2B GTP G . -16.01 23.66 27.39
O3A GTP G . -15.80 21.33 28.45
PA GTP G . -17.06 20.88 29.37
O1A GTP G . -17.43 21.99 30.32
O2A GTP G . -18.24 20.51 28.48
O5' GTP G . -16.54 19.60 30.18
C5' GTP G . -16.89 18.30 29.79
C4' GTP G . -17.93 17.73 30.76
O4' GTP G . -18.78 18.77 31.21
C3' GTP G . -18.82 16.70 30.09
O3' GTP G . -18.43 15.39 30.48
C2' GTP G . -20.21 16.99 30.60
O2' GTP G . -20.67 15.94 31.42
C1' GTP G . -20.09 18.28 31.41
N9 GTP G . -21.07 19.27 30.92
C8 GTP G . -20.95 20.05 29.80
N7 GTP G . -22.05 20.84 29.72
C5 GTP G . -22.86 20.58 30.76
C6 GTP G . -24.09 21.10 31.15
O6 GTP G . -24.63 21.97 30.47
N1 GTP G . -24.70 20.63 32.30
C2 GTP G . -24.07 19.65 33.05
N2 GTP G . -24.66 19.20 34.15
N3 GTP G . -22.86 19.14 32.66
C4 GTP G . -22.25 19.60 31.53
CA CA H . -31.48 48.19 45.65
MG MG I . -16.38 24.23 25.14
C10 A1EE1 J . -15.01 12.76 19.84
C13 A1EE1 J . -17.68 12.40 18.66
C15 A1EE1 J . -19.15 10.50 18.55
C17 A1EE1 J . -16.75 10.20 18.30
C20 A1EE1 J . -16.04 12.26 15.38
C21 A1EE1 J . -16.03 12.28 13.99
C22 A1EE1 J . -15.42 13.33 13.31
C24 A1EE1 J . -14.83 14.38 14.03
C26 A1EE1 J . -15.36 14.59 18.36
C28 A1EE1 J . -14.63 10.63 22.88
C01 A1EE1 J . -13.99 6.87 22.79
C02 A1EE1 J . -14.23 8.29 22.30
C03 A1EE1 J . -14.29 8.61 20.93
C04 A1EE1 J . -14.51 9.95 20.56
C05 A1EE1 J . -14.68 10.97 21.52
C06 A1EE1 J . -14.86 12.32 21.14
C09 A1EE1 J . -15.15 14.14 19.83
C11 A1EE1 J . -15.20 12.27 18.42
C12 A1EE1 J . -16.57 11.57 18.45
C14 A1EE1 J . -18.96 11.87 18.70
C16 A1EE1 J . -18.05 9.66 18.34
C19 A1EE1 J . -15.48 13.32 16.10
C25 A1EE1 J . -14.85 14.37 15.41
C29 A1EE1 J . -14.39 9.31 23.26
N07 A1EE1 J . -14.84 13.44 21.91
N08 A1EE1 J . -15.03 14.55 21.11
N18 A1EE1 J . -15.38 13.39 17.55
O23 A1EE1 J . -15.38 13.39 11.90
O27 A1EE1 J . -15.50 15.70 17.94
H131 A1EE1 J . -17.53 13.46 18.77
H151 A1EE1 J . -20.15 10.08 18.58
H171 A1EE1 J . -15.90 9.54 18.14
H201 A1EE1 J . -16.47 11.42 15.91
H211 A1EE1 J . -16.49 11.48 13.43
H241 A1EE1 J . -14.37 15.20 13.50
H281 A1EE1 J . -14.76 11.40 23.62
H012 A1EE1 J . -13.20 6.87 23.53
H011 A1EE1 J . -13.69 6.24 21.95
H013 A1EE1 J . -14.90 6.47 23.23
H031 A1EE1 J . -14.17 7.84 20.18
H041 A1EE1 J . -14.55 10.20 19.50
H111 A1EE1 J . -14.35 11.69 18.06
H141 A1EE1 J . -19.81 12.52 18.87
H161 A1EE1 J . -18.19 8.60 18.23
H251 A1EE1 J . -14.37 15.16 15.97
H291 A1EE1 J . -14.34 9.05 24.31
H071 A1EE1 J . -14.69 13.45 22.90
H231 A1EE1 J . -16.21 13.68 11.57
PB GDP K . -1.46 7.73 -8.77
O1B GDP K . -1.98 8.38 -7.51
O2B GDP K . -2.17 8.31 -9.98
O3B GDP K . 0.01 7.99 -8.90
O3A GDP K . -1.71 6.14 -8.72
PA GDP K . -3.03 5.52 -8.04
O1A GDP K . -3.61 6.44 -7.01
O2A GDP K . -4.06 5.20 -9.11
O5' GDP K . -2.52 4.14 -7.38
C5' GDP K . -3.06 2.90 -7.83
C4' GDP K . -3.68 2.13 -6.67
O4' GDP K . -4.80 2.88 -6.19
C3' GDP K . -4.20 0.78 -7.12
O3' GDP K . -3.62 -0.26 -6.33
C2' GDP K . -5.70 0.81 -6.92
O2' GDP K . -6.12 -0.33 -6.16
C1' GDP K . -5.99 2.09 -6.16
N9 GDP K . -7.09 2.83 -6.83
C8 GDP K . -6.99 3.57 -7.95
N7 GDP K . -8.18 4.13 -8.29
C5 GDP K . -9.08 3.75 -7.36
C6 GDP K . -10.52 4.00 -7.12
O6 GDP K . -11.19 4.71 -7.89
N1 GDP K . -11.07 3.43 -6.04
C2 GDP K . -10.38 2.65 -5.19
N2 GDP K . -11.01 2.11 -4.12
N3 GDP K . -9.05 2.39 -5.35
C4 GDP K . -8.36 2.91 -6.39
O1 MES L . 1.74 15.27 12.30
C2 MES L . 0.67 16.02 11.81
C3 MES L . 0.40 17.25 12.67
N4 MES L . 0.14 16.84 14.08
C5 MES L . 1.25 15.96 14.56
C6 MES L . 1.48 14.81 13.59
C7 MES L . -0.07 18.03 14.95
C8 MES L . -0.51 17.66 16.35
S MES L . -0.90 19.14 17.31
O1S MES L . -1.75 18.64 18.42
O2S MES L . 0.40 19.66 17.75
O3S MES L . -1.62 20.03 16.38
O1 MES M . -17.68 -7.23 20.04
C2 MES M . -18.65 -6.64 19.21
C3 MES M . -19.04 -7.56 18.07
N4 MES M . -17.84 -7.94 17.28
C5 MES M . -16.78 -8.50 18.18
C6 MES M . -16.51 -7.53 19.32
C7 MES M . -18.21 -8.88 16.16
C8 MES M . -17.02 -9.26 15.31
S MES M . -17.52 -10.40 13.99
O1S MES M . -16.25 -10.91 13.44
O2S MES M . -18.33 -11.41 14.68
O3S MES M . -18.29 -9.58 13.03
MG MG N . -3.24 3.41 -11.62
PG GTP O . 22.45 -5.23 -44.36
O1G GTP O . 23.05 -6.60 -44.10
O2G GTP O . 23.56 -4.20 -44.39
O3G GTP O . 21.70 -5.23 -45.67
O3B GTP O . 21.43 -4.89 -43.15
PB GTP O . 19.86 -5.18 -43.31
O1B GTP O . 19.14 -4.67 -42.08
O2B GTP O . 19.30 -4.54 -44.56
O3A GTP O . 19.73 -6.78 -43.37
PA GTP O . 18.40 -7.54 -42.89
O1A GTP O . 17.49 -6.58 -42.16
O2A GTP O . 17.68 -8.16 -44.07
O5' GTP O . 18.91 -8.68 -41.88
C5' GTP O . 18.84 -10.04 -42.22
C4' GTP O . 17.65 -10.69 -41.51
O4' GTP O . 16.55 -9.81 -41.51
C3' GTP O . 17.20 -11.97 -42.20
O3' GTP O . 17.65 -13.10 -41.49
C2' GTP O . 15.69 -11.90 -42.19
O2' GTP O . 15.16 -12.94 -41.40
C1' GTP O . 15.34 -10.55 -41.60
N9 GTP O . 14.40 -9.83 -42.48
C8 GTP O . 14.71 -9.09 -43.58
N7 GTP O . 13.57 -8.58 -44.11
C5 GTP O . 12.53 -8.98 -43.35
C6 GTP O . 11.16 -8.75 -43.43
O6 GTP O . 10.71 -8.06 -44.34
N1 GTP O . 10.32 -9.30 -42.48
C2 GTP O . 10.84 -10.07 -41.46
N2 GTP O . 10.03 -10.60 -40.55
N3 GTP O . 12.20 -10.30 -41.39
C4 GTP O . 13.03 -9.76 -42.31
CA CA P . -6.03 16.12 -33.85
MG MG Q . 20.40 -4.31 -46.86
PB GDP R . 46.95 -16.16 -73.92
O1B GDP R . 48.05 -15.26 -73.40
O2B GDP R . 45.69 -15.35 -74.06
O3B GDP R . 47.36 -16.72 -75.26
O3A GDP R . 46.69 -17.36 -72.86
PA GDP R . 46.04 -18.74 -73.37
O1A GDP R . 44.54 -18.64 -73.40
O2A GDP R . 46.60 -19.12 -74.73
O5' GDP R . 46.44 -19.87 -72.29
C5' GDP R . 46.64 -21.20 -72.74
C4' GDP R . 45.78 -22.14 -71.90
O4' GDP R . 44.45 -21.61 -71.86
C3' GDP R . 45.70 -23.52 -72.53
O3' GDP R . 46.20 -24.50 -71.62
C2' GDP R . 44.23 -23.79 -72.79
O2' GDP R . 43.84 -25.03 -72.17
C1' GDP R . 43.49 -22.63 -72.16
N9 GDP R . 42.50 -22.09 -73.13
C8 GDP R . 42.76 -21.30 -74.18
N7 GDP R . 41.63 -20.98 -74.86
C5 GDP R . 40.60 -21.59 -74.23
C6 GDP R . 39.14 -21.68 -74.41
O6 GDP R . 38.57 -21.08 -75.36
N1 GDP R . 38.44 -22.41 -73.53
C2 GDP R . 39.02 -23.05 -72.51
N2 GDP R . 38.24 -23.77 -71.66
N3 GDP R . 40.36 -23.02 -72.27
C4 GDP R . 41.18 -22.32 -73.09
PG ACP S . -15.04 -21.04 62.83
O1G ACP S . -16.50 -21.47 63.09
O2G ACP S . -14.27 -22.03 61.95
O3G ACP S . -14.91 -19.59 62.36
PB ACP S . -14.94 -20.05 65.75
O1B ACP S . -16.40 -20.38 65.98
O2B ACP S . -14.53 -18.62 65.57
C3B ACP S . -14.19 -21.11 64.50
PA ACP S . -14.34 -20.07 68.60
O1A ACP S . -15.80 -19.86 68.89
O2A ACP S . -13.37 -18.98 68.95
O3A ACP S . -14.13 -20.63 67.11
O5' ACP S . -13.83 -21.50 69.27
C5' ACP S . -14.04 -21.78 70.62
C4' ACP S . -15.03 -22.92 70.72
O4' ACP S . -15.38 -23.17 72.08
C3' ACP S . -16.36 -22.64 70.01
O3' ACP S . -16.29 -23.05 68.67
C2' ACP S . -17.37 -23.44 70.85
O2' ACP S . -17.33 -24.80 70.50
C1' ACP S . -16.76 -23.30 72.24
N9 ACP S . -17.28 -22.12 72.92
C8 ACP S . -17.22 -20.81 72.53
N7 ACP S . -17.79 -19.99 73.37
C5 ACP S . -18.25 -20.80 74.37
C6 ACP S . -18.94 -20.55 75.57
N6 ACP S . -19.31 -19.32 75.96
N1 ACP S . -19.23 -21.59 76.35
C2 ACP S . -18.88 -22.81 75.98
N3 ACP S . -18.23 -23.18 74.89
C4 ACP S . -17.95 -22.13 74.11
H3B1 ACP S . -14.20 -22.02 64.84
H3B2 ACP S . -13.27 -20.85 64.42
H5'1 ACP S . -14.40 -21.02 71.10
H5'2 ACP S . -13.23 -22.04 71.07
H4' ACP S . -14.63 -23.73 70.35
H3' ACP S . -16.57 -21.70 70.08
HO3' ACP S . -16.92 -22.69 68.25
H2' ACP S . -18.27 -23.09 70.80
HO2' ACP S . -18.13 -25.09 70.54
H1' ACP S . -16.95 -24.08 72.79
H8 ACP S . -16.82 -20.55 71.73
HN61 ACP S . -18.89 -18.63 75.67
HN62 ACP S . -19.96 -19.21 76.50
H2 ACP S . -19.12 -23.49 76.56
#